data_9HLG
#
_entry.id   9HLG
#
_cell.length_a   1.00
_cell.length_b   1.00
_cell.length_c   1.00
_cell.angle_alpha   90.00
_cell.angle_beta   90.00
_cell.angle_gamma   90.00
#
_symmetry.space_group_name_H-M   'P 1'
#
loop_
_entity.id
_entity.type
_entity.pdbx_description
1 polymer Neuraminidase
2 non-polymer '(3~{S},4~{R},5~{R},6~{R})-4,6-diacetamido-3-azanyl-5-pentan-3-yloxy-cyclohexene-1-carboxylic acid'
3 non-polymer 2-acetamido-2-deoxy-beta-D-glucopyranose
4 non-polymer 'CALCIUM ION'
5 water water
#
_entity_poly.entity_id   1
_entity_poly.type   'polypeptide(L)'
_entity_poly.pdbx_seq_one_letter_code
;VKLAGNSSLCPVSGWAPLSKDNSVRIGSKGDVFVIREPFISCSPLECRTFFLTQGALLNDKHSNGTIKDRSPYRTLMSVP
IGSVPSPYNARFESIAWSASACHDGINWLTIGITGPDNGAVAILKYNGIITDTIKSWRNNILRTQESECACVNGSCFTVM
TDGPSNGQASYKIFRIEKGKIVKSVEMNAPNYHYEECSCYPDSSEITCVCRDNWHGSNRPWVSFNQNLEYQIGYICSGIF
GDNPRPNDKTGSCGPVSSNGANGVKGFSFKYGNGVWIGRTKSISSRNGFEMIWDPNGWTGTDNNFSIKQDIVGINEWSGY
SGSFVMHPELTGLDCIVPCFWVELIRGRPKENTIWTSGSSISFCGVNSDTVGWSWPDGAELPFTIDK
;
_entity_poly.pdbx_strand_id   A,B,C,D
#
# COMPACT_ATOMS: atom_id res chain seq x y z
N VAL A 1 -13.29 -8.00 20.83
CA VAL A 1 -14.53 -8.38 21.50
C VAL A 1 -15.61 -8.65 20.45
N LYS A 2 -16.35 -9.74 20.65
CA LYS A 2 -17.48 -10.11 19.80
C LYS A 2 -18.52 -9.00 19.76
N LEU A 3 -19.10 -8.79 18.58
CA LEU A 3 -20.24 -7.89 18.45
C LEU A 3 -21.46 -8.52 19.13
N ALA A 4 -22.09 -7.76 20.04
CA ALA A 4 -23.22 -8.30 20.80
C ALA A 4 -24.41 -8.58 19.90
N GLY A 5 -24.82 -7.58 19.10
CA GLY A 5 -25.95 -7.74 18.23
C GLY A 5 -27.30 -7.70 18.90
N ASN A 6 -27.37 -7.26 20.16
CA ASN A 6 -28.61 -7.28 20.93
C ASN A 6 -29.35 -5.96 20.93
N SER A 7 -28.74 -4.88 20.45
CA SER A 7 -29.49 -3.64 20.36
C SER A 7 -30.40 -3.67 19.15
N SER A 8 -31.39 -2.78 19.16
CA SER A 8 -32.32 -2.69 18.05
C SER A 8 -31.81 -1.73 16.99
N LEU A 9 -32.42 -1.79 15.81
CA LEU A 9 -32.19 -0.78 14.79
C LEU A 9 -32.72 0.55 15.28
N CYS A 10 -31.89 1.64 15.16
CA CYS A 10 -32.65 2.79 15.60
C CYS A 10 -33.37 3.44 14.42
N PRO A 11 -34.54 4.04 14.67
CA PRO A 11 -35.34 4.61 13.59
C PRO A 11 -34.60 5.73 12.86
N VAL A 12 -34.80 5.76 11.55
CA VAL A 12 -34.16 6.72 10.67
C VAL A 12 -35.24 7.34 9.79
N SER A 13 -35.04 8.60 9.43
CA SER A 13 -35.97 9.31 8.58
C SER A 13 -35.45 9.55 7.17
N GLY A 14 -34.18 9.24 6.92
CA GLY A 14 -33.59 9.45 5.62
C GLY A 14 -32.28 8.72 5.54
N TRP A 15 -31.66 8.81 4.38
CA TRP A 15 -30.45 8.06 4.07
C TRP A 15 -29.40 9.02 3.55
N ALA A 16 -28.22 8.97 4.13
CA ALA A 16 -27.16 9.90 3.80
C ALA A 16 -26.06 9.19 3.03
N PRO A 17 -25.53 9.83 1.98
CA PRO A 17 -24.49 9.21 1.16
C PRO A 17 -23.25 8.89 1.97
N LEU A 18 -22.77 7.67 1.85
CA LEU A 18 -21.61 7.19 2.59
C LEU A 18 -20.39 6.99 1.70
N SER A 19 -20.54 6.26 0.60
CA SER A 19 -19.40 6.04 -0.26
C SER A 19 -19.83 6.00 -1.71
N LYS A 20 -18.87 6.27 -2.57
CA LYS A 20 -19.00 6.13 -4.01
C LYS A 20 -17.61 5.96 -4.57
N ASP A 21 -17.41 4.89 -5.34
CA ASP A 21 -16.07 4.50 -5.76
C ASP A 21 -15.64 5.06 -7.12
N ASN A 22 -16.60 5.37 -8.00
CA ASN A 22 -16.34 5.84 -9.38
C ASN A 22 -15.45 4.87 -10.15
N SER A 23 -15.79 3.58 -10.08
CA SER A 23 -14.89 2.53 -10.55
C SER A 23 -14.66 2.56 -12.06
N VAL A 24 -15.75 2.62 -12.84
CA VAL A 24 -15.63 2.48 -14.28
C VAL A 24 -14.99 3.73 -14.89
N ARG A 25 -15.33 4.91 -14.35
CA ARG A 25 -14.71 6.16 -14.77
C ARG A 25 -13.21 6.13 -14.58
N ILE A 26 -12.74 5.61 -13.44
CA ILE A 26 -11.30 5.47 -13.22
C ILE A 26 -10.73 4.38 -14.12
N GLY A 27 -11.47 3.30 -14.33
CA GLY A 27 -10.98 2.15 -15.07
C GLY A 27 -10.87 2.37 -16.56
N SER A 28 -11.40 3.49 -17.06
CA SER A 28 -11.12 3.89 -18.44
C SER A 28 -9.63 4.12 -18.70
N LYS A 29 -8.88 4.53 -17.68
CA LYS A 29 -7.44 4.75 -17.80
C LYS A 29 -6.63 3.85 -16.88
N GLY A 30 -6.98 3.77 -15.60
CA GLY A 30 -6.27 2.96 -14.64
C GLY A 30 -6.57 1.49 -14.77
N ASP A 31 -5.85 0.70 -13.97
CA ASP A 31 -6.01 -0.76 -13.93
C ASP A 31 -7.04 -1.09 -12.86
N VAL A 32 -8.28 -1.28 -13.27
CA VAL A 32 -9.39 -1.50 -12.36
C VAL A 32 -10.08 -2.80 -12.77
N PHE A 33 -10.36 -3.65 -11.78
CA PHE A 33 -10.99 -4.94 -12.01
C PHE A 33 -12.36 -4.79 -12.66
N VAL A 34 -12.71 -5.76 -13.49
CA VAL A 34 -14.11 -5.98 -13.87
C VAL A 34 -14.75 -6.72 -12.71
N ILE A 35 -15.72 -6.08 -12.04
CA ILE A 35 -16.33 -6.67 -10.86
C ILE A 35 -17.84 -6.78 -11.04
N ARG A 36 -18.41 -7.72 -10.31
CA ARG A 36 -19.84 -7.91 -10.22
C ARG A 36 -20.18 -8.33 -8.80
N GLU A 37 -21.45 -8.13 -8.45
CA GLU A 37 -21.98 -8.42 -7.13
C GLU A 37 -21.14 -7.86 -5.98
N PRO A 38 -20.94 -6.54 -5.92
CA PRO A 38 -20.25 -5.98 -4.76
C PRO A 38 -21.15 -5.94 -3.56
N PHE A 39 -20.54 -6.00 -2.38
CA PHE A 39 -21.29 -5.76 -1.16
C PHE A 39 -20.35 -5.19 -0.10
N ILE A 40 -20.94 -4.64 0.94
CA ILE A 40 -20.23 -3.94 1.98
C ILE A 40 -20.43 -4.68 3.30
N SER A 41 -19.34 -4.83 4.05
CA SER A 41 -19.40 -5.32 5.42
C SER A 41 -18.38 -4.54 6.25
N CYS A 42 -18.70 -4.34 7.52
CA CYS A 42 -17.90 -3.49 8.40
C CYS A 42 -17.35 -4.29 9.56
N SER A 43 -16.06 -4.10 9.82
CA SER A 43 -15.42 -4.54 11.05
C SER A 43 -15.61 -3.48 12.12
N PRO A 44 -15.26 -3.77 13.38
CA PRO A 44 -15.28 -2.70 14.41
C PRO A 44 -14.32 -1.55 14.16
N LEU A 45 -13.43 -1.63 13.17
CA LEU A 45 -12.55 -0.54 12.80
C LEU A 45 -13.01 0.20 11.55
N GLU A 46 -13.40 -0.54 10.50
CA GLU A 46 -13.62 0.02 9.18
C GLU A 46 -14.69 -0.79 8.44
N CYS A 47 -15.18 -0.21 7.35
CA CYS A 47 -16.04 -0.92 6.40
C CYS A 47 -15.25 -1.25 5.15
N ARG A 48 -15.57 -2.38 4.53
CA ARG A 48 -14.85 -2.86 3.36
C ARG A 48 -15.83 -3.23 2.26
N THR A 49 -15.46 -2.94 1.03
CA THR A 49 -16.23 -3.34 -0.14
C THR A 49 -15.70 -4.67 -0.63
N PHE A 50 -16.55 -5.69 -0.62
CA PHE A 50 -16.26 -7.02 -1.12
C PHE A 50 -16.84 -7.12 -2.52
N PHE A 51 -16.16 -7.85 -3.39
CA PHE A 51 -16.60 -7.93 -4.78
C PHE A 51 -16.08 -9.21 -5.40
N LEU A 52 -16.80 -9.67 -6.43
CA LEU A 52 -16.38 -10.81 -7.23
C LEU A 52 -15.72 -10.29 -8.49
N THR A 53 -14.41 -10.51 -8.59
CA THR A 53 -13.71 -10.27 -9.84
C THR A 53 -13.96 -11.41 -10.80
N GLN A 54 -13.82 -11.12 -12.09
CA GLN A 54 -13.75 -12.14 -13.11
C GLN A 54 -12.31 -12.57 -13.36
N GLY A 55 -11.38 -12.05 -12.57
CA GLY A 55 -9.96 -12.16 -12.88
C GLY A 55 -9.53 -11.38 -14.10
N ALA A 56 -10.15 -10.22 -14.35
CA ALA A 56 -9.89 -9.43 -15.55
C ALA A 56 -10.03 -7.95 -15.24
N LEU A 57 -9.36 -7.14 -16.04
CA LEU A 57 -9.34 -5.69 -15.87
C LEU A 57 -10.21 -5.03 -16.92
N LEU A 58 -10.66 -3.82 -16.60
CA LEU A 58 -11.39 -3.00 -17.56
C LEU A 58 -10.45 -2.61 -18.71
N ASN A 59 -11.03 -2.45 -19.90
CA ASN A 59 -10.32 -2.13 -21.14
C ASN A 59 -9.19 -3.13 -21.42
N ASP A 60 -9.58 -4.39 -21.47
CA ASP A 60 -8.68 -5.49 -21.77
C ASP A 60 -9.49 -6.63 -22.37
N LYS A 61 -8.85 -7.43 -23.22
CA LYS A 61 -9.55 -8.49 -23.94
C LYS A 61 -9.97 -9.65 -23.05
N HIS A 62 -9.46 -9.73 -21.82
CA HIS A 62 -9.90 -10.75 -20.88
C HIS A 62 -11.23 -10.41 -20.23
N SER A 63 -11.69 -9.16 -20.34
CA SER A 63 -12.94 -8.75 -19.74
C SER A 63 -14.13 -9.38 -20.45
N ASP A 69 -21.09 -16.96 -15.96
CA ASP A 69 -21.39 -16.41 -14.65
C ASP A 69 -20.58 -17.09 -13.55
N ARG A 70 -20.45 -18.41 -13.65
CA ARG A 70 -19.84 -19.24 -12.62
C ARG A 70 -18.59 -19.90 -13.20
N SER A 71 -17.49 -19.16 -13.15
CA SER A 71 -16.21 -19.55 -13.71
C SER A 71 -15.22 -19.86 -12.60
N PRO A 72 -14.22 -20.71 -12.87
CA PRO A 72 -13.18 -20.97 -11.86
C PRO A 72 -12.23 -19.82 -11.63
N TYR A 73 -12.22 -18.82 -12.50
CA TYR A 73 -11.40 -17.63 -12.33
C TYR A 73 -12.04 -16.60 -11.41
N ARG A 74 -13.31 -16.78 -11.06
CA ARG A 74 -13.99 -15.83 -10.19
C ARG A 74 -13.44 -15.93 -8.77
N THR A 75 -13.07 -14.79 -8.19
CA THR A 75 -12.55 -14.74 -6.83
C THR A 75 -13.25 -13.63 -6.06
N LEU A 76 -13.45 -13.88 -4.78
CA LEU A 76 -13.88 -12.83 -3.88
C LEU A 76 -12.66 -12.04 -3.42
N MET A 77 -12.73 -10.72 -3.55
CA MET A 77 -11.67 -9.83 -3.12
C MET A 77 -12.28 -8.72 -2.28
N SER A 78 -11.45 -7.86 -1.73
CA SER A 78 -11.98 -6.77 -0.92
C SER A 78 -11.01 -5.59 -0.93
N VAL A 79 -11.60 -4.40 -0.81
CA VAL A 79 -10.86 -3.13 -0.72
C VAL A 79 -11.49 -2.31 0.39
N PRO A 80 -10.77 -1.32 0.92
CA PRO A 80 -11.42 -0.32 1.78
C PRO A 80 -12.54 0.38 1.03
N ILE A 81 -13.59 0.74 1.78
CA ILE A 81 -14.79 1.31 1.19
C ILE A 81 -14.47 2.63 0.48
N GLY A 82 -15.03 2.79 -0.72
CA GLY A 82 -14.83 3.97 -1.53
C GLY A 82 -13.61 3.95 -2.44
N SER A 83 -12.69 3.01 -2.24
CA SER A 83 -11.52 2.93 -3.09
C SER A 83 -11.82 2.08 -4.32
N VAL A 84 -11.11 2.37 -5.40
CA VAL A 84 -11.40 1.62 -6.64
C VAL A 84 -10.87 0.20 -6.50
N PRO A 85 -11.56 -0.79 -7.05
CA PRO A 85 -11.04 -2.16 -6.97
C PRO A 85 -9.95 -2.42 -8.00
N SER A 86 -8.71 -2.46 -7.54
CA SER A 86 -7.56 -2.60 -8.42
C SER A 86 -6.69 -3.73 -7.91
N PRO A 87 -5.96 -4.41 -8.79
CA PRO A 87 -5.07 -5.49 -8.33
C PRO A 87 -3.95 -5.01 -7.41
N TYR A 88 -3.66 -3.71 -7.37
CA TYR A 88 -2.60 -3.18 -6.53
C TYR A 88 -3.07 -2.76 -5.14
N ASN A 89 -4.38 -2.79 -4.87
CA ASN A 89 -4.87 -2.47 -3.53
C ASN A 89 -5.95 -3.43 -3.03
N ALA A 90 -6.36 -4.41 -3.83
CA ALA A 90 -7.35 -5.38 -3.40
C ALA A 90 -6.68 -6.48 -2.57
N ARG A 91 -7.36 -6.88 -1.50
CA ARG A 91 -6.99 -8.04 -0.71
C ARG A 91 -7.75 -9.26 -1.21
N PHE A 92 -7.05 -10.36 -1.45
CA PHE A 92 -7.72 -11.59 -1.85
C PHE A 92 -8.46 -12.20 -0.67
N GLU A 93 -9.67 -12.71 -0.93
CA GLU A 93 -10.47 -13.33 0.12
C GLU A 93 -10.70 -14.81 -0.12
N SER A 94 -11.27 -15.19 -1.25
CA SER A 94 -11.53 -16.59 -1.55
C SER A 94 -11.81 -16.75 -3.03
N ILE A 95 -11.75 -18.01 -3.47
CA ILE A 95 -12.24 -18.39 -4.79
C ILE A 95 -13.74 -18.60 -4.68
N ALA A 96 -14.50 -17.91 -5.53
CA ALA A 96 -15.94 -17.82 -5.34
C ALA A 96 -16.65 -17.24 -6.56
N TRP A 97 -17.72 -17.89 -7.02
CA TRP A 97 -18.67 -17.21 -7.89
C TRP A 97 -19.97 -16.88 -7.19
N SER A 98 -20.09 -17.23 -5.90
CA SER A 98 -21.13 -16.72 -5.01
C SER A 98 -20.50 -16.59 -3.64
N ALA A 99 -20.78 -15.49 -2.95
CA ALA A 99 -20.01 -15.20 -1.75
C ALA A 99 -20.85 -14.51 -0.69
N SER A 100 -20.34 -14.59 0.53
CA SER A 100 -20.82 -13.77 1.64
C SER A 100 -19.67 -13.54 2.59
N ALA A 101 -19.72 -12.45 3.34
CA ALA A 101 -18.65 -12.14 4.27
C ALA A 101 -19.15 -11.25 5.40
N CYS A 102 -18.63 -11.47 6.60
CA CYS A 102 -18.99 -10.66 7.76
C CYS A 102 -17.87 -10.75 8.79
N HIS A 103 -17.93 -9.86 9.77
CA HIS A 103 -16.93 -9.77 10.83
C HIS A 103 -17.63 -9.91 12.17
N ASP A 104 -17.21 -10.89 12.97
CA ASP A 104 -17.88 -11.15 14.24
C ASP A 104 -17.38 -10.27 15.38
N GLY A 105 -16.50 -9.33 15.09
CA GLY A 105 -15.85 -8.52 16.09
C GLY A 105 -14.42 -8.92 16.38
N ILE A 106 -14.00 -10.10 15.96
CA ILE A 106 -12.62 -10.56 16.11
C ILE A 106 -11.93 -10.70 14.77
N ASN A 107 -12.51 -11.48 13.87
CA ASN A 107 -11.89 -11.78 12.58
C ASN A 107 -12.97 -11.78 11.50
N TRP A 108 -12.51 -11.73 10.26
CA TRP A 108 -13.41 -11.85 9.11
C TRP A 108 -13.82 -13.30 8.91
N LEU A 109 -15.09 -13.49 8.60
CA LEU A 109 -15.58 -14.76 8.09
C LEU A 109 -15.91 -14.56 6.63
N THR A 110 -15.34 -15.38 5.78
CA THR A 110 -15.57 -15.32 4.34
C THR A 110 -16.17 -16.66 3.89
N ILE A 111 -17.27 -16.59 3.16
CA ILE A 111 -17.91 -17.76 2.59
C ILE A 111 -17.80 -17.67 1.08
N GLY A 112 -17.18 -18.66 0.47
CA GLY A 112 -17.00 -18.64 -0.96
C GLY A 112 -17.43 -19.93 -1.62
N ILE A 113 -18.33 -19.84 -2.57
CA ILE A 113 -18.85 -21.01 -3.27
C ILE A 113 -18.15 -21.13 -4.62
N THR A 114 -17.59 -22.31 -4.88
CA THR A 114 -16.96 -22.58 -6.17
C THR A 114 -17.16 -24.06 -6.51
N GLY A 115 -16.93 -24.40 -7.77
CA GLY A 115 -17.13 -25.74 -8.24
C GLY A 115 -18.18 -25.80 -9.34
N PRO A 116 -18.48 -27.00 -9.83
CA PRO A 116 -19.49 -27.13 -10.89
C PRO A 116 -20.90 -26.94 -10.37
N ASP A 117 -21.82 -26.73 -11.31
CA ASP A 117 -23.23 -26.48 -10.98
C ASP A 117 -23.87 -27.66 -10.26
N ASN A 118 -23.45 -28.89 -10.56
CA ASN A 118 -23.99 -30.06 -9.89
C ASN A 118 -23.15 -30.48 -8.68
N GLY A 119 -22.06 -29.79 -8.39
CA GLY A 119 -21.22 -30.20 -7.29
C GLY A 119 -20.59 -29.07 -6.51
N ALA A 120 -21.22 -27.90 -6.48
CA ALA A 120 -20.61 -26.74 -5.86
C ALA A 120 -20.45 -26.94 -4.36
N VAL A 121 -19.39 -26.34 -3.81
CA VAL A 121 -19.07 -26.44 -2.39
C VAL A 121 -18.81 -25.04 -1.85
N ALA A 122 -19.41 -24.71 -0.72
CA ALA A 122 -19.11 -23.47 -0.03
C ALA A 122 -17.89 -23.65 0.86
N ILE A 123 -16.89 -22.81 0.68
CA ILE A 123 -15.69 -22.84 1.50
C ILE A 123 -15.79 -21.70 2.50
N LEU A 124 -15.71 -22.04 3.78
CA LEU A 124 -15.79 -21.08 4.87
C LEU A 124 -14.37 -20.78 5.35
N LYS A 125 -14.05 -19.50 5.47
CA LYS A 125 -12.74 -19.07 5.92
C LYS A 125 -12.88 -18.15 7.12
N TYR A 126 -12.17 -18.46 8.19
CA TYR A 126 -12.09 -17.59 9.37
C TYR A 126 -10.65 -17.12 9.52
N ASN A 127 -10.44 -15.81 9.38
CA ASN A 127 -9.11 -15.19 9.36
C ASN A 127 -8.21 -15.85 8.31
N GLY A 128 -8.75 -16.03 7.11
CA GLY A 128 -7.99 -16.58 6.01
C GLY A 128 -7.72 -18.06 6.06
N ILE A 129 -8.12 -18.75 7.13
CA ILE A 129 -7.90 -20.18 7.30
C ILE A 129 -9.18 -20.90 6.92
N ILE A 130 -9.06 -21.95 6.10
CA ILE A 130 -10.22 -22.76 5.79
C ILE A 130 -10.64 -23.53 7.03
N THR A 131 -11.89 -23.34 7.45
CA THR A 131 -12.38 -23.91 8.69
C THR A 131 -13.55 -24.86 8.51
N ASP A 132 -14.26 -24.78 7.39
CA ASP A 132 -15.39 -25.66 7.13
C ASP A 132 -15.76 -25.59 5.65
N THR A 133 -16.41 -26.65 5.18
CA THR A 133 -17.01 -26.67 3.86
C THR A 133 -18.41 -27.28 3.93
N ILE A 134 -19.29 -26.80 3.05
CA ILE A 134 -20.63 -27.33 2.85
C ILE A 134 -20.76 -27.74 1.39
N LYS A 135 -21.12 -28.99 1.15
CA LYS A 135 -21.34 -29.40 -0.23
C LYS A 135 -22.81 -29.22 -0.61
N SER A 136 -23.03 -29.14 -1.92
CA SER A 136 -24.38 -28.96 -2.44
C SER A 136 -25.25 -30.16 -2.14
N TRP A 137 -26.46 -29.89 -1.65
CA TRP A 137 -27.39 -30.95 -1.28
C TRP A 137 -28.51 -31.16 -2.29
N ARG A 138 -28.64 -30.31 -3.30
CA ARG A 138 -29.56 -30.53 -4.41
C ARG A 138 -28.87 -30.64 -5.75
N ASN A 139 -27.59 -30.27 -5.84
CA ASN A 139 -26.78 -30.36 -7.06
C ASN A 139 -27.32 -29.49 -8.19
N ASN A 140 -27.94 -28.36 -7.83
CA ASN A 140 -28.39 -27.39 -8.82
C ASN A 140 -28.02 -25.99 -8.29
N ILE A 141 -26.78 -25.60 -8.56
CA ILE A 141 -26.23 -24.26 -8.31
C ILE A 141 -26.41 -23.84 -6.86
N LEU A 142 -25.55 -24.35 -5.98
CA LEU A 142 -25.52 -23.91 -4.61
C LEU A 142 -25.08 -22.45 -4.56
N ARG A 143 -25.84 -21.62 -3.85
CA ARG A 143 -25.64 -20.18 -3.94
C ARG A 143 -26.01 -19.52 -2.62
N THR A 144 -25.51 -18.31 -2.41
CA THR A 144 -25.63 -17.64 -1.12
C THR A 144 -25.96 -16.17 -1.35
N GLN A 145 -25.75 -15.35 -0.31
CA GLN A 145 -26.40 -14.05 -0.16
C GLN A 145 -25.98 -13.04 -1.22
N GLU A 146 -24.69 -13.03 -1.60
CA GLU A 146 -24.02 -11.89 -2.25
C GLU A 146 -24.21 -10.61 -1.44
N SER A 147 -24.19 -10.75 -0.12
CA SER A 147 -24.23 -9.61 0.80
C SER A 147 -23.68 -10.09 2.13
N GLU A 148 -23.57 -9.17 3.08
CA GLU A 148 -22.94 -9.52 4.35
C GLU A 148 -23.83 -10.45 5.18
N CYS A 149 -23.19 -11.46 5.77
CA CYS A 149 -23.87 -12.25 6.77
C CYS A 149 -24.08 -11.40 8.02
N ALA A 150 -24.98 -11.86 8.89
CA ALA A 150 -25.31 -11.15 10.11
C ALA A 150 -24.70 -11.89 11.29
N CYS A 151 -24.01 -11.16 12.17
CA CYS A 151 -23.36 -11.76 13.32
C CYS A 151 -23.99 -11.26 14.61
N VAL A 152 -24.40 -12.20 15.47
CA VAL A 152 -24.94 -11.90 16.79
C VAL A 152 -24.15 -12.72 17.79
N ASN A 153 -23.46 -12.04 18.72
CA ASN A 153 -22.82 -12.66 19.88
C ASN A 153 -21.85 -13.78 19.50
N GLY A 154 -20.95 -13.48 18.56
CA GLY A 154 -19.96 -14.45 18.15
C GLY A 154 -20.48 -15.55 17.25
N SER A 155 -21.72 -15.47 16.79
CA SER A 155 -22.28 -16.39 15.82
C SER A 155 -22.72 -15.59 14.61
N CYS A 156 -22.31 -16.03 13.42
CA CYS A 156 -22.69 -15.39 12.18
C CYS A 156 -23.65 -16.30 11.43
N PHE A 157 -24.60 -15.70 10.73
CA PHE A 157 -25.73 -16.41 10.15
C PHE A 157 -25.86 -16.07 8.68
N THR A 158 -26.25 -17.07 7.88
CA THR A 158 -26.43 -16.89 6.46
C THR A 158 -27.54 -17.82 5.98
N VAL A 159 -28.00 -17.56 4.76
CA VAL A 159 -29.03 -18.34 4.09
C VAL A 159 -28.46 -18.82 2.77
N MET A 160 -28.58 -20.11 2.49
CA MET A 160 -28.14 -20.67 1.23
C MET A 160 -29.27 -21.38 0.52
N THR A 161 -29.21 -21.35 -0.81
CA THR A 161 -30.26 -21.85 -1.68
C THR A 161 -29.64 -22.88 -2.62
N ASP A 162 -30.29 -24.02 -2.76
CA ASP A 162 -29.93 -25.03 -3.75
C ASP A 162 -31.18 -25.51 -4.44
N GLY A 163 -31.14 -25.61 -5.77
CA GLY A 163 -32.30 -25.96 -6.55
C GLY A 163 -32.55 -24.98 -7.67
N PRO A 164 -33.66 -25.14 -8.40
CA PRO A 164 -33.92 -24.28 -9.55
C PRO A 164 -34.22 -22.84 -9.17
N SER A 165 -33.82 -21.93 -10.05
CA SER A 165 -34.11 -20.51 -9.85
C SER A 165 -35.42 -20.08 -10.48
N ASN A 166 -36.08 -20.94 -11.25
CA ASN A 166 -37.38 -20.63 -11.83
C ASN A 166 -38.49 -21.49 -11.25
N GLY A 167 -38.24 -22.12 -10.11
CA GLY A 167 -39.21 -22.98 -9.49
C GLY A 167 -38.88 -23.20 -8.03
N GLN A 168 -39.51 -24.21 -7.44
CA GLN A 168 -39.31 -24.50 -6.02
C GLN A 168 -37.90 -25.04 -5.79
N ALA A 169 -37.18 -24.43 -4.87
CA ALA A 169 -35.81 -24.80 -4.51
C ALA A 169 -35.76 -25.15 -3.03
N SER A 170 -34.55 -25.31 -2.51
CA SER A 170 -34.33 -25.68 -1.12
C SER A 170 -33.46 -24.63 -0.44
N TYR A 171 -33.89 -24.20 0.74
CA TYR A 171 -33.29 -23.06 1.43
C TYR A 171 -32.86 -23.49 2.83
N LYS A 172 -31.63 -23.17 3.19
CA LYS A 172 -31.04 -23.58 4.46
C LYS A 172 -30.49 -22.38 5.20
N ILE A 173 -30.71 -22.36 6.52
CA ILE A 173 -30.17 -21.32 7.39
C ILE A 173 -29.01 -21.92 8.17
N PHE A 174 -27.92 -21.17 8.27
CA PHE A 174 -26.72 -21.65 8.94
C PHE A 174 -26.40 -20.77 10.14
N ARG A 175 -25.90 -21.41 11.19
CA ARG A 175 -25.23 -20.72 12.28
C ARG A 175 -23.76 -21.09 12.24
N ILE A 176 -22.89 -20.09 12.28
CA ILE A 176 -21.46 -20.29 12.08
C ILE A 176 -20.72 -19.61 13.23
N GLU A 177 -19.93 -20.38 13.97
CA GLU A 177 -19.13 -19.86 15.08
C GLU A 177 -17.66 -20.10 14.75
N LYS A 178 -16.90 -19.01 14.63
CA LYS A 178 -15.47 -19.04 14.31
C LYS A 178 -15.18 -19.83 13.03
N GLY A 179 -16.03 -19.64 12.02
CA GLY A 179 -15.86 -20.33 10.76
C GLY A 179 -16.37 -21.75 10.71
N LYS A 180 -16.95 -22.26 11.80
CA LYS A 180 -17.44 -23.63 11.86
C LYS A 180 -18.95 -23.64 11.92
N ILE A 181 -19.58 -24.47 11.11
CA ILE A 181 -21.03 -24.63 11.15
C ILE A 181 -21.40 -25.43 12.38
N VAL A 182 -22.14 -24.81 13.29
CA VAL A 182 -22.60 -25.50 14.49
C VAL A 182 -24.07 -25.88 14.44
N LYS A 183 -24.86 -25.24 13.57
CA LYS A 183 -26.26 -25.60 13.42
C LYS A 183 -26.72 -25.16 12.04
N SER A 184 -27.37 -26.07 11.33
CA SER A 184 -28.04 -25.75 10.07
C SER A 184 -29.44 -26.33 10.11
N VAL A 185 -30.39 -25.59 9.54
CA VAL A 185 -31.79 -25.98 9.47
C VAL A 185 -32.27 -25.73 8.04
N GLU A 186 -33.10 -26.62 7.52
CA GLU A 186 -33.73 -26.42 6.22
C GLU A 186 -35.10 -25.78 6.40
N MET A 187 -35.36 -24.73 5.65
CA MET A 187 -36.62 -24.00 5.73
C MET A 187 -37.72 -24.74 4.98
N ASN A 188 -38.77 -25.14 5.71
CA ASN A 188 -39.95 -25.72 5.07
C ASN A 188 -40.80 -24.58 4.53
N ALA A 189 -40.63 -24.26 3.25
CA ALA A 189 -41.26 -23.09 2.65
C ALA A 189 -41.83 -23.44 1.28
N PRO A 190 -42.95 -24.16 1.23
CA PRO A 190 -43.57 -24.45 -0.07
C PRO A 190 -44.22 -23.20 -0.64
N ASN A 191 -44.16 -23.09 -1.97
CA ASN A 191 -44.60 -21.96 -2.79
C ASN A 191 -43.77 -20.71 -2.57
N TYR A 192 -42.75 -20.74 -1.71
CA TYR A 192 -41.85 -19.63 -1.49
C TYR A 192 -40.62 -19.82 -2.36
N HIS A 193 -39.86 -18.74 -2.53
CA HIS A 193 -38.60 -18.82 -3.26
C HIS A 193 -37.66 -17.77 -2.70
N TYR A 194 -36.52 -18.21 -2.20
CA TYR A 194 -35.55 -17.34 -1.55
C TYR A 194 -34.26 -17.36 -2.37
N GLU A 195 -33.81 -16.18 -2.77
CA GLU A 195 -32.55 -16.02 -3.50
C GLU A 195 -31.85 -14.77 -3.00
N GLU A 196 -30.55 -14.88 -2.74
CA GLU A 196 -29.66 -13.73 -2.50
C GLU A 196 -30.18 -12.84 -1.38
N CYS A 197 -30.29 -13.43 -0.19
CA CYS A 197 -30.92 -12.77 0.93
C CYS A 197 -30.06 -11.66 1.49
N SER A 198 -30.68 -10.54 1.83
CA SER A 198 -30.04 -9.48 2.60
C SER A 198 -30.47 -9.63 4.05
N CYS A 199 -29.52 -9.98 4.92
CA CYS A 199 -29.79 -10.32 6.31
C CYS A 199 -29.16 -9.28 7.23
N TYR A 200 -29.85 -8.93 8.30
CA TYR A 200 -29.32 -7.98 9.27
C TYR A 200 -29.68 -8.41 10.68
N PRO A 201 -28.82 -8.13 11.66
CA PRO A 201 -29.17 -8.40 13.06
C PRO A 201 -30.06 -7.32 13.63
N ASP A 202 -30.95 -7.72 14.54
CA ASP A 202 -31.86 -6.77 15.19
C ASP A 202 -32.36 -7.40 16.49
N SER A 203 -31.85 -6.90 17.63
CA SER A 203 -32.25 -7.34 18.98
C SER A 203 -32.11 -8.85 19.15
N SER A 204 -30.89 -9.33 18.89
CA SER A 204 -30.47 -10.73 18.94
C SER A 204 -31.18 -11.61 17.91
N GLU A 205 -32.02 -11.04 17.05
CA GLU A 205 -32.70 -11.75 15.99
C GLU A 205 -32.07 -11.40 14.65
N ILE A 206 -32.24 -12.29 13.68
CA ILE A 206 -31.83 -12.04 12.30
C ILE A 206 -33.07 -11.89 11.45
N THR A 207 -33.06 -10.90 10.55
CA THR A 207 -34.12 -10.73 9.56
C THR A 207 -33.49 -10.68 8.18
N CYS A 208 -33.94 -11.55 7.27
CA CYS A 208 -33.48 -11.59 5.90
C CYS A 208 -34.62 -11.23 4.96
N VAL A 209 -34.33 -10.40 3.97
CA VAL A 209 -35.26 -10.06 2.90
C VAL A 209 -34.64 -10.48 1.58
N CYS A 210 -35.37 -11.29 0.82
CA CYS A 210 -34.75 -11.99 -0.30
C CYS A 210 -35.45 -11.78 -1.63
N ARG A 211 -35.00 -12.49 -2.66
CA ARG A 211 -35.50 -12.35 -4.02
C ARG A 211 -36.30 -13.59 -4.38
N ASP A 212 -37.57 -13.40 -4.72
CA ASP A 212 -38.39 -14.46 -5.29
C ASP A 212 -38.20 -14.38 -6.80
N ASN A 213 -37.33 -15.24 -7.33
CA ASN A 213 -37.13 -15.36 -8.76
C ASN A 213 -38.18 -16.21 -9.44
N TRP A 214 -38.99 -16.96 -8.67
CA TRP A 214 -39.94 -17.90 -9.27
C TRP A 214 -41.23 -17.20 -9.71
N HIS A 215 -42.01 -16.73 -8.73
CA HIS A 215 -43.34 -16.19 -9.02
C HIS A 215 -43.70 -15.03 -8.11
N GLY A 216 -42.73 -14.31 -7.60
CA GLY A 216 -43.02 -13.27 -6.63
C GLY A 216 -42.45 -11.93 -7.01
N SER A 217 -43.32 -10.92 -7.09
CA SER A 217 -42.88 -9.56 -7.34
C SER A 217 -42.79 -8.74 -6.05
N ASN A 218 -43.38 -9.21 -4.96
CA ASN A 218 -42.99 -8.71 -3.65
C ASN A 218 -41.81 -9.54 -3.15
N ARG A 219 -41.29 -9.17 -1.98
CA ARG A 219 -40.07 -9.82 -1.51
C ARG A 219 -40.38 -10.75 -0.35
N PRO A 220 -39.92 -12.00 -0.41
CA PRO A 220 -40.06 -12.89 0.73
C PRO A 220 -39.11 -12.51 1.85
N TRP A 221 -39.44 -12.94 3.06
CA TRP A 221 -38.57 -12.72 4.20
C TRP A 221 -38.57 -13.93 5.11
N VAL A 222 -37.46 -14.10 5.83
CA VAL A 222 -37.33 -15.12 6.86
C VAL A 222 -36.63 -14.48 8.05
N SER A 223 -37.20 -14.65 9.24
CA SER A 223 -36.56 -14.19 10.46
C SER A 223 -36.38 -15.38 11.38
N PHE A 224 -35.30 -15.36 12.16
CA PHE A 224 -34.99 -16.48 13.03
C PHE A 224 -34.15 -16.00 14.21
N ASN A 225 -34.21 -16.77 15.29
CA ASN A 225 -33.38 -16.53 16.45
C ASN A 225 -32.05 -17.27 16.32
N GLN A 226 -31.21 -17.18 17.35
CA GLN A 226 -29.90 -17.79 17.32
C GLN A 226 -29.95 -19.31 17.30
N ASN A 227 -31.06 -19.90 17.72
CA ASN A 227 -31.26 -21.34 17.61
C ASN A 227 -31.96 -21.74 16.32
N LEU A 228 -32.07 -20.79 15.38
CA LEU A 228 -32.61 -21.01 14.04
C LEU A 228 -34.05 -21.49 14.06
N GLU A 229 -34.85 -21.06 15.04
CA GLU A 229 -36.30 -21.21 14.95
C GLU A 229 -36.83 -20.07 14.09
N TYR A 230 -37.39 -20.40 12.94
CA TYR A 230 -37.63 -19.41 11.91
C TYR A 230 -39.11 -19.13 11.71
N GLN A 231 -39.39 -17.94 11.19
CA GLN A 231 -40.69 -17.57 10.67
C GLN A 231 -40.51 -17.05 9.24
N ILE A 232 -41.52 -17.27 8.41
CA ILE A 232 -41.45 -16.86 7.02
C ILE A 232 -42.71 -16.10 6.63
N GLY A 233 -42.60 -15.36 5.54
CA GLY A 233 -43.70 -14.58 5.03
C GLY A 233 -43.26 -13.77 3.84
N TYR A 234 -44.20 -13.00 3.31
CA TYR A 234 -43.93 -12.04 2.25
C TYR A 234 -44.26 -10.64 2.74
N ILE A 235 -43.52 -9.66 2.23
CA ILE A 235 -43.73 -8.26 2.58
C ILE A 235 -45.06 -7.84 1.96
N CYS A 236 -46.02 -7.49 2.83
CA CYS A 236 -47.41 -7.37 2.38
C CYS A 236 -47.69 -6.07 1.64
N SER A 237 -46.77 -5.11 1.65
CA SER A 237 -47.02 -3.81 1.05
C SER A 237 -47.32 -3.91 -0.44
N GLY A 238 -48.30 -3.13 -0.88
CA GLY A 238 -48.58 -2.97 -2.29
C GLY A 238 -47.52 -2.16 -3.03
N ILE A 239 -46.62 -1.53 -2.30
CA ILE A 239 -45.37 -1.01 -2.86
C ILE A 239 -44.46 -2.22 -3.05
N PHE A 240 -44.41 -2.78 -4.25
CA PHE A 240 -43.62 -3.97 -4.51
C PHE A 240 -42.15 -3.63 -4.64
N GLY A 241 -41.31 -4.54 -4.12
CA GLY A 241 -39.89 -4.28 -4.04
C GLY A 241 -39.05 -4.88 -5.17
N ASP A 242 -39.48 -5.98 -5.77
CA ASP A 242 -38.66 -6.64 -6.76
C ASP A 242 -38.70 -5.88 -8.09
N ASN A 243 -37.81 -6.27 -8.99
CA ASN A 243 -37.75 -5.78 -10.36
C ASN A 243 -37.36 -6.95 -11.25
N PRO A 244 -38.21 -7.38 -12.20
CA PRO A 244 -39.44 -6.75 -12.71
C PRO A 244 -40.62 -6.82 -11.74
N ARG A 245 -41.59 -5.91 -11.89
CA ARG A 245 -42.71 -5.83 -10.96
C ARG A 245 -43.86 -5.12 -11.68
N PRO A 246 -45.10 -5.29 -11.23
CA PRO A 246 -46.20 -4.52 -11.78
C PRO A 246 -46.21 -3.12 -11.17
N ASN A 247 -47.13 -2.29 -11.66
CA ASN A 247 -47.34 -1.01 -11.03
C ASN A 247 -48.01 -1.22 -9.67
N ASP A 248 -47.81 -0.25 -8.78
CA ASP A 248 -48.26 -0.37 -7.39
C ASP A 248 -49.77 -0.53 -7.32
N LYS A 249 -50.20 -1.51 -6.54
CA LYS A 249 -51.60 -1.90 -6.41
C LYS A 249 -51.80 -2.41 -4.99
N THR A 250 -52.87 -3.17 -4.77
CA THR A 250 -53.05 -3.85 -3.50
C THR A 250 -52.08 -5.03 -3.42
N GLY A 251 -51.35 -5.14 -2.32
CA GLY A 251 -50.39 -6.20 -2.14
C GLY A 251 -51.00 -7.44 -1.53
N SER A 252 -50.12 -8.33 -1.07
CA SER A 252 -50.53 -9.54 -0.38
C SER A 252 -49.34 -10.07 0.42
N CYS A 253 -49.63 -10.90 1.41
CA CYS A 253 -48.62 -11.53 2.24
C CYS A 253 -48.23 -12.90 1.69
N GLY A 254 -48.75 -13.23 0.51
CA GLY A 254 -48.24 -14.34 -0.26
C GLY A 254 -47.46 -13.82 -1.44
N PRO A 255 -46.90 -14.71 -2.25
CA PRO A 255 -46.16 -14.25 -3.43
C PRO A 255 -47.09 -13.68 -4.48
N VAL A 256 -46.80 -12.46 -4.93
CA VAL A 256 -47.63 -11.79 -5.93
C VAL A 256 -47.17 -12.26 -7.31
N SER A 257 -48.10 -12.85 -8.06
CA SER A 257 -47.74 -13.54 -9.29
C SER A 257 -47.37 -12.59 -10.43
N SER A 258 -48.04 -11.44 -10.52
CA SER A 258 -47.88 -10.54 -11.65
C SER A 258 -46.45 -10.02 -11.76
N ASN A 259 -45.83 -10.27 -12.92
CA ASN A 259 -44.41 -9.97 -13.17
C ASN A 259 -43.51 -10.62 -12.13
N GLY A 260 -43.91 -11.79 -11.63
CA GLY A 260 -43.22 -12.44 -10.54
C GLY A 260 -41.98 -13.19 -10.94
N ALA A 261 -41.89 -13.61 -12.19
CA ALA A 261 -40.71 -14.32 -12.68
C ALA A 261 -39.51 -13.40 -12.70
N ASN A 262 -38.33 -14.00 -12.53
CA ASN A 262 -37.05 -13.31 -12.42
C ASN A 262 -37.06 -12.30 -11.27
N GLY A 263 -36.11 -11.38 -11.25
CA GLY A 263 -36.02 -10.46 -10.13
C GLY A 263 -34.64 -9.85 -10.02
N VAL A 264 -34.41 -9.22 -8.87
CA VAL A 264 -33.14 -8.56 -8.59
C VAL A 264 -32.90 -8.69 -7.09
N LYS A 265 -31.62 -8.79 -6.72
CA LYS A 265 -31.29 -8.85 -5.31
C LYS A 265 -31.62 -7.53 -4.64
N GLY A 266 -32.37 -7.58 -3.56
CA GLY A 266 -32.79 -6.38 -2.86
C GLY A 266 -32.72 -6.52 -1.36
N PHE A 267 -33.37 -5.60 -0.65
CA PHE A 267 -33.34 -5.57 0.80
C PHE A 267 -34.58 -4.81 1.29
N SER A 268 -34.83 -4.94 2.58
CA SER A 268 -35.81 -4.10 3.28
C SER A 268 -35.44 -4.12 4.76
N PHE A 269 -35.93 -3.11 5.47
CA PHE A 269 -35.68 -2.96 6.90
C PHE A 269 -37.01 -2.92 7.63
N LYS A 270 -37.25 -3.91 8.48
CA LYS A 270 -38.51 -3.98 9.21
C LYS A 270 -38.43 -3.13 10.48
N TYR A 271 -39.41 -2.25 10.66
CA TYR A 271 -39.50 -1.39 11.85
C TYR A 271 -40.88 -1.60 12.47
N GLY A 272 -41.01 -2.63 13.31
CA GLY A 272 -42.30 -2.98 13.87
C GLY A 272 -43.26 -3.47 12.80
N ASN A 273 -44.26 -2.66 12.48
CA ASN A 273 -45.12 -2.92 11.33
C ASN A 273 -44.70 -2.14 10.10
N GLY A 274 -43.84 -1.14 10.25
CA GLY A 274 -43.33 -0.40 9.13
C GLY A 274 -42.23 -1.13 8.41
N VAL A 275 -41.84 -0.59 7.26
CA VAL A 275 -40.74 -1.14 6.49
C VAL A 275 -40.16 -0.03 5.62
N TRP A 276 -38.82 0.04 5.60
CA TRP A 276 -38.10 0.84 4.63
C TRP A 276 -37.81 -0.02 3.41
N ILE A 277 -38.30 0.38 2.25
CA ILE A 277 -38.19 -0.42 1.03
C ILE A 277 -37.24 0.28 0.07
N GLY A 278 -36.15 -0.41 -0.28
CA GLY A 278 -35.31 0.01 -1.37
C GLY A 278 -35.69 -0.74 -2.63
N ARG A 279 -35.86 0.00 -3.72
CA ARG A 279 -36.31 -0.60 -4.96
C ARG A 279 -35.92 0.28 -6.14
N THR A 280 -35.90 -0.34 -7.31
CA THR A 280 -35.71 0.39 -8.56
C THR A 280 -36.89 1.32 -8.81
N LYS A 281 -36.62 2.42 -9.52
CA LYS A 281 -37.70 3.30 -9.95
C LYS A 281 -38.50 2.65 -11.07
N SER A 282 -37.81 2.11 -12.08
CA SER A 282 -38.47 1.45 -13.18
C SER A 282 -39.05 0.10 -12.73
N ILE A 283 -40.25 -0.20 -13.20
CA ILE A 283 -40.88 -1.48 -12.88
C ILE A 283 -40.49 -2.58 -13.85
N SER A 284 -39.81 -2.27 -14.94
CA SER A 284 -39.45 -3.24 -15.96
C SER A 284 -37.96 -3.53 -16.02
N SER A 285 -37.11 -2.53 -15.81
CA SER A 285 -35.67 -2.71 -15.89
C SER A 285 -35.02 -2.23 -14.60
N ARG A 286 -33.74 -2.52 -14.47
CA ARG A 286 -32.97 -2.16 -13.28
C ARG A 286 -32.44 -0.73 -13.43
N ASN A 287 -33.38 0.20 -13.44
CA ASN A 287 -33.11 1.61 -13.67
C ASN A 287 -33.56 2.42 -12.46
N GLY A 288 -32.67 3.26 -11.95
CA GLY A 288 -33.01 4.12 -10.83
C GLY A 288 -33.05 3.40 -9.51
N PHE A 289 -33.13 4.16 -8.42
CA PHE A 289 -33.30 3.56 -7.10
C PHE A 289 -33.95 4.56 -6.18
N GLU A 290 -34.82 4.08 -5.31
CA GLU A 290 -35.48 4.93 -4.32
C GLU A 290 -35.67 4.16 -3.02
N MET A 291 -35.75 4.91 -1.92
CA MET A 291 -36.07 4.36 -0.61
C MET A 291 -37.43 4.87 -0.18
N ILE A 292 -38.32 3.95 0.18
CA ILE A 292 -39.71 4.27 0.48
C ILE A 292 -40.01 3.82 1.91
N TRP A 293 -40.57 4.73 2.70
CA TRP A 293 -40.99 4.41 4.06
C TRP A 293 -42.49 4.15 4.06
N ASP A 294 -42.86 2.93 4.38
CA ASP A 294 -44.25 2.52 4.50
C ASP A 294 -44.52 2.19 5.96
N PRO A 295 -45.26 3.03 6.69
CA PRO A 295 -45.45 2.81 8.13
C PRO A 295 -46.21 1.54 8.49
N ASN A 296 -46.90 0.90 7.55
CA ASN A 296 -47.61 -0.35 7.83
C ASN A 296 -47.30 -1.41 6.79
N GLY A 297 -46.27 -1.23 5.98
CA GLY A 297 -46.05 -2.03 4.78
C GLY A 297 -45.61 -3.45 5.03
N TRP A 298 -45.08 -3.75 6.22
CA TRP A 298 -44.67 -5.12 6.51
C TRP A 298 -45.87 -6.06 6.59
N THR A 299 -46.99 -5.55 7.13
CA THR A 299 -48.18 -6.37 7.29
C THR A 299 -49.38 -5.89 6.50
N GLY A 300 -49.46 -4.61 6.13
CA GLY A 300 -50.64 -4.08 5.47
C GLY A 300 -50.52 -4.07 3.96
N THR A 301 -51.64 -4.36 3.29
CA THR A 301 -51.64 -4.62 1.85
C THR A 301 -51.74 -3.37 0.99
N ASP A 302 -51.94 -2.19 1.59
CA ASP A 302 -52.22 -1.02 0.78
C ASP A 302 -50.94 -0.48 0.13
N ASN A 303 -51.14 0.45 -0.80
CA ASN A 303 -50.06 1.06 -1.57
C ASN A 303 -49.82 2.51 -1.19
N ASN A 304 -50.07 2.86 0.07
CA ASN A 304 -49.83 4.20 0.58
C ASN A 304 -48.59 4.20 1.47
N PHE A 305 -47.70 5.15 1.21
CA PHE A 305 -46.46 5.32 1.96
C PHE A 305 -46.41 6.76 2.47
N SER A 306 -45.33 7.11 3.16
CA SER A 306 -45.23 8.47 3.68
C SER A 306 -43.95 9.19 3.27
N ILE A 307 -42.84 8.48 3.09
CA ILE A 307 -41.59 9.10 2.70
C ILE A 307 -41.03 8.37 1.49
N LYS A 308 -40.61 9.13 0.48
CA LYS A 308 -39.86 8.58 -0.65
C LYS A 308 -38.62 9.43 -0.87
N GLN A 309 -37.45 8.80 -0.82
CA GLN A 309 -36.18 9.46 -1.09
C GLN A 309 -35.58 8.86 -2.35
N ASP A 310 -35.16 9.72 -3.26
CA ASP A 310 -34.53 9.28 -4.50
C ASP A 310 -33.06 9.01 -4.27
N ILE A 311 -32.56 7.93 -4.86
CA ILE A 311 -31.17 7.53 -4.73
C ILE A 311 -30.45 7.59 -6.07
N VAL A 312 -31.00 6.93 -7.09
CA VAL A 312 -30.45 6.92 -8.44
C VAL A 312 -31.57 7.37 -9.38
N GLY A 313 -31.22 8.24 -10.33
CA GLY A 313 -32.22 8.73 -11.27
C GLY A 313 -32.72 7.64 -12.20
N ILE A 314 -33.99 7.78 -12.60
CA ILE A 314 -34.68 6.75 -13.37
C ILE A 314 -34.05 6.49 -14.74
N ASN A 315 -33.30 7.44 -15.28
CA ASN A 315 -32.61 7.23 -16.53
C ASN A 315 -31.21 6.67 -16.33
N GLU A 316 -30.81 6.40 -15.10
CA GLU A 316 -29.48 5.86 -14.82
C GLU A 316 -29.61 4.40 -14.44
N TRP A 317 -28.57 3.64 -14.75
CA TRP A 317 -28.59 2.21 -14.47
C TRP A 317 -28.35 1.95 -12.98
N SER A 318 -29.07 0.97 -12.46
CA SER A 318 -28.91 0.52 -11.09
C SER A 318 -28.68 -0.99 -11.19
N GLY A 319 -28.83 -1.68 -10.08
CA GLY A 319 -28.65 -3.12 -10.13
C GLY A 319 -29.03 -3.79 -8.82
N TYR A 320 -28.15 -4.68 -8.38
CA TYR A 320 -28.28 -5.30 -7.07
C TYR A 320 -28.24 -4.25 -5.96
N SER A 321 -29.03 -4.47 -4.93
CA SER A 321 -28.94 -3.67 -3.72
C SER A 321 -28.99 -4.59 -2.51
N GLY A 322 -28.22 -4.24 -1.48
CA GLY A 322 -28.21 -5.06 -0.29
C GLY A 322 -28.02 -4.19 0.94
N SER A 323 -28.26 -4.80 2.09
CA SER A 323 -28.20 -4.12 3.37
C SER A 323 -26.92 -4.47 4.10
N PHE A 324 -26.43 -3.53 4.89
CA PHE A 324 -25.37 -3.82 5.85
C PHE A 324 -25.60 -2.96 7.07
N VAL A 325 -24.95 -3.31 8.16
CA VAL A 325 -25.21 -2.63 9.42
C VAL A 325 -23.89 -2.15 10.01
N MET A 326 -24.00 -1.12 10.83
CA MET A 326 -22.91 -0.65 11.67
C MET A 326 -23.29 -0.87 13.13
N HIS A 327 -22.57 -1.78 13.78
CA HIS A 327 -22.82 -2.17 15.15
C HIS A 327 -22.38 -1.06 16.11
N PRO A 328 -22.94 -1.03 17.33
CA PRO A 328 -22.52 -0.02 18.32
C PRO A 328 -21.03 -0.06 18.66
N GLU A 329 -20.38 -1.22 18.51
CA GLU A 329 -18.95 -1.31 18.76
C GLU A 329 -18.11 -0.55 17.75
N LEU A 330 -18.68 -0.18 16.61
CA LEU A 330 -17.99 0.65 15.63
C LEU A 330 -18.39 2.12 15.70
N THR A 331 -19.66 2.41 15.96
CA THR A 331 -20.13 3.78 15.99
C THR A 331 -20.12 4.40 17.38
N GLY A 332 -20.16 3.60 18.43
CA GLY A 332 -20.30 4.14 19.76
C GLY A 332 -21.72 4.53 20.14
N LEU A 333 -22.69 4.20 19.29
CA LEU A 333 -24.08 4.54 19.56
C LEU A 333 -24.73 3.46 20.41
N ASP A 334 -26.01 3.65 20.72
CA ASP A 334 -26.78 2.68 21.47
C ASP A 334 -27.66 1.80 20.60
N CYS A 335 -27.63 1.98 19.28
CA CYS A 335 -28.46 1.21 18.36
C CYS A 335 -27.59 0.64 17.26
N ILE A 336 -28.19 -0.19 16.42
CA ILE A 336 -27.53 -0.69 15.21
C ILE A 336 -27.98 0.17 14.04
N VAL A 337 -27.03 0.78 13.36
CA VAL A 337 -27.36 1.68 12.26
C VAL A 337 -27.60 0.89 10.98
N PRO A 338 -28.75 1.04 10.33
CA PRO A 338 -28.99 0.36 9.06
C PRO A 338 -28.38 1.12 7.90
N CYS A 339 -27.79 0.37 6.98
CA CYS A 339 -27.11 0.96 5.83
C CYS A 339 -27.35 0.07 4.63
N PHE A 340 -27.18 0.63 3.45
CA PHE A 340 -27.37 -0.17 2.25
C PHE A 340 -26.45 0.31 1.16
N TRP A 341 -26.19 -0.60 0.23
CA TRP A 341 -25.41 -0.33 -0.96
C TRP A 341 -26.26 -0.58 -2.19
N VAL A 342 -25.90 0.06 -3.29
CA VAL A 342 -26.50 -0.17 -4.60
C VAL A 342 -25.39 -0.38 -5.60
N GLU A 343 -25.52 -1.41 -6.43
CA GLU A 343 -24.58 -1.66 -7.51
C GLU A 343 -25.12 -0.97 -8.77
N LEU A 344 -24.26 -0.18 -9.42
CA LEU A 344 -24.61 0.49 -10.66
C LEU A 344 -23.95 -0.27 -11.81
N ILE A 345 -24.74 -0.99 -12.59
CA ILE A 345 -24.24 -1.95 -13.57
C ILE A 345 -24.06 -1.26 -14.92
N ARG A 346 -22.89 -1.44 -15.52
CA ARG A 346 -22.58 -0.85 -16.82
C ARG A 346 -22.19 -1.93 -17.83
N GLY A 347 -22.41 -1.61 -19.11
CA GLY A 347 -22.14 -2.53 -20.18
C GLY A 347 -23.32 -3.44 -20.46
N TRP A 355 -17.86 -6.08 -22.05
CA TRP A 355 -17.84 -6.50 -20.65
C TRP A 355 -19.10 -6.07 -19.91
N THR A 356 -19.33 -6.69 -18.76
CA THR A 356 -20.32 -6.23 -17.80
C THR A 356 -19.58 -5.96 -16.49
N SER A 357 -19.74 -4.74 -15.96
CA SER A 357 -19.05 -4.37 -14.73
C SER A 357 -19.92 -3.40 -13.94
N GLY A 358 -19.56 -3.24 -12.68
CA GLY A 358 -20.36 -2.39 -11.81
C GLY A 358 -19.58 -1.57 -10.82
N SER A 359 -20.06 -0.36 -10.55
CA SER A 359 -19.58 0.45 -9.45
C SER A 359 -20.59 0.35 -8.31
N SER A 360 -20.32 1.06 -7.22
CA SER A 360 -21.16 0.94 -6.04
C SER A 360 -21.30 2.28 -5.34
N ILE A 361 -22.50 2.53 -4.80
CA ILE A 361 -22.75 3.63 -3.89
C ILE A 361 -23.36 3.06 -2.62
N SER A 362 -23.20 3.78 -1.52
CA SER A 362 -23.66 3.28 -0.24
C SER A 362 -24.22 4.40 0.61
N PHE A 363 -25.24 4.07 1.39
CA PHE A 363 -25.98 5.04 2.18
C PHE A 363 -26.16 4.48 3.59
N CYS A 364 -26.26 5.38 4.55
CA CYS A 364 -26.53 4.99 5.93
C CYS A 364 -27.72 5.77 6.47
N GLY A 365 -28.52 5.11 7.28
CA GLY A 365 -29.69 5.75 7.85
C GLY A 365 -29.32 6.72 8.95
N VAL A 366 -29.96 7.88 8.92
CA VAL A 366 -29.78 8.91 9.94
C VAL A 366 -31.15 9.47 10.28
N ASN A 367 -31.22 10.13 11.43
CA ASN A 367 -32.41 10.86 11.81
C ASN A 367 -32.27 12.35 11.58
N SER A 368 -31.17 12.78 10.98
CA SER A 368 -30.95 14.19 10.68
C SER A 368 -31.49 14.49 9.28
N ASP A 369 -31.24 15.70 8.79
CA ASP A 369 -31.80 16.12 7.51
C ASP A 369 -31.03 15.51 6.35
N THR A 370 -31.77 15.04 5.35
CA THR A 370 -31.21 14.43 4.17
C THR A 370 -31.74 15.13 2.93
N VAL A 371 -31.18 14.77 1.79
CA VAL A 371 -31.71 15.20 0.50
C VAL A 371 -31.65 14.01 -0.44
N GLY A 372 -32.55 14.00 -1.42
CA GLY A 372 -32.46 13.09 -2.53
C GLY A 372 -31.68 13.70 -3.68
N TRP A 373 -31.02 12.84 -4.45
CA TRP A 373 -30.33 13.25 -5.65
C TRP A 373 -30.20 12.03 -6.55
N SER A 374 -29.32 12.13 -7.55
CA SER A 374 -28.88 10.99 -8.33
C SER A 374 -27.37 10.92 -8.22
N TRP A 375 -26.84 9.79 -7.76
CA TRP A 375 -25.41 9.53 -7.72
C TRP A 375 -25.13 8.34 -8.64
N PRO A 376 -25.16 8.53 -9.95
CA PRO A 376 -25.02 7.41 -10.88
C PRO A 376 -23.56 7.07 -11.11
N ASP A 377 -23.33 6.02 -11.91
CA ASP A 377 -21.97 5.55 -12.17
C ASP A 377 -21.17 6.59 -12.96
N GLY A 378 -21.78 7.17 -13.99
CA GLY A 378 -21.19 8.30 -14.68
C GLY A 378 -20.17 8.00 -15.74
N ALA A 379 -19.85 6.74 -16.01
CA ALA A 379 -18.90 6.43 -17.06
C ALA A 379 -19.54 6.61 -18.43
N GLU A 380 -18.80 7.26 -19.33
CA GLU A 380 -19.24 7.54 -20.70
C GLU A 380 -18.86 6.35 -21.57
N LEU A 381 -19.79 5.44 -21.79
CA LEU A 381 -19.55 4.25 -22.60
C LEU A 381 -19.95 4.49 -24.05
N VAL B 1 -5.13 11.51 22.71
CA VAL B 1 -5.42 12.69 23.50
C VAL B 1 -5.84 13.84 22.58
N LYS B 2 -6.90 14.55 22.98
CA LYS B 2 -7.39 15.73 22.29
C LYS B 2 -6.30 16.79 22.18
N LEU B 3 -6.25 17.47 21.04
CA LEU B 3 -5.38 18.63 20.89
C LEU B 3 -5.91 19.78 21.75
N ALA B 4 -5.05 20.35 22.59
CA ALA B 4 -5.48 21.39 23.51
C ALA B 4 -5.87 22.67 22.75
N GLY B 5 -5.00 23.14 21.86
CA GLY B 5 -5.27 24.34 21.11
C GLY B 5 -5.14 25.63 21.88
N ASN B 6 -4.53 25.60 23.07
CA ASN B 6 -4.45 26.78 23.93
C ASN B 6 -3.14 27.54 23.81
N SER B 7 -2.14 26.98 23.15
CA SER B 7 -0.92 27.75 22.96
C SER B 7 -1.11 28.75 21.82
N SER B 8 -0.23 29.75 21.80
CA SER B 8 -0.30 30.77 20.77
C SER B 8 0.52 30.35 19.55
N LEU B 9 0.32 31.07 18.45
CA LEU B 9 1.16 30.91 17.26
C LEU B 9 2.57 31.37 17.59
N CYS B 10 3.57 30.56 17.21
CA CYS B 10 4.83 31.23 17.52
C CYS B 10 5.28 32.12 16.38
N PRO B 11 5.90 33.25 16.70
CA PRO B 11 6.35 34.18 15.66
C PRO B 11 7.36 33.53 14.73
N VAL B 12 7.22 33.85 13.45
CA VAL B 12 8.06 33.29 12.39
C VAL B 12 8.55 34.44 11.54
N SER B 13 9.74 34.28 10.97
CA SER B 13 10.33 35.29 10.11
C SER B 13 10.39 34.87 8.65
N GLY B 14 10.06 33.63 8.35
CA GLY B 14 10.10 33.14 6.99
C GLY B 14 9.35 31.84 6.90
N TRP B 15 9.30 31.31 5.69
CA TRP B 15 8.51 30.12 5.38
C TRP B 15 9.39 29.13 4.66
N ALA B 16 9.41 27.91 5.15
CA ALA B 16 10.29 26.89 4.62
C ALA B 16 9.49 25.84 3.86
N PRO B 17 9.98 25.41 2.70
CA PRO B 17 9.26 24.42 1.89
C PRO B 17 9.06 23.12 2.63
N LEU B 18 7.83 22.63 2.63
CA LEU B 18 7.46 21.42 3.33
C LEU B 18 7.14 20.28 2.38
N SER B 19 6.28 20.51 1.40
CA SER B 19 5.94 19.43 0.49
C SER B 19 5.70 19.98 -0.90
N LYS B 20 5.86 19.08 -1.87
CA LYS B 20 5.53 19.33 -3.26
C LYS B 20 5.27 17.98 -3.90
N ASP B 21 4.13 17.84 -4.53
CA ASP B 21 3.67 16.53 -5.01
C ASP B 21 4.06 16.22 -6.45
N ASN B 22 4.25 17.24 -7.29
CA ASN B 22 4.53 17.10 -8.73
C ASN B 22 3.47 16.26 -9.45
N SER B 23 2.20 16.58 -9.18
CA SER B 23 1.09 15.70 -9.56
C SER B 23 0.92 15.60 -11.08
N VAL B 24 0.87 16.75 -11.77
CA VAL B 24 0.56 16.73 -13.19
C VAL B 24 1.71 16.17 -14.01
N ARG B 25 2.95 16.47 -13.61
CA ARG B 25 4.13 15.90 -14.24
C ARG B 25 4.13 14.39 -14.16
N ILE B 26 3.76 13.83 -13.01
CA ILE B 26 3.66 12.38 -12.89
C ILE B 26 2.46 11.86 -13.67
N GLY B 27 1.35 12.60 -13.68
CA GLY B 27 0.12 12.16 -14.29
C GLY B 27 0.14 12.18 -15.80
N SER B 28 1.18 12.75 -16.40
CA SER B 28 1.39 12.58 -17.84
C SER B 28 1.59 11.13 -18.25
N LYS B 29 2.13 10.30 -17.35
CA LYS B 29 2.34 8.87 -17.62
C LYS B 29 1.56 7.98 -16.66
N GLY B 30 1.66 8.24 -15.36
CA GLY B 30 0.99 7.44 -14.36
C GLY B 30 -0.50 7.73 -14.27
N ASP B 31 -1.17 6.95 -13.43
CA ASP B 31 -2.61 7.08 -13.19
C ASP B 31 -2.80 8.01 -12.00
N VAL B 32 -3.04 9.29 -12.28
CA VAL B 32 -3.14 10.32 -11.26
C VAL B 32 -4.48 11.02 -11.45
N PHE B 33 -5.19 11.21 -10.33
CA PHE B 33 -6.50 11.85 -10.34
C PHE B 33 -6.44 13.27 -10.89
N VAL B 34 -7.51 13.68 -11.56
CA VAL B 34 -7.78 15.09 -11.79
C VAL B 34 -8.36 15.63 -10.48
N ILE B 35 -7.64 16.54 -9.83
CA ILE B 35 -8.08 17.05 -8.53
C ILE B 35 -8.20 18.56 -8.57
N ARG B 36 -9.04 19.07 -7.67
CA ARG B 36 -9.23 20.49 -7.46
C ARG B 36 -9.46 20.72 -5.98
N GLU B 37 -9.20 21.95 -5.56
CA GLU B 37 -9.31 22.38 -4.16
C GLU B 37 -8.60 21.46 -3.17
N PRO B 38 -7.29 21.26 -3.31
CA PRO B 38 -6.58 20.48 -2.30
C PRO B 38 -6.38 21.30 -1.04
N PHE B 39 -6.27 20.59 0.08
CA PHE B 39 -5.88 21.25 1.32
C PHE B 39 -5.17 20.23 2.22
N ILE B 40 -4.49 20.75 3.22
CA ILE B 40 -3.65 19.96 4.10
C ILE B 40 -4.21 20.05 5.51
N SER B 41 -4.26 18.90 6.18
CA SER B 41 -4.56 18.85 7.61
C SER B 41 -3.68 17.78 8.24
N CYS B 42 -3.31 18.00 9.50
CA CYS B 42 -2.35 17.15 10.19
C CYS B 42 -3.00 16.49 11.40
N SER B 43 -2.77 15.20 11.53
CA SER B 43 -3.05 14.45 12.75
C SER B 43 -1.85 14.56 13.68
N PRO B 44 -1.97 14.12 14.94
CA PRO B 44 -0.77 14.08 15.82
C PRO B 44 0.33 13.15 15.34
N LEU B 45 0.10 12.34 14.31
CA LEU B 45 1.12 11.48 13.73
C LEU B 45 1.70 12.05 12.43
N GLU B 46 0.83 12.51 11.52
CA GLU B 46 1.23 12.84 10.16
C GLU B 46 0.34 13.97 9.63
N CYS B 47 0.75 14.54 8.50
CA CYS B 47 -0.07 15.47 7.73
C CYS B 47 -0.57 14.77 6.47
N ARG B 48 -1.76 15.13 6.04
CA ARG B 48 -2.40 14.51 4.89
C ARG B 48 -2.91 15.57 3.93
N THR B 49 -2.79 15.30 2.64
CA THR B 49 -3.34 16.15 1.60
C THR B 49 -4.73 15.65 1.25
N PHE B 50 -5.73 16.48 1.47
CA PHE B 50 -7.11 16.22 1.12
C PHE B 50 -7.41 16.91 -0.19
N PHE B 51 -8.24 16.29 -1.02
CA PHE B 51 -8.51 16.84 -2.34
C PHE B 51 -9.86 16.36 -2.83
N LEU B 52 -10.45 17.15 -3.73
CA LEU B 52 -11.68 16.78 -4.40
C LEU B 52 -11.34 16.22 -5.77
N THR B 53 -11.56 14.92 -5.95
CA THR B 53 -11.48 14.32 -7.27
C THR B 53 -12.75 14.63 -8.04
N GLN B 54 -12.63 14.61 -9.36
CA GLN B 54 -13.78 14.60 -10.24
C GLN B 54 -14.24 13.18 -10.55
N GLY B 55 -13.62 12.20 -9.92
CA GLY B 55 -13.77 10.81 -10.32
C GLY B 55 -13.16 10.49 -11.66
N ALA B 56 -12.04 11.13 -12.01
CA ALA B 56 -11.43 10.98 -13.32
C ALA B 56 -9.92 11.11 -13.20
N LEU B 57 -9.21 10.51 -14.15
CA LEU B 57 -7.76 10.50 -14.18
C LEU B 57 -7.24 11.46 -15.24
N LEU B 58 -6.00 11.90 -15.04
CA LEU B 58 -5.32 12.71 -16.04
C LEU B 58 -5.09 11.87 -17.30
N ASN B 59 -5.09 12.55 -18.45
CA ASN B 59 -4.93 11.94 -19.78
C ASN B 59 -5.96 10.82 -20.01
N ASP B 60 -7.22 11.20 -19.86
CA ASP B 60 -8.35 10.31 -20.09
C ASP B 60 -9.56 11.15 -20.46
N LYS B 61 -10.46 10.58 -21.25
CA LYS B 61 -11.60 11.32 -21.77
C LYS B 61 -12.63 11.65 -20.71
N HIS B 62 -12.55 11.04 -19.52
CA HIS B 62 -13.44 11.40 -18.42
C HIS B 62 -13.01 12.67 -17.71
N SER B 63 -11.80 13.15 -17.95
CA SER B 63 -11.31 14.36 -17.31
C SER B 63 -12.03 15.60 -17.83
N ASP B 69 -18.95 22.09 -11.83
CA ASP B 69 -18.23 22.31 -10.59
C ASP B 69 -18.75 21.39 -9.49
N ARG B 70 -20.08 21.26 -9.42
CA ARG B 70 -20.77 20.55 -8.34
C ARG B 70 -21.49 19.35 -8.92
N SER B 71 -20.76 18.26 -9.07
CA SER B 71 -21.20 17.02 -9.67
C SER B 71 -21.37 15.94 -8.60
N PRO B 72 -22.24 14.96 -8.84
CA PRO B 72 -22.37 13.84 -7.89
C PRO B 72 -21.20 12.89 -7.89
N TYR B 73 -20.32 12.96 -8.88
CA TYR B 73 -19.14 12.13 -8.93
C TYR B 73 -17.98 12.70 -8.12
N ARG B 74 -18.10 13.94 -7.65
CA ARG B 74 -17.03 14.56 -6.88
C ARG B 74 -16.95 13.93 -5.50
N THR B 75 -15.75 13.50 -5.10
CA THR B 75 -15.54 12.89 -3.79
C THR B 75 -14.34 13.53 -3.12
N LEU B 76 -14.40 13.63 -1.80
CA LEU B 76 -13.24 14.00 -1.02
C LEU B 76 -12.40 12.75 -0.77
N MET B 77 -11.11 12.83 -1.07
CA MET B 77 -10.17 11.76 -0.85
C MET B 77 -8.96 12.33 -0.13
N SER B 78 -8.03 11.46 0.25
CA SER B 78 -6.84 11.94 0.95
C SER B 78 -5.67 10.99 0.71
N VAL B 79 -4.47 11.57 0.71
CA VAL B 79 -3.21 10.85 0.58
C VAL B 79 -2.25 11.39 1.61
N PRO B 80 -1.19 10.65 1.95
CA PRO B 80 -0.09 11.24 2.72
C PRO B 80 0.51 12.43 1.97
N ILE B 81 0.96 13.42 2.75
CA ILE B 81 1.45 14.66 2.19
C ILE B 81 2.66 14.41 1.28
N GLY B 82 2.66 15.07 0.13
CA GLY B 82 3.73 14.95 -0.85
C GLY B 82 3.58 13.81 -1.85
N SER B 83 2.67 12.87 -1.60
CA SER B 83 2.48 11.76 -2.52
C SER B 83 1.48 12.15 -3.60
N VAL B 84 1.62 11.53 -4.76
CA VAL B 84 0.71 11.91 -5.87
C VAL B 84 -0.67 11.35 -5.58
N PRO B 85 -1.73 12.07 -5.93
CA PRO B 85 -3.08 11.53 -5.71
C PRO B 85 -3.47 10.52 -6.79
N SER B 86 -3.44 9.25 -6.43
CA SER B 86 -3.70 8.17 -7.37
C SER B 86 -4.76 7.25 -6.78
N PRO B 87 -5.54 6.59 -7.63
CA PRO B 87 -6.55 5.65 -7.10
C PRO B 87 -5.95 4.46 -6.34
N TYR B 88 -4.66 4.19 -6.50
CA TYR B 88 -4.02 3.08 -5.82
C TYR B 88 -3.42 3.44 -4.47
N ASN B 89 -3.42 4.72 -4.09
CA ASN B 89 -2.93 5.11 -2.77
C ASN B 89 -3.80 6.13 -2.07
N ALA B 90 -4.88 6.60 -2.69
CA ALA B 90 -5.79 7.53 -2.06
C ALA B 90 -6.77 6.79 -1.14
N ARG B 91 -7.02 7.38 0.01
CA ARG B 91 -8.07 6.92 0.92
C ARG B 91 -9.34 7.72 0.65
N PHE B 92 -10.46 7.02 0.50
CA PHE B 92 -11.74 7.71 0.33
C PHE B 92 -12.19 8.34 1.63
N GLU B 93 -12.72 9.56 1.55
CA GLU B 93 -13.20 10.27 2.72
C GLU B 93 -14.70 10.50 2.71
N SER B 94 -15.22 11.15 1.68
CA SER B 94 -16.65 11.42 1.59
C SER B 94 -17.02 11.82 0.18
N ILE B 95 -18.31 11.78 -0.11
CA ILE B 95 -18.86 12.36 -1.32
C ILE B 95 -19.06 13.85 -1.06
N ALA B 96 -18.50 14.68 -1.93
CA ALA B 96 -18.38 16.11 -1.65
C ALA B 96 -17.98 16.92 -2.87
N TRP B 97 -18.68 18.02 -3.16
CA TRP B 97 -18.11 19.03 -4.03
C TRP B 97 -17.70 20.28 -3.27
N SER B 98 -17.88 20.30 -1.95
CA SER B 98 -17.26 21.27 -1.05
C SER B 98 -16.94 20.54 0.24
N ALA B 99 -15.75 20.77 0.80
CA ALA B 99 -15.31 19.91 1.88
C ALA B 99 -14.49 20.67 2.91
N SER B 100 -14.40 20.07 4.09
CA SER B 100 -13.45 20.47 5.11
C SER B 100 -13.09 19.24 5.93
N ALA B 101 -11.91 19.25 6.53
CA ALA B 101 -11.47 18.11 7.32
C ALA B 101 -10.45 18.54 8.35
N CYS B 102 -10.50 17.92 9.53
CA CYS B 102 -9.55 18.19 10.60
C CYS B 102 -9.50 16.99 11.54
N HIS B 103 -8.49 16.98 12.40
CA HIS B 103 -8.25 15.92 13.36
C HIS B 103 -8.21 16.51 14.75
N ASP B 104 -9.08 16.02 15.64
CA ASP B 104 -9.16 16.59 16.97
C ASP B 104 -8.13 16.01 17.94
N GLY B 105 -7.24 15.14 17.46
CA GLY B 105 -6.32 14.42 18.30
C GLY B 105 -6.67 12.97 18.50
N ILE B 106 -7.91 12.57 18.20
CA ILE B 106 -8.35 11.18 18.31
C ILE B 106 -8.65 10.60 16.93
N ASN B 107 -9.56 11.23 16.19
CA ASN B 107 -10.02 10.71 14.91
C ASN B 107 -10.16 11.87 13.94
N TRP B 108 -10.28 11.52 12.66
CA TRP B 108 -10.54 12.51 11.62
C TRP B 108 -12.00 12.92 11.66
N LEU B 109 -12.24 14.21 11.48
CA LEU B 109 -13.56 14.73 11.20
C LEU B 109 -13.56 15.17 9.75
N THR B 110 -14.49 14.66 8.97
CA THR B 110 -14.62 15.00 7.56
C THR B 110 -16.00 15.62 7.35
N ILE B 111 -16.03 16.77 6.70
CA ILE B 111 -17.27 17.45 6.34
C ILE B 111 -17.38 17.45 4.83
N GLY B 112 -18.44 16.88 4.31
CA GLY B 112 -18.61 16.81 2.87
C GLY B 112 -19.97 17.27 2.44
N ILE B 113 -20.02 18.25 1.55
CA ILE B 113 -21.27 18.81 1.06
C ILE B 113 -21.57 18.22 -0.32
N THR B 114 -22.77 17.67 -0.47
CA THR B 114 -23.22 17.15 -1.75
C THR B 114 -24.73 17.35 -1.87
N GLY B 115 -25.23 17.22 -3.09
CA GLY B 115 -26.63 17.44 -3.36
C GLY B 115 -26.83 18.56 -4.35
N PRO B 116 -28.08 18.89 -4.66
CA PRO B 116 -28.35 19.98 -5.61
C PRO B 116 -28.09 21.35 -5.01
N ASP B 117 -28.01 22.34 -5.89
CA ASP B 117 -27.72 23.72 -5.49
C ASP B 117 -28.80 24.29 -4.56
N ASN B 118 -30.05 23.88 -4.73
CA ASN B 118 -31.13 24.35 -3.87
C ASN B 118 -31.39 23.42 -2.68
N GLY B 119 -30.67 22.32 -2.58
CA GLY B 119 -30.92 21.38 -1.51
C GLY B 119 -29.69 20.71 -0.94
N ALA B 120 -28.53 21.34 -1.01
CA ALA B 120 -27.29 20.70 -0.60
C ALA B 120 -27.28 20.42 0.90
N VAL B 121 -26.61 19.33 1.28
CA VAL B 121 -26.54 18.89 2.66
C VAL B 121 -25.08 18.60 2.99
N ALA B 122 -24.60 19.12 4.11
CA ALA B 122 -23.28 18.79 4.60
C ALA B 122 -23.34 17.49 5.41
N ILE B 123 -22.53 16.52 5.03
CA ILE B 123 -22.45 15.26 5.76
C ILE B 123 -21.18 15.29 6.61
N LEU B 124 -21.37 15.11 7.91
CA LEU B 124 -20.27 15.12 8.87
C LEU B 124 -19.90 13.67 9.18
N LYS B 125 -18.62 13.35 9.11
CA LYS B 125 -18.12 12.02 9.39
C LYS B 125 -17.05 12.07 10.47
N TYR B 126 -17.22 11.27 11.51
CA TYR B 126 -16.21 11.11 12.55
C TYR B 126 -15.72 9.68 12.53
N ASN B 127 -14.43 9.49 12.20
CA ASN B 127 -13.82 8.17 11.99
C ASN B 127 -14.60 7.35 10.97
N GLY B 128 -14.95 7.98 9.85
CA GLY B 128 -15.64 7.31 8.77
C GLY B 128 -17.10 7.01 9.00
N ILE B 129 -17.64 7.32 10.17
CA ILE B 129 -19.04 7.07 10.52
C ILE B 129 -19.80 8.37 10.34
N ILE B 130 -20.94 8.30 9.66
CA ILE B 130 -21.79 9.48 9.55
C ILE B 130 -22.40 9.78 10.92
N THR B 131 -22.15 10.99 11.40
CA THR B 131 -22.55 11.38 12.75
C THR B 131 -23.52 12.54 12.78
N ASP B 132 -23.60 13.34 11.72
CA ASP B 132 -24.51 14.48 11.68
C ASP B 132 -24.62 14.96 10.23
N THR B 133 -25.73 15.64 9.95
CA THR B 133 -25.92 16.34 8.70
C THR B 133 -26.50 17.72 8.95
N ILE B 134 -26.14 18.65 8.06
CA ILE B 134 -26.66 20.02 8.06
C ILE B 134 -27.29 20.26 6.71
N LYS B 135 -28.55 20.65 6.69
CA LYS B 135 -29.20 20.98 5.43
C LYS B 135 -29.06 22.46 5.13
N SER B 136 -29.15 22.78 3.84
CA SER B 136 -29.04 24.16 3.39
C SER B 136 -30.19 25.01 3.92
N TRP B 137 -29.86 26.18 4.44
CA TRP B 137 -30.86 27.06 5.04
C TRP B 137 -31.21 28.25 4.15
N ARG B 138 -30.50 28.46 3.04
CA ARG B 138 -30.86 29.47 2.06
C ARG B 138 -31.15 28.89 0.68
N ASN B 139 -30.80 27.62 0.45
CA ASN B 139 -31.05 26.90 -0.81
C ASN B 139 -30.33 27.55 -2.00
N ASN B 140 -29.17 28.15 -1.74
CA ASN B 140 -28.33 28.70 -2.81
C ASN B 140 -26.89 28.30 -2.50
N ILE B 141 -26.53 27.08 -2.93
CA ILE B 141 -25.17 26.53 -2.90
C ILE B 141 -24.56 26.60 -1.50
N LEU B 142 -24.95 25.67 -0.64
CA LEU B 142 -24.32 25.52 0.66
C LEU B 142 -22.87 25.09 0.48
N ARG B 143 -21.95 25.82 1.11
CA ARG B 143 -20.53 25.63 0.83
C ARG B 143 -19.72 25.91 2.08
N THR B 144 -18.49 25.41 2.08
CA THR B 144 -17.65 25.44 3.28
C THR B 144 -16.21 25.80 2.88
N GLN B 145 -15.27 25.52 3.79
CA GLN B 145 -13.96 26.17 3.81
C GLN B 145 -13.10 25.84 2.60
N GLU B 146 -13.15 24.59 2.12
CA GLU B 146 -12.10 23.99 1.28
C GLU B 146 -10.72 24.13 1.92
N SER B 147 -10.68 24.00 3.24
CA SER B 147 -9.44 23.98 4.00
C SER B 147 -9.73 23.32 5.34
N GLU B 148 -8.69 23.15 6.14
CA GLU B 148 -8.88 22.41 7.39
C GLU B 148 -9.69 23.21 8.40
N CYS B 149 -10.61 22.53 9.07
CA CYS B 149 -11.26 23.12 10.21
C CYS B 149 -10.26 23.25 11.36
N ALA B 150 -10.59 24.06 12.35
CA ALA B 150 -9.73 24.30 13.49
C ALA B 150 -10.29 23.60 14.71
N CYS B 151 -9.46 22.84 15.42
CA CYS B 151 -9.90 22.10 16.59
C CYS B 151 -9.23 22.64 17.85
N VAL B 152 -10.04 22.97 18.84
CA VAL B 152 -9.57 23.40 20.15
C VAL B 152 -10.26 22.53 21.19
N ASN B 153 -9.46 21.77 21.95
CA ASN B 153 -9.92 21.02 23.13
C ASN B 153 -11.08 20.08 22.81
N GLY B 154 -10.91 19.26 21.77
CA GLY B 154 -11.92 18.31 21.41
C GLY B 154 -13.14 18.88 20.72
N SER B 155 -13.12 20.17 20.37
CA SER B 155 -14.17 20.79 19.58
C SER B 155 -13.54 21.33 18.31
N CYS B 156 -14.12 21.00 17.17
CA CYS B 156 -13.65 21.49 15.89
C CYS B 156 -14.65 22.49 15.33
N PHE B 157 -14.15 23.51 14.65
CA PHE B 157 -14.93 24.67 14.26
C PHE B 157 -14.80 24.91 12.77
N THR B 158 -15.89 25.35 12.15
CA THR B 158 -15.90 25.64 10.73
C THR B 158 -16.89 26.78 10.47
N VAL B 159 -16.79 27.34 9.27
CA VAL B 159 -17.66 28.41 8.79
C VAL B 159 -18.30 27.94 7.50
N MET B 160 -19.62 28.07 7.41
CA MET B 160 -20.33 27.71 6.20
C MET B 160 -21.14 28.89 5.68
N THR B 161 -21.28 28.94 4.37
CA THR B 161 -21.90 30.04 3.66
C THR B 161 -23.04 29.49 2.81
N ASP B 162 -24.19 30.14 2.87
CA ASP B 162 -25.33 29.83 2.02
C ASP B 162 -25.90 31.14 1.49
N GLY B 163 -26.17 31.21 0.18
CA GLY B 163 -26.62 32.42 -0.44
C GLY B 163 -25.79 32.77 -1.67
N PRO B 164 -26.06 33.93 -2.27
CA PRO B 164 -25.36 34.29 -3.51
C PRO B 164 -23.88 34.58 -3.30
N SER B 165 -23.09 34.26 -4.32
CA SER B 165 -21.66 34.55 -4.29
C SER B 165 -21.32 35.91 -4.87
N ASN B 166 -22.28 36.62 -5.46
CA ASN B 166 -22.04 37.96 -5.97
C ASN B 166 -22.82 39.01 -5.19
N GLY B 167 -23.30 38.66 -4.01
CA GLY B 167 -24.07 39.58 -3.19
C GLY B 167 -24.09 39.11 -1.75
N GLN B 168 -25.01 39.70 -0.98
CA GLN B 168 -25.11 39.38 0.44
C GLN B 168 -25.62 37.95 0.63
N ALA B 169 -24.88 37.17 1.40
CA ALA B 169 -25.20 35.77 1.69
C ALA B 169 -25.36 35.59 3.20
N SER B 170 -25.45 34.35 3.63
CA SER B 170 -25.63 34.01 5.04
C SER B 170 -24.49 33.11 5.50
N TYR B 171 -23.90 33.44 6.65
CA TYR B 171 -22.69 32.81 7.13
C TYR B 171 -22.92 32.26 8.53
N LYS B 172 -22.55 31.01 8.75
CA LYS B 172 -22.79 30.32 10.00
C LYS B 172 -21.50 29.73 10.54
N ILE B 173 -21.31 29.84 11.85
CA ILE B 173 -20.17 29.25 12.54
C ILE B 173 -20.66 28.03 13.30
N PHE B 174 -19.91 26.94 13.22
CA PHE B 174 -20.30 25.68 13.84
C PHE B 174 -19.26 25.26 14.88
N ARG B 175 -19.75 24.69 15.96
CA ARG B 175 -18.91 23.95 16.90
C ARG B 175 -19.30 22.47 16.79
N ILE B 176 -18.30 21.61 16.62
CA ILE B 176 -18.52 20.21 16.35
C ILE B 176 -17.69 19.39 17.32
N GLU B 177 -18.36 18.54 18.10
CA GLU B 177 -17.70 17.65 19.06
C GLU B 177 -17.98 16.22 18.65
N LYS B 178 -16.92 15.48 18.32
CA LYS B 178 -16.98 14.07 17.90
C LYS B 178 -17.94 13.88 16.72
N GLY B 179 -17.88 14.81 15.76
CA GLY B 179 -18.73 14.72 14.59
C GLY B 179 -20.14 15.23 14.77
N LYS B 180 -20.51 15.72 15.95
CA LYS B 180 -21.86 16.18 16.24
C LYS B 180 -21.87 17.68 16.41
N ILE B 181 -22.81 18.36 15.75
CA ILE B 181 -22.96 19.80 15.94
C ILE B 181 -23.59 20.06 17.29
N VAL B 182 -22.84 20.74 18.17
CA VAL B 182 -23.37 21.08 19.49
C VAL B 182 -23.74 22.56 19.61
N LYS B 183 -23.23 23.42 18.73
CA LYS B 183 -23.61 24.83 18.74
C LYS B 183 -23.35 25.41 17.36
N SER B 184 -24.35 26.10 16.82
CA SER B 184 -24.20 26.86 15.60
C SER B 184 -24.77 28.25 15.82
N VAL B 185 -24.12 29.25 15.22
CA VAL B 185 -24.51 30.65 15.32
C VAL B 185 -24.45 31.23 13.92
N GLU B 186 -25.40 32.10 13.59
CA GLU B 186 -25.37 32.83 12.33
C GLU B 186 -24.71 34.19 12.54
N MET B 187 -23.76 34.53 11.67
CA MET B 187 -23.04 35.79 11.78
C MET B 187 -23.88 36.94 11.22
N ASN B 188 -24.18 37.92 12.07
CA ASN B 188 -24.85 39.14 11.60
C ASN B 188 -23.78 40.04 11.01
N ALA B 189 -23.64 39.97 9.69
CA ALA B 189 -22.55 40.66 8.99
C ALA B 189 -23.06 41.36 7.74
N PRO B 190 -23.78 42.47 7.89
CA PRO B 190 -24.24 43.21 6.71
C PRO B 190 -23.08 43.87 5.98
N ASN B 191 -23.17 43.91 4.65
CA ASN B 191 -22.17 44.42 3.72
C ASN B 191 -20.86 43.62 3.77
N TYR B 192 -20.85 42.49 4.47
CA TYR B 192 -19.72 41.58 4.49
C TYR B 192 -20.02 40.40 3.57
N HIS B 193 -18.95 39.73 3.15
CA HIS B 193 -19.12 38.53 2.34
C HIS B 193 -18.00 37.56 2.69
N TYR B 194 -18.38 36.37 3.15
CA TYR B 194 -17.42 35.36 3.60
C TYR B 194 -17.54 34.15 2.70
N GLU B 195 -16.43 33.74 2.10
CA GLU B 195 -16.37 32.54 1.27
C GLU B 195 -15.06 31.83 1.54
N GLU B 196 -15.13 30.50 1.70
CA GLU B 196 -13.96 29.61 1.72
C GLU B 196 -12.93 30.05 2.75
N CYS B 197 -13.36 30.05 4.01
CA CYS B 197 -12.55 30.61 5.09
C CYS B 197 -11.38 29.71 5.42
N SER B 198 -10.22 30.32 5.66
CA SER B 198 -9.07 29.63 6.22
C SER B 198 -9.02 29.95 7.72
N CYS B 199 -9.26 28.92 8.54
CA CYS B 199 -9.41 29.08 9.98
C CYS B 199 -8.25 28.39 10.70
N TYR B 200 -7.77 29.00 11.77
CA TYR B 200 -6.70 28.40 12.56
C TYR B 200 -6.94 28.65 14.04
N PRO B 201 -6.54 27.71 14.90
CA PRO B 201 -6.62 27.95 16.34
C PRO B 201 -5.46 28.81 16.83
N ASP B 202 -5.73 29.61 17.85
CA ASP B 202 -4.72 30.48 18.45
C ASP B 202 -5.16 30.85 19.85
N SER B 203 -4.53 30.27 20.87
CA SER B 203 -4.79 30.55 22.30
C SER B 203 -6.26 30.37 22.64
N SER B 204 -6.76 29.17 22.36
CA SER B 204 -8.13 28.69 22.61
C SER B 204 -9.19 29.43 21.79
N GLU B 205 -8.78 30.33 20.89
CA GLU B 205 -9.69 31.05 20.03
C GLU B 205 -9.40 30.69 18.57
N ILE B 206 -10.40 30.90 17.72
CA ILE B 206 -10.31 30.61 16.29
C ILE B 206 -10.27 31.93 15.54
N THR B 207 -9.41 32.01 14.52
CA THR B 207 -9.39 33.14 13.59
C THR B 207 -9.52 32.61 12.17
N CYS B 208 -10.50 33.12 11.44
CA CYS B 208 -10.73 32.77 10.04
C CYS B 208 -10.49 33.99 9.16
N VAL B 209 -9.80 33.79 8.04
CA VAL B 209 -9.61 34.81 7.02
C VAL B 209 -10.20 34.29 5.72
N CYS B 210 -11.11 35.06 5.13
CA CYS B 210 -11.95 34.52 4.07
C CYS B 210 -11.91 35.34 2.79
N ARG B 211 -12.76 34.97 1.83
CA ARG B 211 -12.80 35.57 0.50
C ARG B 211 -14.08 36.39 0.37
N ASP B 212 -13.93 37.69 0.13
CA ASP B 212 -15.06 38.55 -0.23
C ASP B 212 -15.19 38.47 -1.75
N ASN B 213 -16.12 37.63 -2.22
CA ASN B 213 -16.43 37.54 -3.63
C ASN B 213 -17.39 38.63 -4.10
N TRP B 214 -18.06 39.32 -3.18
CA TRP B 214 -19.08 40.30 -3.57
C TRP B 214 -18.45 41.64 -3.94
N HIS B 215 -17.89 42.35 -2.95
CA HIS B 215 -17.23 43.62 -3.20
C HIS B 215 -16.14 43.79 -2.15
N GLY B 216 -15.00 43.19 -2.41
CA GLY B 216 -13.93 43.32 -1.46
C GLY B 216 -12.67 42.74 -2.04
N SER B 217 -11.62 43.56 -2.05
CA SER B 217 -10.30 43.12 -2.48
C SER B 217 -9.34 42.98 -1.32
N ASN B 218 -9.68 43.53 -0.16
CA ASN B 218 -9.07 43.06 1.07
C ASN B 218 -9.86 41.85 1.57
N ARG B 219 -9.33 41.19 2.59
CA ARG B 219 -9.95 39.95 3.03
C ARG B 219 -10.72 40.15 4.32
N PRO B 220 -11.97 39.68 4.37
CA PRO B 220 -12.71 39.71 5.63
C PRO B 220 -12.18 38.68 6.61
N TRP B 221 -12.45 38.92 7.88
CA TRP B 221 -12.06 37.97 8.92
C TRP B 221 -13.16 37.88 9.98
N VAL B 222 -13.22 36.73 10.62
CA VAL B 222 -14.09 36.50 11.76
C VAL B 222 -13.30 35.71 12.80
N SER B 223 -13.33 36.17 14.04
CA SER B 223 -12.70 35.46 15.14
C SER B 223 -13.74 35.18 16.20
N PHE B 224 -13.62 34.05 16.88
CA PHE B 224 -14.61 33.65 17.86
C PHE B 224 -13.97 32.72 18.88
N ASN B 225 -14.59 32.67 20.06
CA ASN B 225 -14.18 31.75 21.11
C ASN B 225 -14.94 30.44 20.96
N GLN B 226 -14.71 29.53 21.91
CA GLN B 226 -15.34 28.21 21.86
C GLN B 226 -16.85 28.26 22.04
N ASN B 227 -17.38 29.34 22.63
CA ASN B 227 -18.82 29.53 22.72
C ASN B 227 -19.37 30.32 21.56
N LEU B 228 -18.58 30.51 20.51
CA LEU B 228 -18.97 31.15 19.26
C LEU B 228 -19.46 32.59 19.46
N GLU B 229 -18.89 33.30 20.43
CA GLU B 229 -19.05 34.75 20.48
C GLU B 229 -18.04 35.35 19.52
N TYR B 230 -18.52 36.01 18.47
CA TYR B 230 -17.67 36.34 17.35
C TYR B 230 -17.43 37.84 17.24
N GLN B 231 -16.32 38.17 16.58
CA GLN B 231 -16.02 39.51 16.12
C GLN B 231 -15.70 39.45 14.64
N ILE B 232 -16.04 40.53 13.93
CA ILE B 232 -15.82 40.57 12.49
C ILE B 232 -15.13 41.86 12.10
N GLY B 233 -14.56 41.86 10.91
CA GLY B 233 -13.85 43.00 10.38
C GLY B 233 -13.19 42.63 9.08
N TYR B 234 -12.48 43.60 8.52
CA TYR B 234 -11.66 43.38 7.35
C TYR B 234 -10.19 43.62 7.72
N ILE B 235 -9.29 43.10 6.91
CA ILE B 235 -7.86 43.31 7.11
C ILE B 235 -7.54 44.71 6.59
N CYS B 236 -7.16 45.61 7.49
CA CYS B 236 -7.10 47.03 7.14
C CYS B 236 -5.91 47.38 6.25
N SER B 237 -4.95 46.47 6.06
CA SER B 237 -3.73 46.77 5.32
C SER B 237 -4.01 47.19 3.89
N GLY B 238 -3.27 48.19 3.43
CA GLY B 238 -3.27 48.58 2.03
C GLY B 238 -2.59 47.60 1.11
N ILE B 239 -1.86 46.63 1.68
CA ILE B 239 -1.43 45.44 0.95
C ILE B 239 -2.66 44.54 0.85
N PHE B 240 -3.35 44.58 -0.29
CA PHE B 240 -4.57 43.80 -0.46
C PHE B 240 -4.26 42.34 -0.73
N GLY B 241 -5.07 41.45 -0.17
CA GLY B 241 -4.82 40.03 -0.25
C GLY B 241 -5.55 39.28 -1.34
N ASP B 242 -6.72 39.76 -1.75
CA ASP B 242 -7.52 39.00 -2.71
C ASP B 242 -6.93 39.15 -4.12
N ASN B 243 -7.44 38.33 -5.03
CA ASN B 243 -7.13 38.38 -6.45
C ASN B 243 -8.41 38.05 -7.21
N PRO B 244 -8.96 38.97 -8.03
CA PRO B 244 -8.41 40.25 -8.51
C PRO B 244 -8.35 41.35 -7.46
N ARG B 245 -7.47 42.33 -7.64
CA ARG B 245 -7.26 43.38 -6.66
C ARG B 245 -6.65 44.59 -7.37
N PRO B 246 -6.77 45.78 -6.80
CA PRO B 246 -6.08 46.93 -7.35
C PRO B 246 -4.60 46.90 -6.93
N ASN B 247 -3.85 47.87 -7.45
CA ASN B 247 -2.49 48.05 -6.99
C ASN B 247 -2.52 48.60 -5.57
N ASP B 248 -1.44 48.33 -4.82
CA ASP B 248 -1.37 48.67 -3.41
C ASP B 248 -1.52 50.18 -3.20
N LYS B 249 -2.39 50.55 -2.28
CA LYS B 249 -2.73 51.94 -2.00
C LYS B 249 -3.06 52.03 -0.51
N THR B 250 -3.73 53.10 -0.12
CA THR B 250 -4.24 53.19 1.24
C THR B 250 -5.43 52.23 1.40
N GLY B 251 -5.35 51.37 2.41
CA GLY B 251 -6.38 50.40 2.66
C GLY B 251 -7.50 50.93 3.53
N SER B 252 -8.31 50.00 4.01
CA SER B 252 -9.38 50.25 4.96
C SER B 252 -9.85 48.90 5.46
N CYS B 253 -10.57 48.92 6.58
CA CYS B 253 -11.24 47.72 7.04
C CYS B 253 -12.75 47.87 7.10
N GLY B 254 -13.28 48.56 6.09
CA GLY B 254 -14.52 48.16 5.48
C GLY B 254 -14.13 47.42 4.22
N PRO B 255 -15.11 46.88 3.50
CA PRO B 255 -14.78 46.19 2.25
C PRO B 255 -14.34 47.19 1.17
N VAL B 256 -13.17 46.93 0.58
CA VAL B 256 -12.60 47.83 -0.43
C VAL B 256 -13.23 47.47 -1.78
N SER B 257 -13.90 48.45 -2.38
CA SER B 257 -14.73 48.18 -3.55
C SER B 257 -13.91 47.90 -4.81
N SER B 258 -12.77 48.57 -4.97
CA SER B 258 -12.02 48.53 -6.22
C SER B 258 -11.52 47.12 -6.52
N ASN B 259 -11.91 46.62 -7.70
CA ASN B 259 -11.64 45.24 -8.14
C ASN B 259 -12.16 44.22 -7.13
N GLY B 260 -13.27 44.56 -6.49
CA GLY B 260 -13.77 43.79 -5.37
C GLY B 260 -14.55 42.56 -5.75
N ALA B 261 -15.15 42.55 -6.95
CA ALA B 261 -15.91 41.41 -7.40
C ALA B 261 -15.00 40.21 -7.63
N ASN B 262 -15.58 39.01 -7.47
CA ASN B 262 -14.88 37.74 -7.56
C ASN B 262 -13.73 37.68 -6.55
N GLY B 263 -12.80 36.75 -6.74
CA GLY B 263 -11.75 36.57 -5.76
C GLY B 263 -11.12 35.21 -5.84
N VAL B 264 -10.35 34.89 -4.81
CA VAL B 264 -9.65 33.62 -4.70
C VAL B 264 -9.57 33.26 -3.22
N LYS B 265 -9.63 31.95 -2.95
CA LYS B 265 -9.50 31.51 -1.57
C LYS B 265 -8.10 31.80 -1.07
N GLY B 266 -8.01 32.47 0.07
CA GLY B 266 -6.73 32.84 0.64
C GLY B 266 -6.67 32.65 2.14
N PHE B 267 -5.66 33.25 2.77
CA PHE B 267 -5.44 33.11 4.20
C PHE B 267 -4.63 34.30 4.67
N SER B 268 -4.57 34.46 5.99
CA SER B 268 -3.66 35.39 6.65
C SER B 268 -3.47 34.91 8.08
N PHE B 269 -2.37 35.35 8.69
CA PHE B 269 -2.04 34.98 10.06
C PHE B 269 -1.91 36.26 10.88
N LYS B 270 -2.77 36.43 11.87
CA LYS B 270 -2.75 37.61 12.71
C LYS B 270 -1.74 37.44 13.84
N TYR B 271 -0.84 38.41 13.98
CA TYR B 271 0.17 38.42 15.05
C TYR B 271 0.04 39.74 15.80
N GLY B 272 -0.86 39.79 16.77
CA GLY B 272 -1.14 41.03 17.48
C GLY B 272 -1.77 42.07 16.58
N ASN B 273 -1.01 43.10 16.22
CA ASN B 273 -1.42 44.04 15.20
C ASN B 273 -0.81 43.74 13.84
N GLY B 274 0.20 42.88 13.79
CA GLY B 274 0.78 42.48 12.54
C GLY B 274 -0.04 41.42 11.83
N VAL B 275 0.35 41.13 10.59
CA VAL B 275 -0.29 40.09 9.82
C VAL B 275 0.69 39.58 8.77
N TRP B 276 0.76 38.26 8.63
CA TRP B 276 1.42 37.63 7.50
C TRP B 276 0.40 37.42 6.39
N ILE B 277 0.65 38.00 5.23
CA ILE B 277 -0.31 37.98 4.13
C ILE B 277 0.26 37.12 3.00
N GLY B 278 -0.46 36.05 2.67
CA GLY B 278 -0.19 35.30 1.46
C GLY B 278 -1.11 35.78 0.35
N ARG B 279 -0.52 36.05 -0.80
CA ARG B 279 -1.29 36.60 -1.92
C ARG B 279 -0.57 36.29 -3.22
N THR B 280 -1.34 36.36 -4.31
CA THR B 280 -0.78 36.29 -5.65
C THR B 280 0.10 37.48 -5.93
N LYS B 281 1.10 37.28 -6.79
CA LYS B 281 1.91 38.40 -7.25
C LYS B 281 1.13 39.29 -8.22
N SER B 282 0.46 38.67 -9.18
CA SER B 282 -0.34 39.41 -10.14
C SER B 282 -1.62 39.93 -9.47
N ILE B 283 -1.98 41.17 -9.80
CA ILE B 283 -3.21 41.75 -9.26
C ILE B 283 -4.43 41.43 -10.10
N SER B 284 -4.26 40.83 -11.28
CA SER B 284 -5.37 40.55 -12.18
C SER B 284 -5.66 39.06 -12.32
N SER B 285 -4.64 38.21 -12.32
CA SER B 285 -4.84 36.78 -12.49
C SER B 285 -4.18 36.04 -11.33
N ARG B 286 -4.45 34.74 -11.27
CA ARG B 286 -3.94 33.89 -10.20
C ARG B 286 -2.55 33.39 -10.58
N ASN B 287 -1.61 34.34 -10.62
CA ASN B 287 -0.25 34.11 -11.06
C ASN B 287 0.71 34.48 -9.94
N GLY B 288 1.63 33.58 -9.63
CA GLY B 288 2.62 33.82 -8.61
C GLY B 288 2.05 33.75 -7.20
N PHE B 289 2.95 33.74 -6.23
CA PHE B 289 2.55 33.80 -4.84
C PHE B 289 3.68 34.38 -4.01
N GLU B 290 3.31 35.17 -3.00
CA GLU B 290 4.29 35.77 -2.09
C GLU B 290 3.70 35.84 -0.69
N MET B 291 4.58 35.84 0.31
CA MET B 291 4.21 36.05 1.70
C MET B 291 4.78 37.38 2.17
N ILE B 292 3.91 38.23 2.70
CA ILE B 292 4.27 39.59 3.08
C ILE B 292 4.02 39.78 4.57
N TRP B 293 5.02 40.27 5.29
CA TRP B 293 4.89 40.59 6.70
C TRP B 293 4.62 42.08 6.86
N ASP B 294 3.45 42.40 7.37
CA ASP B 294 3.07 43.78 7.65
C ASP B 294 2.93 43.93 9.16
N PRO B 295 3.86 44.62 9.83
CA PRO B 295 3.83 44.69 11.29
C PRO B 295 2.63 45.41 11.89
N ASN B 296 1.88 46.16 11.09
CA ASN B 296 0.67 46.83 11.59
C ASN B 296 -0.52 46.60 10.67
N GLY B 297 -0.44 45.63 9.77
CA GLY B 297 -1.40 45.50 8.68
C GLY B 297 -2.78 45.02 9.09
N TRP B 298 -2.90 44.38 10.25
CA TRP B 298 -4.23 43.95 10.69
C TRP B 298 -5.13 45.13 11.00
N THR B 299 -4.55 46.18 11.57
CA THR B 299 -5.32 47.36 11.96
C THR B 299 -4.99 48.62 11.18
N GLY B 300 -3.77 48.75 10.64
CA GLY B 300 -3.34 49.99 10.00
C GLY B 300 -3.55 49.98 8.50
N THR B 301 -3.92 51.15 7.97
CA THR B 301 -4.36 51.26 6.58
C THR B 301 -3.23 51.46 5.57
N ASP B 302 -2.00 51.61 6.02
CA ASP B 302 -0.94 51.97 5.09
C ASP B 302 -0.49 50.76 4.26
N ASN B 303 0.31 51.04 3.24
CA ASN B 303 0.80 50.04 2.31
C ASN B 303 2.30 49.78 2.48
N ASN B 304 2.81 49.93 3.69
CA ASN B 304 4.21 49.67 4.00
C ASN B 304 4.32 48.37 4.77
N PHE B 305 5.23 47.51 4.33
CA PHE B 305 5.51 46.22 4.94
C PHE B 305 6.99 46.14 5.25
N SER B 306 7.43 45.01 5.80
CA SER B 306 8.84 44.89 6.13
C SER B 306 9.52 43.66 5.53
N ILE B 307 8.78 42.56 5.35
CA ILE B 307 9.35 41.34 4.78
C ILE B 307 8.46 40.88 3.64
N LYS B 308 9.08 40.54 2.50
CA LYS B 308 8.39 39.88 1.40
C LYS B 308 9.21 38.67 0.98
N GLN B 309 8.59 37.49 1.02
CA GLN B 309 9.21 36.26 0.56
C GLN B 309 8.44 35.75 -0.65
N ASP B 310 9.17 35.42 -1.70
CA ASP B 310 8.56 34.89 -2.92
C ASP B 310 8.34 33.39 -2.77
N ILE B 311 7.19 32.93 -3.26
CA ILE B 311 6.81 31.53 -3.18
C ILE B 311 6.69 30.91 -4.57
N VAL B 312 5.90 31.55 -5.44
CA VAL B 312 5.72 31.11 -6.82
C VAL B 312 6.04 32.30 -7.72
N GLY B 313 6.76 32.06 -8.80
CA GLY B 313 7.12 33.12 -9.72
C GLY B 313 5.91 33.68 -10.45
N ILE B 314 6.01 34.98 -10.80
CA ILE B 314 4.88 35.72 -11.37
C ILE B 314 4.43 35.15 -12.70
N ASN B 315 5.32 34.49 -13.44
CA ASN B 315 4.94 33.88 -14.70
C ASN B 315 4.42 32.46 -14.54
N GLU B 316 4.33 31.97 -13.31
CA GLU B 316 3.82 30.63 -13.05
C GLU B 316 2.43 30.72 -12.47
N TRP B 317 1.63 29.70 -12.77
CA TRP B 317 0.25 29.68 -12.30
C TRP B 317 0.19 29.31 -10.82
N SER B 318 -0.72 29.97 -10.12
CA SER B 318 -0.98 29.70 -8.71
C SER B 318 -2.49 29.46 -8.63
N GLY B 319 -3.03 29.51 -7.43
CA GLY B 319 -4.46 29.32 -7.30
C GLY B 319 -4.95 29.59 -5.89
N TYR B 320 -5.77 28.67 -5.41
CA TYR B 320 -6.21 28.68 -4.02
C TYR B 320 -5.02 28.57 -3.07
N SER B 321 -5.10 29.27 -1.96
CA SER B 321 -4.15 29.10 -0.88
C SER B 321 -4.90 29.04 0.45
N GLY B 322 -4.42 28.20 1.35
CA GLY B 322 -5.07 28.08 2.64
C GLY B 322 -4.05 27.81 3.72
N SER B 323 -4.50 27.95 4.96
CA SER B 323 -3.65 27.80 6.12
C SER B 323 -3.91 26.46 6.79
N PHE B 324 -2.87 25.92 7.42
CA PHE B 324 -3.03 24.79 8.32
C PHE B 324 -2.01 24.93 9.43
N VAL B 325 -2.22 24.18 10.51
CA VAL B 325 -1.37 24.35 11.68
C VAL B 325 -0.81 23.00 12.09
N MET B 326 0.32 23.05 12.76
CA MET B 326 0.89 21.90 13.45
C MET B 326 0.86 22.16 14.95
N HIS B 327 0.05 21.39 15.65
CA HIS B 327 -0.15 21.53 17.07
C HIS B 327 1.08 21.03 17.84
N PRO B 328 1.26 21.49 19.09
CA PRO B 328 2.40 21.00 19.89
C PRO B 328 2.41 19.49 20.12
N GLU B 329 1.24 18.84 20.07
CA GLU B 329 1.17 17.39 20.23
C GLU B 329 1.80 16.64 19.06
N LEU B 330 2.02 17.30 17.93
CA LEU B 330 2.71 16.71 16.79
C LEU B 330 4.18 17.11 16.71
N THR B 331 4.49 18.36 17.02
CA THR B 331 5.86 18.86 16.90
C THR B 331 6.66 18.74 18.20
N GLY B 332 6.01 18.68 19.35
CA GLY B 332 6.72 18.72 20.61
C GLY B 332 7.15 20.10 21.04
N LEU B 333 6.71 21.14 20.35
CA LEU B 333 7.08 22.51 20.68
C LEU B 333 6.12 23.07 21.73
N ASP B 334 6.34 24.32 22.10
CA ASP B 334 5.47 25.03 23.04
C ASP B 334 4.50 25.96 22.33
N CYS B 335 4.50 25.99 20.99
CA CYS B 335 3.71 26.91 20.21
C CYS B 335 3.00 26.15 19.10
N ILE B 336 2.00 26.79 18.50
CA ILE B 336 1.34 26.23 17.32
C ILE B 336 2.03 26.79 16.09
N VAL B 337 2.54 25.90 15.24
CA VAL B 337 3.29 26.32 14.06
C VAL B 337 2.32 26.66 12.92
N PRO B 338 2.39 27.86 12.37
CA PRO B 338 1.54 28.19 11.21
C PRO B 338 2.14 27.67 9.92
N CYS B 339 1.27 27.14 9.06
CA CYS B 339 1.71 26.57 7.80
C CYS B 339 0.66 26.90 6.75
N PHE B 340 1.07 26.83 5.49
CA PHE B 340 0.11 27.10 4.44
C PHE B 340 0.44 26.28 3.22
N TRP B 341 -0.58 26.07 2.40
CA TRP B 341 -0.47 25.40 1.12
C TRP B 341 -0.89 26.34 0.01
N VAL B 342 -0.39 26.07 -1.19
CA VAL B 342 -0.79 26.79 -2.40
C VAL B 342 -1.13 25.76 -3.46
N GLU B 343 -2.26 25.93 -4.12
CA GLU B 343 -2.65 25.09 -5.24
C GLU B 343 -2.15 25.72 -6.53
N LEU B 344 -1.45 24.93 -7.34
CA LEU B 344 -0.95 25.38 -8.63
C LEU B 344 -1.86 24.80 -9.72
N ILE B 345 -2.67 25.64 -10.34
CA ILE B 345 -3.75 25.21 -11.21
C ILE B 345 -3.25 25.15 -12.65
N ARG B 346 -3.51 24.03 -13.32
CA ARG B 346 -3.09 23.83 -14.70
C ARG B 346 -4.30 23.51 -15.59
N GLY B 347 -4.15 23.83 -16.87
CA GLY B 347 -5.21 23.63 -17.83
C GLY B 347 -6.15 24.82 -17.89
N TRP B 355 -9.00 19.50 -19.54
CA TRP B 355 -9.21 19.35 -18.11
C TRP B 355 -8.68 20.54 -17.32
N THR B 356 -9.13 20.66 -16.08
CA THR B 356 -8.54 21.57 -15.11
C THR B 356 -8.09 20.75 -13.92
N SER B 357 -6.82 20.88 -13.55
CA SER B 357 -6.28 20.11 -12.44
C SER B 357 -5.23 20.92 -11.71
N GLY B 358 -4.89 20.49 -10.51
CA GLY B 358 -3.97 21.25 -9.68
C GLY B 358 -3.04 20.36 -8.89
N SER B 359 -1.79 20.82 -8.77
CA SER B 359 -0.84 20.27 -7.83
C SER B 359 -0.77 21.18 -6.61
N SER B 360 0.07 20.84 -5.66
CA SER B 360 0.12 21.58 -4.40
C SER B 360 1.54 21.68 -3.88
N ILE B 361 1.85 22.84 -3.28
CA ILE B 361 3.06 23.02 -2.51
C ILE B 361 2.67 23.52 -1.13
N SER B 362 3.53 23.29 -0.14
CA SER B 362 3.20 23.64 1.22
C SER B 362 4.43 24.14 1.94
N PHE B 363 4.20 25.10 2.85
CA PHE B 363 5.26 25.78 3.58
C PHE B 363 4.90 25.84 5.04
N CYS B 364 5.92 25.88 5.89
CA CYS B 364 5.71 26.03 7.32
C CYS B 364 6.56 27.18 7.84
N GLY B 365 6.00 27.91 8.80
CA GLY B 365 6.72 29.03 9.37
C GLY B 365 7.83 28.59 10.30
N VAL B 366 8.98 29.25 10.17
CA VAL B 366 10.13 29.00 11.01
C VAL B 366 10.73 30.35 11.39
N ASN B 367 11.54 30.33 12.45
CA ASN B 367 12.32 31.50 12.82
C ASN B 367 13.77 31.39 12.38
N SER B 368 14.12 30.34 11.64
CA SER B 368 15.47 30.18 11.15
C SER B 368 15.58 30.82 9.76
N ASP B 369 16.71 30.63 9.10
CA ASP B 369 16.96 31.28 7.83
C ASP B 369 16.19 30.61 6.70
N THR B 370 15.60 31.42 5.83
CA THR B 370 14.83 30.93 4.70
C THR B 370 15.36 31.58 3.42
N VAL B 371 14.86 31.11 2.29
CA VAL B 371 15.11 31.74 1.01
C VAL B 371 13.80 31.75 0.23
N GLY B 372 13.66 32.72 -0.66
CA GLY B 372 12.61 32.70 -1.64
C GLY B 372 13.07 32.02 -2.93
N TRP B 373 12.11 31.42 -3.62
CA TRP B 373 12.35 30.82 -4.93
C TRP B 373 11.03 30.75 -5.66
N SER B 374 11.00 29.97 -6.73
CA SER B 374 9.76 29.56 -7.38
C SER B 374 9.71 28.05 -7.38
N TRP B 375 8.65 27.48 -6.83
CA TRP B 375 8.40 26.04 -6.86
C TRP B 375 7.09 25.83 -7.64
N PRO B 376 7.12 25.97 -8.96
CA PRO B 376 5.88 25.90 -9.74
C PRO B 376 5.52 24.45 -10.04
N ASP B 377 4.37 24.27 -10.71
CA ASP B 377 3.87 22.93 -11.01
C ASP B 377 4.79 22.21 -11.98
N GLY B 378 5.23 22.90 -13.03
CA GLY B 378 6.26 22.39 -13.91
C GLY B 378 5.82 21.44 -15.00
N ALA B 379 4.53 21.13 -15.12
CA ALA B 379 4.09 20.27 -16.20
C ALA B 379 4.09 21.01 -17.53
N GLU B 380 4.61 20.35 -18.56
CA GLU B 380 4.70 20.90 -19.91
C GLU B 380 3.41 20.57 -20.64
N LEU B 381 2.48 21.51 -20.67
CA LEU B 381 1.19 21.32 -21.33
C LEU B 381 1.23 21.84 -22.76
N VAL C 1 14.42 3.44 21.32
CA VAL C 1 15.70 3.69 21.98
C VAL C 1 16.72 4.20 20.94
N LYS C 2 17.46 5.23 21.33
CA LYS C 2 18.55 5.77 20.52
C LYS C 2 19.59 4.71 20.19
N LEU C 3 20.12 4.77 18.98
CA LEU C 3 21.25 3.92 18.61
C LEU C 3 22.49 4.39 19.34
N ALA C 4 23.17 3.48 20.03
CA ALA C 4 24.35 3.84 20.82
C ALA C 4 25.49 4.30 19.93
N GLY C 5 25.82 3.50 18.92
CA GLY C 5 26.91 3.84 18.02
C GLY C 5 28.29 3.69 18.61
N ASN C 6 28.43 2.97 19.73
CA ASN C 6 29.71 2.86 20.41
C ASN C 6 30.45 1.57 20.12
N SER C 7 29.82 0.60 19.47
CA SER C 7 30.55 -0.58 19.09
C SER C 7 31.40 -0.30 17.85
N SER C 8 32.38 -1.16 17.62
CA SER C 8 33.25 -0.99 16.48
C SER C 8 32.67 -1.72 15.26
N LEU C 9 33.24 -1.42 14.09
CA LEU C 9 32.95 -2.19 12.90
C LEU C 9 33.50 -3.59 13.05
N CYS C 10 32.65 -4.63 12.75
CA CYS C 10 33.43 -5.85 12.89
C CYS C 10 34.07 -6.23 11.57
N PRO C 11 35.25 -6.85 11.63
CA PRO C 11 35.98 -7.18 10.41
C PRO C 11 35.20 -8.12 9.50
N VAL C 12 35.33 -7.88 8.21
CA VAL C 12 34.64 -8.63 7.18
C VAL C 12 35.66 -9.04 6.13
N SER C 13 35.43 -10.20 5.52
CA SER C 13 36.32 -10.71 4.49
C SER C 13 35.72 -10.64 3.09
N GLY C 14 34.45 -10.30 2.98
CA GLY C 14 33.79 -10.23 1.70
C GLY C 14 32.48 -9.51 1.85
N TRP C 15 31.79 -9.35 0.73
CA TRP C 15 30.58 -8.56 0.65
C TRP C 15 29.50 -9.40 -0.01
N ALA C 16 28.35 -9.47 0.64
CA ALA C 16 27.27 -10.32 0.18
C ALA C 16 26.13 -9.47 -0.37
N PRO C 17 25.55 -9.88 -1.50
CA PRO C 17 24.46 -9.10 -2.11
C PRO C 17 23.27 -8.98 -1.19
N LEU C 18 22.79 -7.75 -1.03
CA LEU C 18 21.68 -7.46 -0.14
C LEU C 18 20.42 -7.08 -0.90
N SER C 19 20.51 -6.13 -1.83
CA SER C 19 19.33 -5.74 -2.56
C SER C 19 19.68 -5.39 -3.99
N LYS C 20 18.67 -5.48 -4.84
CA LYS C 20 18.73 -5.03 -6.22
C LYS C 20 17.30 -4.75 -6.66
N ASP C 21 17.08 -3.55 -7.17
CA ASP C 21 15.72 -3.09 -7.43
C ASP C 21 15.21 -3.35 -8.85
N ASN C 22 16.12 -3.46 -9.83
CA ASN C 22 15.79 -3.63 -11.26
C ASN C 22 14.86 -2.53 -11.77
N SER C 23 15.20 -1.27 -11.43
CA SER C 23 14.29 -0.15 -11.62
C SER C 23 13.99 0.14 -13.09
N VAL C 24 15.03 0.25 -13.91
CA VAL C 24 14.83 0.69 -15.29
C VAL C 24 14.16 -0.41 -16.12
N ARG C 25 14.52 -1.67 -15.86
CA ARG C 25 13.87 -2.82 -16.50
C ARG C 25 12.38 -2.84 -16.23
N ILE C 26 11.98 -2.56 -14.98
CA ILE C 26 10.56 -2.49 -14.66
C ILE C 26 9.94 -1.23 -15.28
N GLY C 27 10.68 -0.13 -15.29
CA GLY C 27 10.15 1.15 -15.75
C GLY C 27 9.97 1.24 -17.24
N SER C 28 10.46 0.25 -17.99
CA SER C 28 10.11 0.16 -19.41
C SER C 28 8.60 -0.02 -19.63
N LYS C 29 7.90 -0.64 -18.68
CA LYS C 29 6.45 -0.83 -18.77
C LYS C 29 5.70 -0.15 -17.64
N GLY C 30 6.12 -0.35 -16.40
CA GLY C 30 5.46 0.24 -15.25
C GLY C 30 5.76 1.71 -15.08
N ASP C 31 5.10 2.30 -14.10
CA ASP C 31 5.26 3.72 -13.76
C ASP C 31 6.35 3.83 -12.70
N VAL C 32 7.57 4.10 -13.12
CA VAL C 32 8.73 4.14 -12.25
C VAL C 32 9.40 5.49 -12.41
N PHE C 33 9.74 6.12 -11.28
CA PHE C 33 10.36 7.43 -11.25
C PHE C 33 11.70 7.43 -11.99
N VAL C 34 12.01 8.55 -12.63
CA VAL C 34 13.38 8.86 -13.02
C VAL C 34 14.09 9.34 -11.76
N ILE C 35 15.09 8.58 -11.30
CA ILE C 35 15.77 8.91 -10.05
C ILE C 35 17.26 9.06 -10.29
N ARG C 36 17.88 9.84 -9.41
CA ARG C 36 19.32 10.01 -9.36
C ARG C 36 19.74 10.11 -7.90
N GLU C 37 21.02 9.85 -7.67
CA GLU C 37 21.62 9.87 -6.34
C GLU C 37 20.84 9.06 -5.29
N PRO C 38 20.63 7.77 -5.51
CA PRO C 38 20.00 6.97 -4.46
C PRO C 38 20.97 6.68 -3.34
N PHE C 39 20.41 6.48 -2.15
CA PHE C 39 21.23 6.00 -1.04
C PHE C 39 20.35 5.22 -0.09
N ILE C 40 20.99 4.45 0.79
CA ILE C 40 20.33 3.54 1.70
C ILE C 40 20.60 3.99 3.12
N SER C 41 19.56 3.97 3.95
CA SER C 41 19.69 4.16 5.38
C SER C 41 18.71 3.22 6.08
N CYS C 42 19.10 2.75 7.27
CA CYS C 42 18.35 1.73 7.97
C CYS C 42 17.86 2.27 9.31
N SER C 43 16.59 2.02 9.60
CA SER C 43 16.02 2.20 10.92
C SER C 43 16.26 0.93 11.74
N PRO C 44 15.98 0.94 13.04
CA PRO C 44 16.06 -0.32 13.82
C PRO C 44 15.07 -1.39 13.39
N LEU C 45 14.13 -1.10 12.49
CA LEU C 45 13.20 -2.07 11.95
C LEU C 45 13.60 -2.53 10.55
N GLU C 46 13.93 -1.60 9.66
CA GLU C 46 14.08 -1.88 8.23
C GLU C 46 15.12 -0.93 7.63
N CYS C 47 15.55 -1.26 6.41
CA CYS C 47 16.37 -0.37 5.59
C CYS C 47 15.50 0.22 4.49
N ARG C 48 15.80 1.45 4.10
CA ARG C 48 15.03 2.17 3.10
C ARG C 48 15.95 2.77 2.05
N THR C 49 15.51 2.74 0.80
CA THR C 49 16.22 3.38 -0.28
C THR C 49 15.67 4.79 -0.45
N PHE C 50 16.53 5.78 -0.28
CA PHE C 50 16.22 7.18 -0.47
C PHE C 50 16.73 7.59 -1.84
N PHE C 51 16.00 8.48 -2.51
CA PHE C 51 16.37 8.86 -3.87
C PHE C 51 15.83 10.23 -4.18
N LEU C 52 16.49 10.90 -5.12
CA LEU C 52 16.05 12.18 -5.64
C LEU C 52 15.30 11.94 -6.94
N THR C 53 13.99 12.17 -6.93
CA THR C 53 13.22 12.19 -8.16
C THR C 53 13.43 13.52 -8.86
N GLN C 54 13.23 13.51 -10.18
CA GLN C 54 13.10 14.72 -10.96
C GLN C 54 11.66 15.18 -11.03
N GLY C 55 10.76 14.50 -10.33
CA GLY C 55 9.33 14.66 -10.52
C GLY C 55 8.84 14.16 -11.86
N ALA C 56 9.43 13.08 -12.38
CA ALA C 56 9.11 12.57 -13.71
C ALA C 56 9.25 11.06 -13.72
N LEU C 57 8.53 10.42 -14.64
CA LEU C 57 8.52 8.98 -14.78
C LEU C 57 9.32 8.55 -15.99
N LEU C 58 9.79 7.30 -15.96
CA LEU C 58 10.46 6.71 -17.11
C LEU C 58 9.46 6.58 -18.25
N ASN C 59 9.97 6.67 -19.48
CA ASN C 59 9.19 6.61 -20.73
C ASN C 59 8.06 7.63 -20.73
N ASP C 60 8.45 8.89 -20.53
CA ASP C 60 7.53 10.02 -20.55
C ASP C 60 8.33 11.27 -20.92
N LYS C 61 7.65 12.22 -21.56
CA LYS C 61 8.32 13.41 -22.08
C LYS C 61 8.78 14.36 -20.98
N HIS C 62 8.34 14.18 -19.74
CA HIS C 62 8.84 14.98 -18.63
C HIS C 62 10.20 14.51 -18.14
N SER C 63 10.65 13.32 -18.54
CA SER C 63 11.93 12.81 -18.10
C SER C 63 13.08 13.57 -18.73
N ASP C 69 20.31 20.08 -13.10
CA ASP C 69 20.68 19.26 -11.96
C ASP C 69 19.93 19.69 -10.70
N ARG C 70 19.81 21.01 -10.52
CA ARG C 70 19.25 21.59 -9.30
C ARG C 70 17.98 22.34 -9.66
N SER C 71 16.88 21.61 -9.71
CA SER C 71 15.58 22.09 -10.10
C SER C 71 14.64 22.15 -8.91
N PRO C 72 13.64 23.04 -8.93
CA PRO C 72 12.65 23.08 -7.84
C PRO C 72 11.71 21.90 -7.81
N TYR C 73 11.65 21.11 -8.87
CA TYR C 73 10.83 19.91 -8.90
C TYR C 73 11.51 18.71 -8.26
N ARG C 74 12.80 18.81 -7.95
CA ARG C 74 13.51 17.71 -7.34
C ARG C 74 13.04 17.50 -5.90
N THR C 75 12.70 16.27 -5.56
CA THR C 75 12.26 15.93 -4.22
C THR C 75 12.99 14.68 -3.74
N LEU C 76 13.26 14.65 -2.44
CA LEU C 76 13.73 13.44 -1.81
C LEU C 76 12.53 12.57 -1.46
N MET C 77 12.58 11.30 -1.87
CA MET C 77 11.54 10.34 -1.59
C MET C 77 12.19 9.08 -1.03
N SER C 78 11.38 8.11 -0.63
CA SER C 78 11.95 6.88 -0.10
C SER C 78 10.98 5.72 -0.31
N VAL C 79 11.56 4.54 -0.48
CA VAL C 79 10.83 3.27 -0.61
C VAL C 79 11.51 2.24 0.26
N PRO C 80 10.81 1.15 0.61
CA PRO C 80 11.50 0.00 1.20
C PRO C 80 12.58 -0.52 0.26
N ILE C 81 13.66 -1.02 0.86
CA ILE C 81 14.82 -1.45 0.10
C ILE C 81 14.46 -2.59 -0.86
N GLY C 82 14.96 -2.49 -2.09
CA GLY C 82 14.70 -3.48 -3.12
C GLY C 82 13.44 -3.27 -3.94
N SER C 83 12.54 -2.39 -3.50
CA SER C 83 11.32 -2.14 -4.25
C SER C 83 11.56 -1.05 -5.28
N VAL C 84 10.80 -1.11 -6.36
CA VAL C 84 11.02 -0.11 -7.43
C VAL C 84 10.51 1.24 -6.96
N PRO C 85 11.17 2.33 -7.32
CA PRO C 85 10.66 3.65 -6.93
C PRO C 85 9.53 4.11 -7.82
N SER C 86 8.31 4.04 -7.30
CA SER C 86 7.12 4.36 -8.07
C SER C 86 6.28 5.36 -7.28
N PRO C 87 5.51 6.20 -7.96
CA PRO C 87 4.65 7.15 -7.24
C PRO C 87 3.58 6.48 -6.38
N TYR C 88 3.29 5.20 -6.60
CA TYR C 88 2.27 4.50 -5.84
C TYR C 88 2.81 3.80 -4.60
N ASN C 89 4.13 3.78 -4.39
CA ASN C 89 4.69 3.19 -3.18
C ASN C 89 5.80 4.02 -2.55
N ALA C 90 6.18 5.15 -3.14
CA ALA C 90 7.19 6.02 -2.57
C ALA C 90 6.57 6.91 -1.49
N ARG C 91 7.31 7.08 -0.40
CA ARG C 91 6.99 8.05 0.64
C ARG C 91 7.74 9.35 0.36
N PHE C 92 7.02 10.46 0.40
CA PHE C 92 7.67 11.76 0.24
C PHE C 92 8.49 12.11 1.48
N GLU C 93 9.68 12.67 1.28
CA GLU C 93 10.54 13.06 2.38
C GLU C 93 10.75 14.56 2.46
N SER C 94 11.26 15.17 1.39
CA SER C 94 11.52 16.60 1.39
C SER C 94 11.73 17.08 -0.03
N ILE C 95 11.65 18.39 -0.20
CA ILE C 95 12.07 19.05 -1.43
C ILE C 95 13.58 19.25 -1.36
N ALA C 96 14.29 18.75 -2.38
CA ALA C 96 15.73 18.64 -2.29
C ALA C 96 16.38 18.33 -3.64
N TRP C 97 17.42 19.07 -4.01
CA TRP C 97 18.32 18.60 -5.05
C TRP C 97 19.65 18.13 -4.50
N SER C 98 19.85 18.20 -3.18
CA SER C 98 20.93 17.53 -2.48
C SER C 98 20.37 17.10 -1.13
N ALA C 99 20.69 15.88 -0.70
CA ALA C 99 19.97 15.34 0.44
C ALA C 99 20.86 14.45 1.29
N SER C 100 20.42 14.26 2.53
CA SER C 100 20.96 13.23 3.41
C SER C 100 19.85 12.80 4.35
N ALA C 101 19.94 11.57 4.85
CA ALA C 101 18.92 11.06 5.75
C ALA C 101 19.48 9.96 6.63
N CYS C 102 19.02 9.91 7.88
CA CYS C 102 19.43 8.88 8.82
C CYS C 102 18.37 8.75 9.91
N HIS C 103 18.48 7.67 10.68
CA HIS C 103 17.55 7.35 11.75
C HIS C 103 18.32 7.21 13.04
N ASP C 104 17.95 7.99 14.06
CA ASP C 104 18.69 7.97 15.30
C ASP C 104 18.25 6.87 16.25
N GLY C 105 17.33 6.01 15.82
CA GLY C 105 16.73 5.01 16.67
C GLY C 105 15.31 5.34 17.09
N ILE C 106 14.88 6.59 16.94
CA ILE C 106 13.51 7.00 17.27
C ILE C 106 12.75 7.40 16.01
N ASN C 107 13.27 8.38 15.27
CA ASN C 107 12.59 8.93 14.11
C ASN C 107 13.61 9.16 13.01
N TRP C 108 13.10 9.37 11.80
CA TRP C 108 13.94 9.73 10.67
C TRP C 108 14.35 11.19 10.76
N LEU C 109 15.60 11.45 10.44
CA LEU C 109 16.07 12.80 10.20
C LEU C 109 16.33 12.91 8.70
N THR C 110 15.71 13.90 8.08
CA THR C 110 15.86 14.15 6.65
C THR C 110 16.44 15.55 6.47
N ILE C 111 17.50 15.64 5.67
CA ILE C 111 18.13 16.91 5.34
C ILE C 111 17.93 17.14 3.85
N GLY C 112 17.29 18.24 3.50
CA GLY C 112 17.03 18.51 2.11
C GLY C 112 17.43 19.92 1.72
N ILE C 113 18.28 20.04 0.72
CA ILE C 113 18.77 21.33 0.25
C ILE C 113 18.00 21.73 -1.00
N THR C 114 17.44 22.93 -0.98
CA THR C 114 16.74 23.47 -2.14
C THR C 114 16.93 24.99 -2.17
N GLY C 115 16.63 25.59 -3.32
CA GLY C 115 16.82 27.00 -3.52
C GLY C 115 17.80 27.30 -4.63
N PRO C 116 18.09 28.57 -4.86
CA PRO C 116 19.04 28.93 -5.92
C PRO C 116 20.47 28.64 -5.52
N ASP C 117 21.34 28.64 -6.54
CA ASP C 117 22.76 28.33 -6.35
C ASP C 117 23.46 29.34 -5.43
N ASN C 118 23.02 30.60 -5.44
CA ASN C 118 23.60 31.61 -4.56
C ASN C 118 22.83 31.76 -3.25
N GLY C 119 21.76 31.03 -3.06
CA GLY C 119 20.98 31.18 -1.85
C GLY C 119 20.38 29.91 -1.30
N ALA C 120 21.00 28.76 -1.55
CA ALA C 120 20.42 27.49 -1.16
C ALA C 120 20.34 27.37 0.36
N VAL C 121 19.31 26.66 0.83
CA VAL C 121 19.07 26.45 2.25
C VAL C 121 18.82 24.97 2.49
N ALA C 122 19.48 24.41 3.50
CA ALA C 122 19.21 23.05 3.93
C ALA C 122 18.04 23.03 4.89
N ILE C 123 17.03 22.25 4.59
CA ILE C 123 15.87 22.09 5.46
C ILE C 123 16.02 20.77 6.19
N LEU C 124 16.02 20.83 7.52
CA LEU C 124 16.14 19.66 8.37
C LEU C 124 14.76 19.27 8.85
N LYS C 125 14.44 17.98 8.72
CA LYS C 125 13.15 17.46 9.13
C LYS C 125 13.35 16.31 10.10
N TYR C 126 12.69 16.38 11.25
CA TYR C 126 12.67 15.29 12.21
C TYR C 126 11.25 14.78 12.35
N ASN C 127 11.02 13.53 11.95
CA ASN C 127 9.68 12.92 11.87
C ASN C 127 8.73 13.77 11.03
N GLY C 128 9.21 14.21 9.87
CA GLY C 128 8.40 14.98 8.94
C GLY C 128 8.14 16.41 9.33
N ILE C 129 8.60 16.86 10.49
CA ILE C 129 8.39 18.22 10.97
C ILE C 129 9.66 19.01 10.69
N ILE C 130 9.50 20.21 10.12
CA ILE C 130 10.65 21.07 9.92
C ILE C 130 11.13 21.57 11.28
N THR C 131 12.40 21.30 11.58
CA THR C 131 12.96 21.60 12.89
C THR C 131 14.11 22.57 12.84
N ASP C 132 14.77 22.75 11.70
CA ASP C 132 15.89 23.67 11.58
C ASP C 132 16.17 23.90 10.10
N THR C 133 16.80 25.04 9.83
CA THR C 133 17.34 25.34 8.51
C THR C 133 18.74 25.92 8.63
N ILE C 134 19.56 25.65 7.62
CA ILE C 134 20.90 26.21 7.47
C ILE C 134 20.95 26.92 6.12
N LYS C 135 21.32 28.19 6.14
CA LYS C 135 21.48 28.90 4.87
C LYS C 135 22.91 28.82 4.38
N SER C 136 23.07 29.02 3.07
CA SER C 136 24.38 28.95 2.45
C SER C 136 25.27 30.07 2.95
N TRP C 137 26.51 29.72 3.31
CA TRP C 137 27.46 30.67 3.85
C TRP C 137 28.53 31.10 2.85
N ARG C 138 28.59 30.48 1.67
CA ARG C 138 29.46 30.94 0.59
C ARG C 138 28.70 31.32 -0.67
N ASN C 139 27.41 30.98 -0.76
CA ASN C 139 26.54 31.32 -1.89
C ASN C 139 27.02 30.71 -3.20
N ASN C 140 27.65 29.54 -3.12
CA ASN C 140 28.04 28.79 -4.32
C ASN C 140 27.69 27.32 -4.09
N ILE C 141 26.43 26.99 -4.36
CA ILE C 141 25.89 25.62 -4.37
C ILE C 141 26.14 24.91 -3.05
N LEU C 142 25.34 25.21 -2.04
CA LEU C 142 25.37 24.48 -0.79
C LEU C 142 24.93 23.05 -1.03
N ARG C 143 25.72 22.09 -0.56
CA ARG C 143 25.50 20.70 -0.93
C ARG C 143 25.94 19.78 0.19
N THR C 144 25.45 18.55 0.17
CA THR C 144 25.64 17.62 1.28
C THR C 144 25.94 16.23 0.72
N GLN C 145 25.79 15.21 1.58
CA GLN C 145 26.43 13.91 1.41
C GLN C 145 25.95 13.15 0.19
N GLU C 146 24.64 13.21 -0.11
CA GLU C 146 23.94 12.23 -0.95
C GLU C 146 24.16 10.81 -0.45
N SER C 147 24.21 10.66 0.87
CA SER C 147 24.29 9.36 1.53
C SER C 147 23.82 9.54 2.96
N GLU C 148 23.76 8.44 3.70
CA GLU C 148 23.19 8.52 5.04
C GLU C 148 24.12 9.26 6.00
N CYS C 149 23.53 10.12 6.82
CA CYS C 149 24.27 10.68 7.93
C CYS C 149 24.54 9.59 8.96
N ALA C 150 25.48 9.85 9.86
CA ALA C 150 25.87 8.91 10.88
C ALA C 150 25.34 9.36 12.22
N CYS C 151 24.68 8.47 12.96
CA CYS C 151 24.11 8.81 14.25
C CYS C 151 24.80 8.04 15.37
N VAL C 152 25.27 8.78 16.37
CA VAL C 152 25.87 8.21 17.57
C VAL C 152 25.14 8.80 18.77
N ASN C 153 24.49 7.94 19.56
CA ASN C 153 23.90 8.29 20.86
C ASN C 153 22.93 9.47 20.76
N GLY C 154 21.98 9.37 19.83
CA GLY C 154 20.98 10.40 19.68
C GLY C 154 21.45 11.67 19.02
N SER C 155 22.69 11.70 18.50
CA SER C 155 23.20 12.81 17.72
C SER C 155 23.57 12.28 16.35
N CYS C 156 23.09 12.96 15.31
CA CYS C 156 23.41 12.60 13.93
C CYS C 156 24.32 13.65 13.33
N PHE C 157 25.24 13.21 12.48
CA PHE C 157 26.33 14.04 12.01
C PHE C 157 26.38 14.02 10.49
N THR C 158 26.73 15.17 9.91
CA THR C 158 26.83 15.29 8.46
C THR C 158 27.92 16.31 8.13
N VAL C 159 28.31 16.31 6.87
CA VAL C 159 29.31 17.23 6.33
C VAL C 159 28.67 17.97 5.16
N MET C 160 28.79 19.29 5.17
CA MET C 160 28.27 20.10 4.08
C MET C 160 29.38 20.96 3.48
N THR C 161 29.25 21.21 2.18
CA THR C 161 30.25 21.88 1.38
C THR C 161 29.59 23.08 0.71
N ASP C 162 30.25 24.24 0.78
CA ASP C 162 29.83 25.43 0.05
C ASP C 162 31.05 26.06 -0.59
N GLY C 163 30.93 26.44 -1.86
CA GLY C 163 32.06 26.95 -2.61
C GLY C 163 32.24 26.22 -3.93
N PRO C 164 33.30 26.54 -4.66
CA PRO C 164 33.50 25.94 -5.99
C PRO C 164 33.82 24.46 -5.93
N SER C 165 33.36 23.75 -6.96
CA SER C 165 33.65 22.32 -7.09
C SER C 165 34.93 22.04 -7.86
N ASN C 166 35.55 23.05 -8.47
CA ASN C 166 36.81 22.87 -9.16
C ASN C 166 37.96 23.60 -8.47
N GLY C 167 37.77 23.98 -7.22
CA GLY C 167 38.78 24.69 -6.48
C GLY C 167 38.52 24.60 -4.99
N GLN C 168 39.20 25.46 -4.23
CA GLN C 168 39.07 25.44 -2.78
C GLN C 168 37.68 25.91 -2.36
N ALA C 169 37.01 25.11 -1.55
CA ALA C 169 35.66 25.39 -1.06
C ALA C 169 35.69 25.42 0.48
N SER C 170 34.51 25.46 1.08
CA SER C 170 34.36 25.54 2.52
C SER C 170 33.53 24.35 3.01
N TYR C 171 34.02 23.69 4.05
CA TYR C 171 33.45 22.42 4.51
C TYR C 171 33.10 22.54 5.98
N LYS C 172 31.88 22.14 6.33
CA LYS C 172 31.37 22.27 7.69
C LYS C 172 30.85 20.93 8.19
N ILE C 173 31.14 20.63 9.46
CA ILE C 173 30.64 19.44 10.12
C ILE C 173 29.53 19.85 11.07
N PHE C 174 28.44 19.11 11.07
CA PHE C 174 27.28 19.42 11.88
C PHE C 174 27.01 18.31 12.89
N ARG C 175 26.59 18.70 14.08
CA ARG C 175 25.97 17.79 15.03
C ARG C 175 24.50 18.16 15.15
N ILE C 176 23.63 17.17 15.02
CA ILE C 176 22.19 17.39 14.95
C ILE C 176 21.51 16.48 15.96
N GLU C 177 20.76 17.07 16.89
CA GLU C 177 20.02 16.34 17.89
C GLU C 177 18.54 16.63 17.71
N LYS C 178 17.76 15.58 17.40
CA LYS C 178 16.31 15.67 17.18
C LYS C 178 15.96 16.72 16.11
N GLY C 179 16.75 16.75 15.04
CA GLY C 179 16.52 17.68 13.96
C GLY C 179 17.04 19.08 14.18
N LYS C 180 17.68 19.35 15.31
CA LYS C 180 18.18 20.68 15.64
C LYS C 180 19.70 20.69 15.62
N ILE C 181 20.29 21.69 14.97
CA ILE C 181 21.73 21.83 14.96
C ILE C 181 22.17 22.36 16.32
N VAL C 182 22.95 21.55 17.03
CA VAL C 182 23.49 21.98 18.31
C VAL C 182 24.95 22.39 18.24
N LYS C 183 25.69 21.94 17.22
CA LYS C 183 27.05 22.41 17.03
C LYS C 183 27.44 22.23 15.57
N SER C 184 28.05 23.26 15.02
CA SER C 184 28.66 23.22 13.71
C SER C 184 30.08 23.76 13.82
N VAL C 185 30.99 23.16 13.07
CA VAL C 185 32.40 23.56 13.02
C VAL C 185 32.81 23.61 11.56
N GLU C 186 33.62 24.60 11.19
CA GLU C 186 34.16 24.68 9.85
C GLU C 186 35.55 24.03 9.83
N MET C 187 35.77 23.15 8.85
CA MET C 187 37.03 22.44 8.73
C MET C 187 38.09 23.34 8.10
N ASN C 188 39.18 23.59 8.82
CA ASN C 188 40.32 24.29 8.26
C ASN C 188 41.14 23.29 7.46
N ALA C 189 40.89 23.25 6.15
CA ALA C 189 41.47 22.23 5.29
C ALA C 189 41.98 22.85 4.00
N PRO C 190 43.11 23.57 4.05
CA PRO C 190 43.68 24.14 2.83
C PRO C 190 44.26 23.04 1.95
N ASN C 191 44.12 23.22 0.64
CA ASN C 191 44.50 22.30 -0.44
C ASN C 191 43.67 21.02 -0.44
N TYR C 192 42.72 20.87 0.46
CA TYR C 192 41.81 19.74 0.50
C TYR C 192 40.52 20.11 -0.24
N HIS C 193 39.78 19.09 -0.64
CA HIS C 193 38.48 19.30 -1.27
C HIS C 193 37.56 18.16 -0.88
N TYR C 194 36.45 18.48 -0.24
CA TYR C 194 35.51 17.48 0.26
C TYR C 194 34.18 17.66 -0.45
N GLU C 195 33.71 16.59 -1.08
CA GLU C 195 32.41 16.58 -1.75
C GLU C 195 31.73 15.25 -1.49
N GLU C 196 30.45 15.29 -1.15
CA GLU C 196 29.56 14.12 -1.11
C GLU C 196 30.14 13.01 -0.23
N CYS C 197 30.31 13.34 1.05
CA CYS C 197 31.00 12.46 1.97
C CYS C 197 30.16 11.25 2.33
N SER C 198 30.79 10.09 2.39
CA SER C 198 30.19 8.88 2.95
C SER C 198 30.70 8.72 4.38
N CYS C 199 29.80 8.88 5.34
CA CYS C 199 30.14 8.92 6.76
C CYS C 199 29.55 7.70 7.47
N TYR C 200 30.30 7.14 8.40
CA TYR C 200 29.82 6.01 9.18
C TYR C 200 30.26 6.13 10.63
N PRO C 201 29.44 5.65 11.57
CA PRO C 201 29.87 5.62 12.97
C PRO C 201 30.79 4.44 13.24
N ASP C 202 31.72 4.64 14.17
CA ASP C 202 32.66 3.59 14.57
C ASP C 202 33.22 3.93 15.95
N SER C 203 32.76 3.21 16.98
CA SER C 203 33.23 3.36 18.36
C SER C 203 33.10 4.80 18.85
N SER C 204 31.87 5.31 18.77
CA SER C 204 31.44 6.65 19.18
C SER C 204 32.06 7.77 18.36
N GLU C 205 32.83 7.44 17.32
CA GLU C 205 33.44 8.42 16.44
C GLU C 205 32.88 8.24 15.03
N ILE C 206 32.97 9.31 14.24
CA ILE C 206 32.50 9.32 12.86
C ILE C 206 33.70 9.36 11.93
N THR C 207 33.65 8.59 10.85
CA THR C 207 34.64 8.65 9.78
C THR C 207 33.94 8.89 8.46
N CYS C 208 34.34 9.94 7.75
CA CYS C 208 33.81 10.27 6.43
C CYS C 208 34.90 10.12 5.39
N VAL C 209 34.55 9.52 4.25
CA VAL C 209 35.42 9.41 3.09
C VAL C 209 34.74 10.11 1.92
N CYS C 210 35.43 11.06 1.31
CA CYS C 210 34.75 11.98 0.40
C CYS C 210 35.37 12.05 -0.98
N ARG C 211 34.89 12.97 -1.81
CA ARG C 211 35.30 13.12 -3.19
C ARG C 211 36.09 14.41 -3.33
N ASP C 212 37.34 14.31 -3.77
CA ASP C 212 38.15 15.47 -4.15
C ASP C 212 37.87 15.71 -5.62
N ASN C 213 36.98 16.65 -5.91
CA ASN C 213 36.69 17.07 -7.27
C ASN C 213 37.72 18.06 -7.81
N TRP C 214 38.57 18.63 -6.95
CA TRP C 214 39.49 19.68 -7.38
C TRP C 214 40.75 19.09 -8.02
N HIS C 215 41.58 18.43 -7.21
CA HIS C 215 42.89 17.97 -7.68
C HIS C 215 43.29 16.64 -7.07
N GLY C 216 42.34 15.83 -6.67
CA GLY C 216 42.69 14.61 -5.97
C GLY C 216 42.06 13.38 -6.58
N SER C 217 42.90 12.41 -6.93
CA SER C 217 42.41 11.13 -7.41
C SER C 217 42.42 10.05 -6.34
N ASN C 218 43.08 10.29 -5.21
CA ASN C 218 42.78 9.53 -4.01
C ASN C 218 41.64 10.22 -3.27
N ARG C 219 41.17 9.61 -2.19
CA ARG C 219 39.99 10.14 -1.53
C ARG C 219 40.37 10.81 -0.21
N PRO C 220 39.91 12.04 0.02
CA PRO C 220 40.11 12.67 1.32
C PRO C 220 39.22 12.06 2.37
N TRP C 221 39.62 12.23 3.63
CA TRP C 221 38.81 11.76 4.73
C TRP C 221 38.85 12.76 5.88
N VAL C 222 37.79 12.76 6.67
CA VAL C 222 37.72 13.53 7.91
C VAL C 222 37.08 12.63 8.97
N SER C 223 37.68 12.60 10.14
CA SER C 223 37.13 11.87 11.27
C SER C 223 37.01 12.82 12.44
N PHE C 224 35.97 12.62 13.25
CA PHE C 224 35.71 13.52 14.36
C PHE C 224 34.93 12.80 15.43
N ASN C 225 35.04 13.31 16.66
CA ASN C 225 34.26 12.82 17.78
C ASN C 225 32.95 13.58 17.87
N GLN C 226 32.17 13.27 18.91
CA GLN C 226 30.86 13.88 19.08
C GLN C 226 30.93 15.37 19.39
N ASN C 227 32.07 15.86 19.84
CA ASN C 227 32.28 17.29 20.04
C ASN C 227 32.91 17.96 18.83
N LEU C 228 32.96 17.24 17.70
CA LEU C 228 33.43 17.75 16.41
C LEU C 228 34.87 18.22 16.46
N GLU C 229 35.70 17.59 17.28
CA GLU C 229 37.15 17.76 17.15
C GLU C 229 37.62 16.83 16.04
N TYR C 230 38.13 17.41 14.96
CA TYR C 230 38.32 16.66 13.73
C TYR C 230 39.79 16.44 13.41
N GLN C 231 40.03 15.39 12.63
CA GLN C 231 41.30 15.14 11.97
C GLN C 231 41.04 14.94 10.49
N ILE C 232 42.01 15.34 9.67
CA ILE C 232 41.86 15.24 8.22
C ILE C 232 43.09 14.60 7.62
N GLY C 233 42.92 14.11 6.39
CA GLY C 233 43.99 13.46 5.67
C GLY C 233 43.44 12.90 4.37
N TYR C 234 44.34 12.26 3.63
CA TYR C 234 43.96 11.52 2.44
C TYR C 234 44.25 10.05 2.66
N ILE C 235 43.63 9.20 1.85
CA ILE C 235 43.88 7.76 1.92
C ILE C 235 45.18 7.50 1.18
N CYS C 236 46.21 7.07 1.92
CA CYS C 236 47.56 7.05 1.36
C CYS C 236 47.78 5.91 0.36
N SER C 237 46.85 4.97 0.22
CA SER C 237 47.05 3.82 -0.64
C SER C 237 47.27 4.22 -2.10
N GLY C 238 48.22 3.53 -2.74
CA GLY C 238 48.43 3.64 -4.16
C GLY C 238 47.32 3.03 -4.99
N ILE C 239 46.43 2.25 -4.38
CA ILE C 239 45.16 1.87 -4.97
C ILE C 239 44.25 3.09 -4.84
N PHE C 240 44.14 3.87 -5.91
CA PHE C 240 43.34 5.09 -5.89
C PHE C 240 41.87 4.78 -5.99
N GLY C 241 41.06 5.54 -5.26
CA GLY C 241 39.64 5.27 -5.17
C GLY C 241 38.75 6.08 -6.08
N ASP C 242 39.16 7.29 -6.46
CA ASP C 242 38.28 8.14 -7.25
C ASP C 242 38.25 7.68 -8.71
N ASN C 243 37.31 8.25 -9.46
CA ASN C 243 37.18 8.05 -10.89
C ASN C 243 36.74 9.38 -11.49
N PRO C 244 37.55 10.01 -12.38
CA PRO C 244 38.75 9.50 -13.07
C PRO C 244 39.99 9.38 -12.18
N ARG C 245 40.94 8.53 -12.56
CA ARG C 245 42.10 8.26 -11.74
C ARG C 245 43.21 7.73 -12.65
N PRO C 246 44.46 7.82 -12.23
CA PRO C 246 45.55 7.17 -12.98
C PRO C 246 45.56 5.67 -12.69
N ASN C 247 46.44 4.97 -13.40
CA ASN C 247 46.69 3.58 -13.06
C ASN C 247 47.43 3.50 -11.73
N ASP C 248 47.25 2.37 -11.06
CA ASP C 248 47.79 2.19 -9.70
C ASP C 248 49.30 2.33 -9.69
N LYS C 249 49.80 3.13 -8.75
CA LYS C 249 51.20 3.45 -8.63
C LYS C 249 51.50 3.67 -7.16
N THR C 250 52.62 4.33 -6.86
CA THR C 250 52.88 4.73 -5.48
C THR C 250 51.97 5.88 -5.10
N GLY C 251 51.24 5.73 -3.99
CA GLY C 251 50.31 6.72 -3.55
C GLY C 251 50.94 7.76 -2.65
N SER C 252 50.07 8.53 -2.01
CA SER C 252 50.45 9.53 -1.02
C SER C 252 49.17 9.93 -0.29
N CYS C 253 49.35 10.58 0.84
CA CYS C 253 48.22 11.20 1.51
C CYS C 253 48.37 12.70 1.67
N GLY C 254 48.87 13.32 0.62
CA GLY C 254 48.37 14.59 0.16
C GLY C 254 47.47 14.28 -1.00
N PRO C 255 46.84 15.29 -1.59
CA PRO C 255 46.01 15.03 -2.78
C PRO C 255 46.88 14.68 -3.98
N VAL C 256 46.56 13.55 -4.62
CA VAL C 256 47.34 13.10 -5.77
C VAL C 256 46.81 13.82 -7.01
N SER C 257 47.70 14.54 -7.68
CA SER C 257 47.29 15.48 -8.73
C SER C 257 46.83 14.77 -10.00
N SER C 258 47.49 13.67 -10.38
CA SER C 258 47.26 13.03 -11.67
C SER C 258 45.82 12.55 -11.80
N ASN C 259 45.15 13.03 -12.85
CA ASN C 259 43.72 12.78 -13.10
C ASN C 259 42.86 13.20 -11.90
N GLY C 260 43.30 14.24 -11.20
CA GLY C 260 42.67 14.63 -9.95
C GLY C 260 41.41 15.45 -10.11
N ALA C 261 41.26 16.12 -11.25
CA ALA C 261 40.06 16.91 -11.51
C ALA C 261 38.85 16.01 -11.65
N ASN C 262 37.69 16.55 -11.30
CA ASN C 262 36.40 15.85 -11.27
C ASN C 262 36.48 14.62 -10.36
N GLY C 263 35.53 13.70 -10.49
CA GLY C 263 35.49 12.58 -9.59
C GLY C 263 34.12 11.94 -9.54
N VAL C 264 33.94 11.09 -8.54
CA VAL C 264 32.69 10.37 -8.33
C VAL C 264 32.53 10.18 -6.83
N LYS C 265 31.27 10.19 -6.38
CA LYS C 265 31.01 9.95 -4.97
C LYS C 265 31.37 8.52 -4.62
N GLY C 266 32.18 8.34 -3.59
CA GLY C 266 32.63 7.03 -3.18
C GLY C 266 32.64 6.85 -1.68
N PHE C 267 33.32 5.80 -1.22
CA PHE C 267 33.37 5.47 0.19
C PHE C 267 34.61 4.63 0.44
N SER C 268 34.95 4.47 1.71
CA SER C 268 35.95 3.52 2.17
C SER C 268 35.67 3.22 3.63
N PHE C 269 36.18 2.08 4.09
CA PHE C 269 36.01 1.64 5.47
C PHE C 269 37.38 1.45 6.09
N LYS C 270 37.68 2.23 7.13
CA LYS C 270 38.97 2.16 7.79
C LYS C 270 38.95 1.06 8.85
N TYR C 271 39.93 0.17 8.78
CA TYR C 271 40.08 -0.92 9.76
C TYR C 271 41.49 -0.84 10.33
N GLY C 272 41.67 -0.02 11.36
CA GLY C 272 42.99 0.21 11.92
C GLY C 272 43.90 0.93 10.93
N ASN C 273 44.87 0.21 10.39
CA ASN C 273 45.67 0.71 9.28
C ASN C 273 45.19 0.20 7.93
N GLY C 274 44.33 -0.80 7.92
CA GLY C 274 43.77 -1.30 6.69
C GLY C 274 42.62 -0.44 6.20
N VAL C 275 42.17 -0.73 4.99
CA VAL C 275 41.04 -0.03 4.41
C VAL C 275 40.40 -0.93 3.36
N TRP C 276 39.06 -1.00 3.39
CA TRP C 276 38.29 -1.59 2.31
C TRP C 276 37.94 -0.49 1.32
N ILE C 277 38.36 -0.63 0.08
CA ILE C 277 38.19 0.41 -0.93
C ILE C 277 37.19 -0.07 -1.97
N GLY C 278 36.09 0.66 -2.11
CA GLY C 278 35.18 0.48 -3.22
C GLY C 278 35.51 1.48 -4.31
N ARG C 279 35.62 0.99 -5.53
CA ARG C 279 36.01 1.84 -6.65
C ARG C 279 35.54 1.24 -7.95
N THR C 280 35.46 2.09 -8.97
CA THR C 280 35.21 1.64 -10.33
C THR C 280 36.36 0.78 -10.83
N LYS C 281 36.04 -0.14 -11.74
CA LYS C 281 37.09 -0.90 -12.41
C LYS C 281 37.84 -0.03 -13.41
N SER C 282 37.10 0.71 -14.24
CA SER C 282 37.71 1.59 -15.21
C SER C 282 38.32 2.81 -14.52
N ILE C 283 39.50 3.22 -14.98
CA ILE C 283 40.15 4.40 -14.43
C ILE C 283 39.71 5.68 -15.12
N SER C 284 38.97 5.60 -16.21
CA SER C 284 38.56 6.76 -16.98
C SER C 284 37.07 7.06 -16.90
N SER C 285 36.23 6.03 -16.87
CA SER C 285 34.79 6.22 -16.83
C SER C 285 34.21 5.47 -15.64
N ARG C 286 32.93 5.72 -15.38
CA ARG C 286 32.23 5.11 -14.25
C ARG C 286 31.68 3.74 -14.68
N ASN C 287 32.62 2.83 -14.93
CA ASN C 287 32.33 1.50 -15.44
C ASN C 287 32.85 0.47 -14.45
N GLY C 288 31.99 -0.48 -14.09
CA GLY C 288 32.37 -1.55 -13.20
C GLY C 288 32.49 -1.09 -11.75
N PHE C 289 32.60 -2.07 -10.87
CA PHE C 289 32.86 -1.77 -9.46
C PHE C 289 33.54 -2.96 -8.81
N GLU C 290 34.46 -2.67 -7.89
CA GLU C 290 35.16 -3.70 -7.15
C GLU C 290 35.44 -3.22 -5.72
N MET C 291 35.57 -4.19 -4.81
CA MET C 291 35.96 -3.93 -3.44
C MET C 291 37.34 -4.51 -3.20
N ILE C 292 38.26 -3.68 -2.71
CA ILE C 292 39.65 -4.05 -2.54
C ILE C 292 40.03 -3.92 -1.08
N TRP C 293 40.62 -4.97 -0.52
CA TRP C 293 41.12 -4.94 0.85
C TRP C 293 42.62 -4.67 0.83
N ASP C 294 43.01 -3.54 1.37
CA ASP C 294 44.41 -3.17 1.51
C ASP C 294 44.76 -3.15 2.99
N PRO C 295 45.53 -4.12 3.48
CA PRO C 295 45.80 -4.21 4.93
C PRO C 295 46.59 -3.05 5.50
N ASN C 296 47.23 -2.22 4.69
CA ASN C 296 47.95 -1.06 5.19
C ASN C 296 47.60 0.20 4.41
N GLY C 297 46.52 0.19 3.64
CA GLY C 297 46.25 1.22 2.66
C GLY C 297 45.83 2.56 3.24
N TRP C 298 45.35 2.59 4.48
CA TRP C 298 44.96 3.87 5.07
C TRP C 298 46.18 4.75 5.30
N THR C 299 47.31 4.16 5.67
CA THR C 299 48.53 4.91 5.94
C THR C 299 49.67 4.64 4.99
N GLY C 300 49.73 3.48 4.34
CA GLY C 300 50.88 3.11 3.52
C GLY C 300 50.68 3.43 2.04
N THR C 301 51.76 3.85 1.40
CA THR C 301 51.69 4.41 0.05
C THR C 301 51.74 3.37 -1.06
N ASP C 302 51.96 2.10 -0.74
CA ASP C 302 52.19 1.12 -1.78
C ASP C 302 50.88 0.73 -2.48
N ASN C 303 51.02 0.02 -3.59
CA ASN C 303 49.90 -0.41 -4.41
C ASN C 303 49.67 -1.92 -4.34
N ASN C 304 49.98 -2.52 -3.19
CA ASN C 304 49.77 -3.94 -2.97
C ASN C 304 48.58 -4.13 -2.04
N PHE C 305 47.66 -5.00 -2.43
CA PHE C 305 46.47 -5.36 -1.68
C PHE C 305 46.44 -6.86 -1.49
N SER C 306 45.39 -7.36 -0.83
CA SER C 306 45.31 -8.80 -0.60
C SER C 306 44.01 -9.43 -1.09
N ILE C 307 42.90 -8.70 -1.06
CA ILE C 307 41.62 -9.23 -1.50
C ILE C 307 41.01 -8.26 -2.50
N LYS C 308 40.52 -8.79 -3.62
CA LYS C 308 39.72 -8.02 -4.57
C LYS C 308 38.47 -8.82 -4.89
N GLN C 309 37.30 -8.21 -4.65
CA GLN C 309 36.02 -8.81 -4.99
C GLN C 309 35.35 -7.96 -6.06
N ASP C 310 34.89 -8.60 -7.11
CA ASP C 310 34.20 -7.91 -8.19
C ASP C 310 32.73 -7.71 -7.83
N ILE C 311 32.21 -6.54 -8.15
CA ILE C 311 30.83 -6.18 -7.87
C ILE C 311 30.04 -5.96 -9.15
N VAL C 312 30.54 -5.09 -10.03
CA VAL C 312 29.93 -4.81 -11.32
C VAL C 312 30.99 -5.05 -12.39
N GLY C 313 30.60 -5.69 -13.48
CA GLY C 313 31.54 -5.96 -14.56
C GLY C 313 31.99 -4.70 -15.27
N ILE C 314 33.22 -4.75 -15.79
CA ILE C 314 33.90 -3.57 -16.33
C ILE C 314 33.17 -3.02 -17.56
N ASN C 315 32.40 -3.85 -18.25
CA ASN C 315 31.63 -3.38 -19.40
C ASN C 315 30.24 -2.89 -19.02
N GLU C 316 29.92 -2.89 -17.73
CA GLU C 316 28.63 -2.43 -17.27
C GLU C 316 28.78 -1.07 -16.58
N TRP C 317 27.74 -0.27 -16.68
CA TRP C 317 27.78 1.06 -16.11
C TRP C 317 27.61 1.00 -14.59
N SER C 318 28.36 1.85 -13.90
CA SER C 318 28.28 2.01 -12.47
C SER C 318 28.05 3.50 -12.23
N GLY C 319 28.26 3.94 -11.01
CA GLY C 319 28.09 5.36 -10.74
C GLY C 319 28.54 5.73 -9.35
N TYR C 320 27.69 6.50 -8.68
CA TYR C 320 27.89 6.84 -7.28
C TYR C 320 27.91 5.57 -6.42
N SER C 321 28.75 5.57 -5.41
CA SER C 321 28.72 4.54 -4.39
C SER C 321 28.84 5.18 -3.02
N GLY C 322 28.13 4.62 -2.05
CA GLY C 322 28.18 5.16 -0.71
C GLY C 322 28.05 4.05 0.32
N SER C 323 28.36 4.41 1.55
CA SER C 323 28.36 3.47 2.66
C SER C 323 27.12 3.66 3.52
N PHE C 324 26.67 2.57 4.12
CA PHE C 324 25.68 2.64 5.17
C PHE C 324 25.96 1.54 6.17
N VAL C 325 25.36 1.65 7.34
CA VAL C 325 25.69 0.72 8.41
C VAL C 325 24.40 0.12 8.96
N MET C 326 24.55 -1.06 9.53
CA MET C 326 23.50 -1.70 10.31
C MET C 326 23.96 -1.79 11.76
N HIS C 327 23.28 -1.04 12.62
CA HIS C 327 23.61 -0.96 14.03
C HIS C 327 23.21 -2.25 14.76
N PRO C 328 23.84 -2.53 15.91
CA PRO C 328 23.46 -3.73 16.69
C PRO C 328 21.99 -3.77 17.11
N GLU C 329 21.34 -2.62 17.24
CA GLU C 329 19.93 -2.58 17.59
C GLU C 329 19.03 -3.12 16.48
N LEU C 330 19.54 -3.24 15.26
CA LEU C 330 18.79 -3.84 14.16
C LEU C 330 19.18 -5.29 13.90
N THR C 331 20.47 -5.62 14.02
CA THR C 331 20.93 -6.96 13.73
C THR C 331 20.99 -7.87 14.96
N GLY C 332 21.09 -7.31 16.16
CA GLY C 332 21.30 -8.11 17.33
C GLY C 332 22.73 -8.56 17.54
N LEU C 333 23.66 -8.06 16.73
CA LEU C 333 25.06 -8.44 16.84
C LEU C 333 25.76 -7.56 17.88
N ASP C 334 27.05 -7.80 18.07
CA ASP C 334 27.87 -7.02 18.96
C ASP C 334 28.70 -5.96 18.25
N CYS C 335 28.60 -5.86 16.93
CA CYS C 335 29.39 -4.91 16.15
C CYS C 335 28.46 -4.12 15.24
N ILE C 336 29.02 -3.13 14.57
CA ILE C 336 28.31 -2.39 13.53
C ILE C 336 28.69 -2.98 12.18
N VAL C 337 27.70 -3.44 11.43
CA VAL C 337 27.96 -4.08 10.15
C VAL C 337 28.14 -3.04 9.06
N PRO C 338 29.26 -3.04 8.34
CA PRO C 338 29.43 -2.10 7.22
C PRO C 338 28.74 -2.61 5.96
N CYS C 339 28.12 -1.68 5.25
CA CYS C 339 27.38 -2.02 4.05
C CYS C 339 27.56 -0.89 3.05
N PHE C 340 27.32 -1.19 1.78
CA PHE C 340 27.46 -0.15 0.79
C PHE C 340 26.48 -0.39 -0.34
N TRP C 341 26.16 0.69 -1.04
CA TRP C 341 25.32 0.67 -2.22
C TRP C 341 26.11 1.18 -3.41
N VAL C 342 25.69 0.78 -4.61
CA VAL C 342 26.22 1.28 -5.86
C VAL C 342 25.06 1.70 -6.74
N GLU C 343 25.15 2.88 -7.33
CA GLU C 343 24.16 3.35 -8.29
C GLU C 343 24.61 2.95 -9.69
N LEU C 344 23.73 2.31 -10.44
CA LEU C 344 24.01 1.92 -11.82
C LEU C 344 23.28 2.90 -12.74
N ILE C 345 24.04 3.78 -13.39
CA ILE C 345 23.50 4.92 -14.12
C ILE C 345 23.24 4.52 -15.57
N ARG C 346 22.04 4.82 -16.06
CA ARG C 346 21.66 4.52 -17.43
C ARG C 346 21.23 5.78 -18.17
N GLY C 347 21.37 5.74 -19.50
CA GLY C 347 21.05 6.87 -20.33
C GLY C 347 22.22 7.83 -20.47
N TRP C 355 16.72 10.73 -21.18
CA TRP C 355 16.76 10.83 -19.73
C TRP C 355 18.05 10.25 -19.16
N THR C 356 18.35 10.62 -17.92
CA THR C 356 19.38 9.97 -17.12
C THR C 356 18.71 9.42 -15.87
N SER C 357 18.89 8.12 -15.62
CA SER C 357 18.27 7.49 -14.47
C SER C 357 19.17 6.40 -13.94
N GLY C 358 18.88 5.96 -12.73
CA GLY C 358 19.72 4.95 -12.10
C GLY C 358 18.99 3.93 -11.27
N SER C 359 19.47 2.70 -11.29
CA SER C 359 19.05 1.67 -10.36
C SER C 359 20.12 1.53 -9.28
N SER C 360 19.91 0.60 -8.35
CA SER C 360 20.81 0.47 -7.22
C SER C 360 20.98 -0.98 -6.83
N ILE C 361 22.20 -1.33 -6.42
CA ILE C 361 22.50 -2.60 -5.77
C ILE C 361 23.17 -2.30 -4.44
N SER C 362 23.07 -3.24 -3.51
CA SER C 362 23.59 -3.02 -2.18
C SER C 362 24.20 -4.31 -1.62
N PHE C 363 25.26 -4.13 -0.85
CA PHE C 363 26.03 -5.24 -0.31
C PHE C 363 26.29 -4.99 1.16
N CYS C 364 26.43 -6.07 1.91
CA CYS C 364 26.78 -5.98 3.32
C CYS C 364 27.98 -6.85 3.62
N GLY C 365 28.84 -6.37 4.51
CA GLY C 365 30.03 -7.11 4.87
C GLY C 365 29.71 -8.30 5.76
N VAL C 366 30.35 -9.42 5.45
CA VAL C 366 30.21 -10.64 6.23
C VAL C 366 31.60 -11.25 6.38
N ASN C 367 31.72 -12.14 7.36
CA ASN C 367 32.93 -12.94 7.51
C ASN C 367 32.77 -14.35 6.97
N SER C 368 31.64 -14.65 6.35
CA SER C 368 31.40 -15.96 5.78
C SER C 368 31.85 -15.95 4.32
N ASP C 369 31.58 -17.03 3.60
CA ASP C 369 32.06 -17.17 2.23
C ASP C 369 31.24 -16.32 1.27
N THR C 370 31.93 -15.65 0.35
CA THR C 370 31.30 -14.81 -0.65
C THR C 370 31.77 -15.23 -2.03
N VAL C 371 31.14 -14.66 -3.05
CA VAL C 371 31.60 -14.79 -4.41
C VAL C 371 31.50 -13.42 -5.08
N GLY C 372 32.34 -13.21 -6.09
CA GLY C 372 32.19 -12.08 -6.96
C GLY C 372 31.36 -12.43 -8.18
N TRP C 373 30.67 -11.43 -8.71
CA TRP C 373 29.90 -11.58 -9.94
C TRP C 373 29.74 -10.19 -10.55
N SER C 374 28.82 -10.09 -11.50
CA SER C 374 28.34 -8.81 -12.00
C SER C 374 26.83 -8.78 -11.78
N TRP C 375 26.34 -7.76 -11.09
CA TRP C 375 24.91 -7.52 -10.91
C TRP C 375 24.58 -6.17 -11.53
N PRO C 376 24.56 -6.08 -12.86
CA PRO C 376 24.37 -4.79 -13.52
C PRO C 376 22.89 -4.42 -13.60
N ASP C 377 22.64 -3.23 -14.14
CA ASP C 377 21.27 -2.73 -14.22
C ASP C 377 20.43 -3.58 -15.17
N GLY C 378 20.96 -3.93 -16.34
CA GLY C 378 20.34 -4.89 -17.21
C GLY C 378 19.26 -4.38 -18.13
N ALA C 379 18.94 -3.08 -18.10
CA ALA C 379 17.93 -2.56 -19.02
C ALA C 379 18.50 -2.45 -20.43
N GLU C 380 17.70 -2.90 -21.40
CA GLU C 380 18.07 -2.88 -22.82
C GLU C 380 17.65 -1.53 -23.40
N LEU C 381 18.57 -0.59 -23.47
CA LEU C 381 18.30 0.74 -23.99
C LEU C 381 18.62 0.82 -25.48
N VAL D 1 6.26 -16.02 19.46
CA VAL D 1 6.59 -17.35 19.96
C VAL D 1 6.96 -18.27 18.79
N LYS D 2 8.03 -19.04 18.98
CA LYS D 2 8.46 -20.05 18.03
C LYS D 2 7.37 -21.07 17.76
N LEU D 3 7.25 -21.49 16.50
CA LEU D 3 6.37 -22.60 16.17
C LEU D 3 6.93 -23.90 16.73
N ALA D 4 6.11 -24.63 17.48
CA ALA D 4 6.59 -25.86 18.12
C ALA D 4 6.94 -26.92 17.09
N GLY D 5 6.02 -27.19 16.16
CA GLY D 5 6.23 -28.22 15.17
C GLY D 5 6.13 -29.64 15.69
N ASN D 6 5.63 -29.84 16.91
CA ASN D 6 5.61 -31.15 17.53
C ASN D 6 4.31 -31.90 17.33
N SER D 7 3.28 -31.27 16.77
CA SER D 7 2.06 -31.99 16.49
C SER D 7 2.18 -32.71 15.15
N SER D 8 1.28 -33.67 14.94
CA SER D 8 1.27 -34.45 13.72
C SER D 8 0.37 -33.80 12.68
N LEU D 9 0.50 -34.27 11.44
CA LEU D 9 -0.41 -33.87 10.38
C LEU D 9 -1.81 -34.40 10.66
N CYS D 10 -2.82 -33.55 10.53
CA CYS D 10 -4.07 -34.27 10.76
C CYS D 10 -4.58 -34.89 9.47
N PRO D 11 -5.19 -36.07 9.58
CA PRO D 11 -5.71 -36.75 8.39
C PRO D 11 -6.75 -35.93 7.67
N VAL D 12 -6.69 -35.97 6.35
CA VAL D 12 -7.57 -35.21 5.48
C VAL D 12 -8.13 -36.15 4.43
N SER D 13 -9.34 -35.87 3.98
CA SER D 13 -9.99 -36.68 2.95
C SER D 13 -10.11 -35.97 1.62
N GLY D 14 -9.79 -34.69 1.57
CA GLY D 14 -9.90 -33.93 0.35
C GLY D 14 -9.15 -32.63 0.50
N TRP D 15 -9.15 -31.86 -0.58
CA TRP D 15 -8.38 -30.64 -0.67
C TRP D 15 -9.30 -29.51 -1.12
N ALA D 16 -9.28 -28.42 -0.38
CA ALA D 16 -10.18 -27.32 -0.64
C ALA D 16 -9.42 -26.12 -1.20
N PRO D 17 -9.97 -25.46 -2.22
CA PRO D 17 -9.28 -24.32 -2.84
C PRO D 17 -9.04 -23.21 -1.85
N LEU D 18 -7.81 -22.72 -1.81
CA LEU D 18 -7.39 -21.68 -0.88
C LEU D 18 -7.12 -20.36 -1.59
N SER D 19 -6.31 -20.37 -2.63
CA SER D 19 -6.01 -19.13 -3.31
C SER D 19 -5.86 -19.36 -4.80
N LYS D 20 -6.06 -18.29 -5.55
CA LYS D 20 -5.80 -18.23 -6.98
C LYS D 20 -5.58 -16.78 -7.33
N ASP D 21 -4.46 -16.50 -7.97
CA ASP D 21 -4.04 -15.11 -8.19
C ASP D 21 -4.48 -14.50 -9.51
N ASN D 22 -4.72 -15.33 -10.54
CA ASN D 22 -5.08 -14.89 -11.90
C ASN D 22 -4.05 -13.90 -12.48
N SER D 23 -2.77 -14.26 -12.34
CA SER D 23 -1.68 -13.32 -12.60
C SER D 23 -1.60 -12.91 -14.07
N VAL D 24 -1.59 -13.88 -14.97
CA VAL D 24 -1.34 -13.57 -16.39
C VAL D 24 -2.54 -12.85 -17.00
N ARG D 25 -3.76 -13.24 -16.61
CA ARG D 25 -4.98 -12.56 -17.04
C ARG D 25 -4.96 -11.09 -16.65
N ILE D 26 -4.52 -10.79 -15.42
CA ILE D 26 -4.41 -9.40 -15.00
C ILE D 26 -3.25 -8.71 -15.73
N GLY D 27 -2.15 -9.43 -15.94
CA GLY D 27 -0.95 -8.86 -16.52
C GLY D 27 -1.05 -8.56 -17.99
N SER D 28 -2.12 -8.99 -18.64
CA SER D 28 -2.41 -8.54 -19.99
C SER D 28 -2.62 -7.02 -20.07
N LYS D 29 -3.11 -6.41 -19.00
CA LYS D 29 -3.32 -4.96 -18.95
C LYS D 29 -2.49 -4.29 -17.87
N GLY D 30 -2.52 -4.81 -16.64
CA GLY D 30 -1.79 -4.24 -15.54
C GLY D 30 -0.31 -4.53 -15.59
N ASP D 31 0.41 -3.94 -14.64
CA ASP D 31 1.86 -4.12 -14.50
C ASP D 31 2.11 -5.28 -13.56
N VAL D 32 2.33 -6.46 -14.11
CA VAL D 32 2.48 -7.68 -13.34
C VAL D 32 3.80 -8.33 -13.74
N PHE D 33 4.57 -8.74 -12.73
CA PHE D 33 5.87 -9.35 -12.94
C PHE D 33 5.78 -10.63 -13.78
N VAL D 34 6.81 -10.88 -14.58
CA VAL D 34 7.06 -12.21 -15.11
C VAL D 34 7.71 -13.01 -13.98
N ILE D 35 7.01 -14.04 -13.50
CA ILE D 35 7.51 -14.81 -12.36
C ILE D 35 7.63 -16.28 -12.73
N ARG D 36 8.51 -16.97 -12.01
CA ARG D 36 8.70 -18.42 -12.10
C ARG D 36 9.00 -18.94 -10.71
N GLU D 37 8.77 -20.24 -10.55
CA GLU D 37 8.96 -20.94 -9.28
C GLU D 37 8.30 -20.25 -8.09
N PRO D 38 6.98 -20.04 -8.12
CA PRO D 38 6.33 -19.50 -6.93
C PRO D 38 6.19 -20.56 -5.85
N PHE D 39 6.15 -20.11 -4.61
CA PHE D 39 5.82 -21.01 -3.52
C PHE D 39 5.17 -20.22 -2.39
N ILE D 40 4.53 -20.94 -1.49
CA ILE D 40 3.75 -20.35 -0.42
C ILE D 40 4.38 -20.74 0.91
N SER D 41 4.48 -19.76 1.81
CA SER D 41 4.85 -20.00 3.19
C SER D 41 4.01 -19.10 4.09
N CYS D 42 3.71 -19.58 5.29
CA CYS D 42 2.79 -18.90 6.19
C CYS D 42 3.50 -18.51 7.47
N SER D 43 3.29 -17.28 7.89
CA SER D 43 3.64 -16.81 9.22
C SER D 43 2.49 -17.13 10.17
N PRO D 44 2.68 -16.95 11.48
CA PRO D 44 1.53 -17.10 12.41
C PRO D 44 0.41 -16.10 12.21
N LEU D 45 0.59 -15.09 11.36
CA LEU D 45 -0.45 -14.13 11.03
C LEU D 45 -1.10 -14.41 9.67
N GLU D 46 -0.29 -14.67 8.64
CA GLU D 46 -0.76 -14.71 7.27
C GLU D 46 0.09 -15.69 6.47
N CYS D 47 -0.38 -16.02 5.26
CA CYS D 47 0.39 -16.76 4.26
C CYS D 47 0.83 -15.80 3.16
N ARG D 48 2.00 -16.06 2.59
CA ARG D 48 2.57 -15.20 1.57
C ARG D 48 3.03 -16.03 0.39
N THR D 49 2.84 -15.50 -0.81
CA THR D 49 3.33 -16.11 -2.03
C THR D 49 4.70 -15.53 -2.34
N PHE D 50 5.70 -16.40 -2.36
CA PHE D 50 7.07 -16.05 -2.71
C PHE D 50 7.29 -16.44 -4.17
N PHE D 51 8.08 -15.66 -4.88
CA PHE D 51 8.28 -15.91 -6.30
C PHE D 51 9.60 -15.33 -6.76
N LEU D 52 10.14 -15.91 -7.82
CA LEU D 52 11.34 -15.40 -8.46
C LEU D 52 10.92 -14.57 -9.66
N THR D 53 11.15 -13.26 -9.58
CA THR D 53 11.01 -12.40 -10.73
C THR D 53 12.23 -12.53 -11.62
N GLN D 54 12.03 -12.23 -12.90
CA GLN D 54 13.14 -12.04 -13.81
C GLN D 54 13.60 -10.59 -13.84
N GLY D 55 13.01 -9.74 -13.00
CA GLY D 55 13.18 -8.32 -13.11
C GLY D 55 12.47 -7.70 -14.30
N ALA D 56 11.34 -8.28 -14.72
CA ALA D 56 10.65 -7.85 -15.94
C ALA D 56 9.15 -8.00 -15.75
N LEU D 57 8.40 -7.23 -16.52
CA LEU D 57 6.95 -7.22 -16.47
C LEU D 57 6.36 -7.93 -17.68
N LEU D 58 5.13 -8.42 -17.52
CA LEU D 58 4.40 -9.00 -18.63
C LEU D 58 4.12 -7.92 -19.67
N ASN D 59 4.06 -8.35 -20.94
CA ASN D 59 3.84 -7.47 -22.10
C ASN D 59 4.86 -6.32 -22.14
N ASP D 60 6.14 -6.71 -22.16
CA ASP D 60 7.24 -5.76 -22.23
C ASP D 60 8.43 -6.46 -22.89
N LYS D 61 9.29 -5.65 -23.51
CA LYS D 61 10.46 -6.16 -24.23
C LYS D 61 11.46 -6.85 -23.32
N HIS D 62 11.45 -6.55 -22.02
CA HIS D 62 12.39 -7.17 -21.08
C HIS D 62 11.97 -8.56 -20.67
N SER D 63 10.74 -8.97 -20.95
CA SER D 63 10.25 -10.28 -20.55
C SER D 63 10.94 -11.39 -21.34
N ASP D 69 18.17 -18.98 -17.23
CA ASP D 69 17.52 -19.45 -16.02
C ASP D 69 18.10 -18.80 -14.77
N ARG D 70 19.44 -18.67 -14.76
CA ARG D 70 20.18 -18.20 -13.59
C ARG D 70 20.87 -16.90 -13.94
N SER D 71 20.14 -15.81 -13.80
CA SER D 71 20.56 -14.48 -14.16
C SER D 71 20.79 -13.64 -12.90
N PRO D 72 21.66 -12.62 -12.97
CA PRO D 72 21.84 -11.73 -11.81
C PRO D 72 20.67 -10.81 -11.55
N TYR D 73 19.75 -10.68 -12.49
CA TYR D 73 18.55 -9.87 -12.30
C TYR D 73 17.45 -10.60 -11.56
N ARG D 74 17.60 -11.92 -11.37
CA ARG D 74 16.57 -12.69 -10.68
C ARG D 74 16.57 -12.34 -9.20
N THR D 75 15.38 -12.03 -8.66
CA THR D 75 15.23 -11.70 -7.26
C THR D 75 14.06 -12.48 -6.67
N LEU D 76 14.21 -12.86 -5.41
CA LEU D 76 13.09 -13.39 -4.66
C LEU D 76 12.27 -12.23 -4.10
N MET D 77 10.97 -12.25 -4.35
CA MET D 77 10.04 -11.26 -3.86
C MET D 77 8.87 -11.97 -3.20
N SER D 78 7.96 -11.20 -2.61
CA SER D 78 6.82 -11.83 -1.96
C SER D 78 5.64 -10.86 -1.94
N VAL D 79 4.44 -11.44 -2.00
CA VAL D 79 3.17 -10.71 -1.91
C VAL D 79 2.26 -11.47 -0.96
N PRO D 80 1.23 -10.81 -0.42
CA PRO D 80 0.17 -11.56 0.27
C PRO D 80 -0.47 -12.57 -0.68
N ILE D 81 -0.89 -13.70 -0.10
CA ILE D 81 -1.42 -14.80 -0.89
C ILE D 81 -2.67 -14.38 -1.66
N GLY D 82 -2.73 -14.77 -2.93
CA GLY D 82 -3.85 -14.45 -3.80
C GLY D 82 -3.75 -13.13 -4.53
N SER D 83 -2.83 -12.25 -4.14
CA SER D 83 -2.68 -10.97 -4.81
C SER D 83 -1.74 -11.12 -6.00
N VAL D 84 -1.93 -10.27 -7.00
CA VAL D 84 -1.09 -10.40 -8.21
C VAL D 84 0.31 -9.91 -7.88
N PRO D 85 1.35 -10.53 -8.44
CA PRO D 85 2.70 -10.04 -8.18
C PRO D 85 3.04 -8.83 -9.03
N SER D 86 3.04 -7.66 -8.42
CA SER D 86 3.25 -6.41 -9.12
C SER D 86 4.35 -5.63 -8.40
N PRO D 87 5.09 -4.79 -9.13
CA PRO D 87 6.13 -3.98 -8.46
C PRO D 87 5.58 -2.99 -7.45
N TYR D 88 4.28 -2.70 -7.48
CA TYR D 88 3.69 -1.75 -6.54
C TYR D 88 3.16 -2.40 -5.27
N ASN D 89 3.17 -3.73 -5.17
CA ASN D 89 2.74 -4.39 -3.94
C ASN D 89 3.65 -5.53 -3.52
N ALA D 90 4.69 -5.85 -4.28
CA ALA D 90 5.63 -6.89 -3.91
C ALA D 90 6.66 -6.36 -2.91
N ARG D 91 6.97 -7.18 -1.92
CA ARG D 91 8.07 -6.92 -1.00
C ARG D 91 9.32 -7.63 -1.50
N PHE D 92 10.44 -6.92 -1.55
CA PHE D 92 11.70 -7.54 -1.94
C PHE D 92 12.21 -8.44 -0.82
N GLU D 93 12.73 -9.60 -1.20
CA GLU D 93 13.27 -10.54 -0.22
C GLU D 93 14.76 -10.76 -0.37
N SER D 94 15.24 -11.17 -1.53
CA SER D 94 16.66 -11.41 -1.75
C SER D 94 16.93 -11.50 -3.23
N ILE D 95 18.22 -11.39 -3.57
CA ILE D 95 18.70 -11.70 -4.90
C ILE D 95 18.91 -13.21 -4.98
N ALA D 96 18.28 -13.84 -5.98
CA ALA D 96 18.18 -15.29 -5.99
C ALA D 96 17.70 -15.83 -7.33
N TRP D 97 18.38 -16.83 -7.88
CA TRP D 97 17.77 -17.65 -8.92
C TRP D 97 17.39 -19.03 -8.42
N SER D 98 17.63 -19.33 -7.14
CA SER D 98 17.06 -20.47 -6.44
C SER D 98 16.81 -20.03 -5.01
N ALA D 99 15.67 -20.38 -4.45
CA ALA D 99 15.28 -19.77 -3.19
C ALA D 99 14.51 -20.74 -2.31
N SER D 100 14.48 -20.40 -1.02
CA SER D 100 13.58 -21.01 -0.06
C SER D 100 13.28 -19.99 1.01
N ALA D 101 12.13 -20.13 1.66
CA ALA D 101 11.74 -19.19 2.70
C ALA D 101 10.77 -19.83 3.67
N CYS D 102 10.89 -19.47 4.95
CA CYS D 102 9.99 -19.96 5.98
C CYS D 102 10.00 -19.00 7.16
N HIS D 103 9.04 -19.18 8.06
CA HIS D 103 8.86 -18.34 9.23
C HIS D 103 8.89 -19.21 10.46
N ASP D 104 9.80 -18.92 11.39
CA ASP D 104 9.95 -19.75 12.57
C ASP D 104 8.98 -19.40 13.69
N GLY D 105 8.07 -18.46 13.45
CA GLY D 105 7.20 -17.93 14.47
C GLY D 105 7.57 -16.55 14.96
N ILE D 106 8.79 -16.09 14.68
CA ILE D 106 9.25 -14.76 15.05
C ILE D 106 9.47 -13.90 13.82
N ASN D 107 10.34 -14.34 12.92
CA ASN D 107 10.73 -13.57 11.75
C ASN D 107 10.82 -14.49 10.55
N TRP D 108 10.87 -13.88 9.37
CA TRP D 108 11.08 -14.63 8.14
C TRP D 108 12.53 -15.02 8.01
N LEU D 109 12.75 -16.25 7.55
CA LEU D 109 14.06 -16.69 7.09
C LEU D 109 13.97 -16.82 5.58
N THR D 110 14.86 -16.14 4.88
CA THR D 110 14.92 -16.18 3.43
C THR D 110 16.28 -16.73 3.01
N ILE D 111 16.27 -17.72 2.13
CA ILE D 111 17.49 -18.30 1.59
C ILE D 111 17.51 -17.98 0.10
N GLY D 112 18.56 -17.30 -0.35
CA GLY D 112 18.64 -16.93 -1.74
C GLY D 112 19.99 -17.28 -2.34
N ILE D 113 19.97 -18.06 -3.41
CA ILE D 113 21.19 -18.49 -4.08
C ILE D 113 21.42 -17.62 -5.31
N THR D 114 22.61 -17.04 -5.40
CA THR D 114 22.99 -16.25 -6.56
C THR D 114 24.49 -16.42 -6.81
N GLY D 115 24.93 -16.03 -8.00
CA GLY D 115 26.31 -16.18 -8.38
C GLY D 115 26.45 -17.07 -9.60
N PRO D 116 27.69 -17.32 -10.03
CA PRO D 116 27.90 -18.18 -11.21
C PRO D 116 27.67 -19.65 -10.90
N ASP D 117 27.53 -20.43 -11.96
CA ASP D 117 27.25 -21.87 -11.85
C ASP D 117 28.38 -22.61 -11.13
N ASN D 118 29.62 -22.17 -11.27
CA ASN D 118 30.74 -22.79 -10.58
C ASN D 118 31.06 -22.14 -9.24
N GLY D 119 30.35 -21.09 -8.87
CA GLY D 119 30.67 -20.41 -7.64
C GLY D 119 29.48 -19.87 -6.87
N ALA D 120 28.31 -20.49 -7.02
CA ALA D 120 27.10 -19.95 -6.42
C ALA D 120 27.19 -19.99 -4.89
N VAL D 121 26.54 -19.01 -4.26
CA VAL D 121 26.53 -18.89 -2.81
C VAL D 121 25.10 -18.67 -2.35
N ALA D 122 24.67 -19.43 -1.33
CA ALA D 122 23.38 -19.20 -0.71
C ALA D 122 23.50 -18.11 0.34
N ILE D 123 22.67 -17.09 0.23
CA ILE D 123 22.63 -16.01 1.20
C ILE D 123 21.42 -16.22 2.08
N LEU D 124 21.66 -16.33 3.38
CA LEU D 124 20.61 -16.53 4.38
C LEU D 124 20.28 -15.19 5.01
N LYS D 125 19.00 -14.88 5.08
CA LYS D 125 18.53 -13.63 5.66
C LYS D 125 17.51 -13.92 6.75
N TYR D 126 17.74 -13.36 7.93
CA TYR D 126 16.79 -13.42 9.03
C TYR D 126 16.30 -12.02 9.34
N ASN D 127 15.01 -11.77 9.13
CA ASN D 127 14.39 -10.44 9.24
C ASN D 127 15.12 -9.42 8.37
N GLY D 128 15.40 -9.80 7.13
CA GLY D 128 16.04 -8.91 6.18
C GLY D 128 17.51 -8.66 6.39
N ILE D 129 18.11 -9.21 7.44
CA ILE D 129 19.53 -9.03 7.76
C ILE D 129 20.27 -10.26 7.27
N ILE D 130 21.38 -10.04 6.56
CA ILE D 130 22.21 -11.16 6.16
C ILE D 130 22.89 -11.75 7.39
N THR D 131 22.66 -13.03 7.62
CA THR D 131 23.13 -13.69 8.83
C THR D 131 24.09 -14.84 8.57
N ASP D 132 24.11 -15.40 7.36
CA ASP D 132 25.00 -16.49 7.03
C ASP D 132 25.04 -16.66 5.51
N THR D 133 26.14 -17.24 5.04
CA THR D 133 26.26 -17.67 3.66
C THR D 133 26.85 -19.07 3.59
N ILE D 134 26.45 -19.81 2.56
CA ILE D 134 26.99 -21.13 2.23
C ILE D 134 27.51 -21.07 0.82
N LYS D 135 28.77 -21.43 0.62
CA LYS D 135 29.31 -21.47 -0.72
C LYS D 135 29.16 -22.86 -1.32
N SER D 136 29.18 -22.91 -2.64
CA SER D 136 29.04 -24.16 -3.37
C SER D 136 30.21 -25.10 -3.09
N TRP D 137 29.91 -26.36 -2.79
CA TRP D 137 30.93 -27.33 -2.46
C TRP D 137 31.23 -28.31 -3.59
N ARG D 138 30.46 -28.29 -4.67
CA ARG D 138 30.76 -29.05 -5.87
C ARG D 138 30.98 -28.20 -7.10
N ASN D 139 30.61 -26.91 -7.04
CA ASN D 139 30.80 -25.95 -8.13
C ASN D 139 30.02 -26.34 -9.39
N ASN D 140 28.89 -27.01 -9.22
CA ASN D 140 27.98 -27.32 -10.33
C ASN D 140 26.56 -26.98 -9.87
N ILE D 141 26.20 -25.70 -9.98
CA ILE D 141 24.85 -25.17 -9.78
C ILE D 141 24.31 -25.54 -8.40
N LEU D 142 24.74 -24.80 -7.38
CA LEU D 142 24.18 -24.95 -6.05
C LEU D 142 22.73 -24.50 -6.06
N ARG D 143 21.84 -25.35 -5.53
CA ARG D 143 20.41 -25.11 -5.70
C ARG D 143 19.65 -25.65 -4.50
N THR D 144 18.43 -25.17 -4.33
CA THR D 144 17.66 -25.46 -3.12
C THR D 144 16.20 -25.73 -3.51
N GLN D 145 15.31 -25.66 -2.51
CA GLN D 145 14.00 -26.30 -2.56
C GLN D 145 13.07 -25.73 -3.64
N GLU D 146 13.10 -24.40 -3.83
CA GLU D 146 12.02 -23.65 -4.47
C GLU D 146 10.67 -23.93 -3.80
N SER D 147 10.70 -24.08 -2.48
CA SER D 147 9.50 -24.23 -1.67
C SER D 147 9.87 -23.87 -0.25
N GLU D 148 8.87 -23.88 0.64
CA GLU D 148 9.13 -23.42 2.00
C GLU D 148 9.99 -24.42 2.77
N CYS D 149 10.95 -23.88 3.52
CA CYS D 149 11.65 -24.70 4.48
C CYS D 149 10.71 -25.07 5.62
N ALA D 150 11.10 -26.07 6.40
CA ALA D 150 10.30 -26.55 7.50
C ALA D 150 10.93 -26.12 8.81
N CYS D 151 10.14 -25.53 9.71
CA CYS D 151 10.64 -25.06 10.99
C CYS D 151 10.03 -25.85 12.13
N VAL D 152 10.90 -26.38 12.99
CA VAL D 152 10.50 -27.08 14.20
C VAL D 152 11.24 -26.45 15.37
N ASN D 153 10.49 -25.87 16.32
CA ASN D 153 11.01 -25.38 17.60
C ASN D 153 12.16 -24.39 17.42
N GLY D 154 11.94 -23.37 16.59
CA GLY D 154 12.94 -22.36 16.38
C GLY D 154 14.11 -22.76 15.53
N SER D 155 14.07 -23.95 14.92
CA SER D 155 15.07 -24.38 13.96
C SER D 155 14.37 -24.65 12.64
N CYS D 156 14.90 -24.08 11.56
CA CYS D 156 14.36 -24.29 10.22
C CYS D 156 15.32 -25.14 9.42
N PHE D 157 14.77 -25.99 8.57
CA PHE D 157 15.53 -27.04 7.91
C PHE D 157 15.31 -26.97 6.40
N THR D 158 16.37 -27.26 5.65
CA THR D 158 16.30 -27.24 4.20
C THR D 158 17.27 -28.29 3.65
N VAL D 159 17.10 -28.58 2.37
CA VAL D 159 17.94 -29.52 1.63
C VAL D 159 18.51 -28.79 0.43
N MET D 160 19.82 -28.88 0.25
CA MET D 160 20.47 -28.28 -0.89
C MET D 160 21.25 -29.32 -1.69
N THR D 161 21.33 -29.09 -2.99
CA THR D 161 21.89 -30.02 -3.95
C THR D 161 22.99 -29.29 -4.72
N ASP D 162 24.14 -29.93 -4.86
CA ASP D 162 25.22 -29.45 -5.70
C ASP D 162 25.76 -30.61 -6.51
N GLY D 163 25.97 -30.39 -7.82
CA GLY D 163 26.38 -31.44 -8.71
C GLY D 163 25.49 -31.53 -9.94
N PRO D 164 25.70 -32.54 -10.78
CA PRO D 164 24.94 -32.63 -12.03
C PRO D 164 23.47 -32.96 -11.81
N SER D 165 22.63 -32.44 -12.69
CA SER D 165 21.20 -32.73 -12.65
C SER D 165 20.82 -33.94 -13.48
N ASN D 166 21.75 -34.51 -14.26
CA ASN D 166 21.48 -35.71 -15.03
C ASN D 166 22.29 -36.90 -14.53
N GLY D 167 22.83 -36.81 -13.33
CA GLY D 167 23.64 -37.87 -12.77
C GLY D 167 23.74 -37.72 -11.27
N GLN D 168 24.70 -38.45 -10.69
CA GLN D 168 24.88 -38.43 -9.24
C GLN D 168 25.40 -37.08 -8.78
N ALA D 169 24.71 -36.48 -7.82
CA ALA D 169 25.05 -35.18 -7.26
C ALA D 169 25.28 -35.33 -5.75
N SER D 170 25.41 -34.20 -5.07
CA SER D 170 25.67 -34.16 -3.64
C SER D 170 24.56 -33.39 -2.94
N TYR D 171 24.04 -33.96 -1.86
CA TYR D 171 22.85 -33.45 -1.19
C TYR D 171 23.16 -33.21 0.28
N LYS D 172 22.81 -32.03 0.78
CA LYS D 172 23.12 -31.62 2.14
C LYS D 172 21.86 -31.16 2.86
N ILE D 173 21.73 -31.56 4.12
CA ILE D 173 20.63 -31.13 4.98
C ILE D 173 21.17 -30.10 5.95
N PHE D 174 20.43 -29.01 6.13
CA PHE D 174 20.85 -27.91 6.99
C PHE D 174 19.88 -27.74 8.15
N ARG D 175 20.42 -27.41 9.30
CA ARG D 175 19.66 -26.88 10.42
C ARG D 175 20.03 -25.42 10.60
N ILE D 176 19.03 -24.55 10.67
CA ILE D 176 19.24 -23.10 10.69
C ILE D 176 18.47 -22.52 11.86
N GLU D 177 19.18 -21.84 12.76
CA GLU D 177 18.59 -21.18 13.91
C GLU D 177 18.85 -19.69 13.81
N LYS D 178 17.77 -18.91 13.71
CA LYS D 178 17.83 -17.45 13.59
C LYS D 178 18.72 -17.00 12.43
N GLY D 179 18.61 -17.70 11.30
CA GLY D 179 19.39 -17.37 10.12
C GLY D 179 20.81 -17.89 10.11
N LYS D 180 21.23 -18.62 11.15
CA LYS D 180 22.60 -19.12 11.26
C LYS D 180 22.61 -20.63 11.11
N ILE D 181 23.51 -21.15 10.28
CA ILE D 181 23.65 -22.59 10.15
C ILE D 181 24.34 -23.14 11.38
N VAL D 182 23.65 -23.98 12.13
CA VAL D 182 24.24 -24.60 13.30
C VAL D 182 24.63 -26.06 13.06
N LYS D 183 24.06 -26.71 12.06
CA LYS D 183 24.49 -28.06 11.69
C LYS D 183 24.13 -28.33 10.24
N SER D 184 25.08 -28.88 9.51
CA SER D 184 24.86 -29.39 8.18
C SER D 184 25.41 -30.81 8.11
N VAL D 185 24.72 -31.67 7.36
CA VAL D 185 25.12 -33.06 7.16
C VAL D 185 24.98 -33.34 5.67
N GLU D 186 25.92 -34.11 5.12
CA GLU D 186 25.82 -34.55 3.74
C GLU D 186 25.17 -35.93 3.70
N MET D 187 24.18 -36.07 2.82
CA MET D 187 23.44 -37.32 2.68
C MET D 187 24.23 -38.32 1.87
N ASN D 188 24.58 -39.46 2.47
CA ASN D 188 25.21 -40.55 1.73
C ASN D 188 24.11 -41.31 0.99
N ALA D 189 23.90 -40.98 -0.27
CA ALA D 189 22.78 -41.52 -1.03
C ALA D 189 23.23 -41.89 -2.44
N PRO D 190 23.97 -43.00 -2.59
CA PRO D 190 24.34 -43.45 -3.94
C PRO D 190 23.15 -44.00 -4.68
N ASN D 191 23.13 -43.76 -5.99
CA ASN D 191 22.08 -44.08 -6.95
C ASN D 191 20.80 -43.26 -6.71
N TYR D 192 20.79 -42.37 -5.72
CA TYR D 192 19.67 -41.48 -5.46
C TYR D 192 19.93 -40.14 -6.13
N HIS D 193 18.86 -39.38 -6.34
CA HIS D 193 19.00 -38.04 -6.89
C HIS D 193 17.90 -37.18 -6.28
N TYR D 194 18.31 -36.11 -5.60
CA TYR D 194 17.39 -35.22 -4.89
C TYR D 194 17.47 -33.84 -5.52
N GLU D 195 16.32 -33.32 -5.96
CA GLU D 195 16.23 -31.98 -6.52
C GLU D 195 14.94 -31.34 -6.03
N GLU D 196 15.03 -30.08 -5.60
CA GLU D 196 13.87 -29.22 -5.33
C GLU D 196 12.89 -29.88 -4.36
N CYS D 197 13.39 -30.15 -3.16
CA CYS D 197 12.63 -30.92 -2.18
C CYS D 197 11.48 -30.12 -1.60
N SER D 198 10.34 -30.77 -1.44
CA SER D 198 9.22 -30.22 -0.68
C SER D 198 9.25 -30.85 0.71
N CYS D 199 9.53 -30.02 1.72
CA CYS D 199 9.76 -30.48 3.08
C CYS D 199 8.65 -29.95 4.00
N TYR D 200 8.22 -30.79 4.93
CA TYR D 200 7.19 -30.38 5.89
C TYR D 200 7.51 -30.92 7.27
N PRO D 201 7.16 -30.19 8.33
CA PRO D 201 7.31 -30.73 9.68
C PRO D 201 6.18 -31.68 10.03
N ASP D 202 6.50 -32.67 10.85
CA ASP D 202 5.51 -33.67 11.29
C ASP D 202 6.01 -34.30 12.60
N SER D 203 5.43 -33.86 13.71
CA SER D 203 5.73 -34.35 15.06
C SER D 203 7.23 -34.35 15.35
N SER D 204 7.80 -33.14 15.32
CA SER D 204 9.20 -32.78 15.58
C SER D 204 10.17 -33.33 14.55
N GLU D 205 9.70 -34.02 13.51
CA GLU D 205 10.56 -34.54 12.46
C GLU D 205 10.19 -33.88 11.13
N ILE D 206 11.15 -33.89 10.21
CA ILE D 206 10.97 -33.31 8.88
C ILE D 206 10.89 -34.43 7.86
N THR D 207 9.98 -34.30 6.89
CA THR D 207 9.90 -35.20 5.75
C THR D 207 9.96 -34.39 4.47
N CYS D 208 10.91 -34.73 3.59
CA CYS D 208 11.06 -34.10 2.29
C CYS D 208 10.77 -35.10 1.19
N VAL D 209 10.02 -34.67 0.17
CA VAL D 209 9.77 -35.45 -1.03
C VAL D 209 10.30 -34.67 -2.22
N CYS D 210 11.17 -35.29 -3.00
CA CYS D 210 11.95 -34.54 -3.97
C CYS D 210 11.84 -35.05 -5.39
N ARG D 211 12.64 -34.49 -6.30
CA ARG D 211 12.61 -34.79 -7.72
C ARG D 211 13.87 -35.55 -8.08
N ASP D 212 13.71 -36.76 -8.60
CA ASP D 212 14.81 -37.51 -9.19
C ASP D 212 14.85 -37.13 -10.66
N ASN D 213 15.75 -36.20 -11.00
CA ASN D 213 15.97 -35.81 -12.38
C ASN D 213 16.89 -36.77 -13.12
N TRP D 214 17.57 -37.68 -12.41
CA TRP D 214 18.55 -38.56 -13.06
C TRP D 214 17.89 -39.77 -13.71
N HIS D 215 17.35 -40.67 -12.89
CA HIS D 215 16.82 -41.94 -13.39
C HIS D 215 15.60 -42.41 -12.64
N GLY D 216 14.83 -41.50 -12.06
CA GLY D 216 13.72 -41.92 -11.24
C GLY D 216 12.42 -41.27 -11.63
N SER D 217 11.42 -42.09 -11.91
CA SER D 217 10.08 -41.60 -12.19
C SER D 217 9.16 -41.68 -10.98
N ASN D 218 9.54 -42.42 -9.95
CA ASN D 218 8.94 -42.23 -8.65
C ASN D 218 9.73 -41.14 -7.92
N ARG D 219 9.27 -40.75 -6.73
CA ARG D 219 9.88 -39.63 -6.05
C ARG D 219 10.72 -40.10 -4.86
N PRO D 220 11.97 -39.65 -4.77
CA PRO D 220 12.76 -39.94 -3.58
C PRO D 220 12.30 -39.15 -2.38
N TRP D 221 12.63 -39.64 -1.20
CA TRP D 221 12.31 -38.93 0.03
C TRP D 221 13.45 -39.06 1.02
N VAL D 222 13.56 -38.07 1.89
CA VAL D 222 14.49 -38.08 3.01
C VAL D 222 13.76 -37.54 4.22
N SER D 223 13.84 -38.25 5.34
CA SER D 223 13.29 -37.78 6.59
C SER D 223 14.38 -37.73 7.64
N PHE D 224 14.30 -36.77 8.55
CA PHE D 224 15.35 -36.59 9.53
C PHE D 224 14.76 -35.90 10.76
N ASN D 225 15.44 -36.09 11.89
CA ASN D 225 15.09 -35.42 13.13
C ASN D 225 15.86 -34.10 13.23
N GLN D 226 15.69 -33.41 14.35
CA GLN D 226 16.31 -32.11 14.55
C GLN D 226 17.83 -32.20 14.65
N ASN D 227 18.39 -33.36 14.94
CA ASN D 227 19.83 -33.56 14.93
C ASN D 227 20.33 -34.09 13.59
N LEU D 228 19.47 -34.06 12.57
CA LEU D 228 19.80 -34.42 11.19
C LEU D 228 20.28 -35.86 11.06
N GLU D 229 19.76 -36.76 11.88
CA GLU D 229 19.91 -38.19 11.62
C GLU D 229 18.84 -38.59 10.61
N TYR D 230 19.26 -39.00 9.42
CA TYR D 230 18.36 -39.09 8.29
C TYR D 230 18.10 -40.53 7.88
N GLN D 231 16.96 -40.72 7.24
CA GLN D 231 16.63 -41.94 6.52
C GLN D 231 16.23 -41.57 5.09
N ILE D 232 16.50 -42.46 4.15
CA ILE D 232 16.22 -42.21 2.75
C ILE D 232 15.49 -43.39 2.14
N GLY D 233 14.84 -43.13 1.02
CA GLY D 233 14.10 -44.15 0.31
C GLY D 233 13.39 -43.54 -0.87
N TYR D 234 12.66 -44.40 -1.58
CA TYR D 234 11.79 -43.97 -2.67
C TYR D 234 10.35 -44.35 -2.34
N ILE D 235 9.42 -43.54 -2.82
CA ILE D 235 8.00 -43.78 -2.62
C ILE D 235 7.61 -45.01 -3.42
N CYS D 236 7.21 -46.08 -2.73
CA CYS D 236 7.12 -47.38 -3.36
C CYS D 236 5.89 -47.55 -4.24
N SER D 237 4.93 -46.63 -4.19
CA SER D 237 3.68 -46.79 -4.92
C SER D 237 3.90 -46.89 -6.41
N GLY D 238 3.16 -47.79 -7.04
CA GLY D 238 3.10 -47.87 -8.49
C GLY D 238 2.37 -46.73 -9.14
N ILE D 239 1.67 -45.92 -8.35
CA ILE D 239 1.21 -44.60 -8.78
C ILE D 239 2.43 -43.68 -8.75
N PHE D 240 3.08 -43.49 -9.89
CA PHE D 240 4.29 -42.68 -9.95
C PHE D 240 3.96 -41.20 -9.90
N GLY D 241 4.82 -40.45 -9.21
CA GLY D 241 4.56 -39.04 -8.97
C GLY D 241 5.24 -38.07 -9.91
N ASP D 242 6.40 -38.44 -10.48
CA ASP D 242 7.13 -37.50 -11.30
C ASP D 242 6.48 -37.35 -12.67
N ASN D 243 6.94 -36.35 -13.42
CA ASN D 243 6.56 -36.10 -14.80
C ASN D 243 7.80 -35.61 -15.53
N PRO D 244 8.30 -36.33 -16.56
CA PRO D 244 7.71 -37.48 -17.27
C PRO D 244 7.71 -38.79 -16.47
N ARG D 245 6.81 -39.71 -16.81
CA ARG D 245 6.65 -40.95 -16.05
C ARG D 245 6.01 -41.98 -16.97
N PRO D 246 6.14 -43.26 -16.67
CA PRO D 246 5.41 -44.29 -17.41
C PRO D 246 3.97 -44.35 -16.93
N ASN D 247 3.18 -45.18 -17.61
CA ASN D 247 1.84 -45.47 -17.12
C ASN D 247 1.94 -46.32 -15.86
N ASP D 248 0.90 -46.22 -15.01
CA ASP D 248 0.92 -46.84 -13.70
C ASP D 248 1.08 -48.36 -13.81
N LYS D 249 1.99 -48.90 -13.02
CA LYS D 249 2.37 -50.31 -13.05
C LYS D 249 2.77 -50.70 -11.63
N THR D 250 3.49 -51.81 -11.50
CA THR D 250 4.08 -52.16 -10.21
C THR D 250 5.25 -51.23 -9.91
N GLY D 251 5.27 -50.64 -8.71
CA GLY D 251 6.32 -49.73 -8.32
C GLY D 251 7.50 -50.43 -7.69
N SER D 252 8.35 -49.63 -7.07
CA SER D 252 9.51 -50.13 -6.34
C SER D 252 9.96 -49.07 -5.35
N CYS D 253 10.71 -49.51 -4.34
CA CYS D 253 11.28 -48.63 -3.34
C CYS D 253 12.69 -48.17 -3.72
N GLY D 254 13.12 -48.53 -4.93
CA GLY D 254 14.28 -47.95 -5.53
C GLY D 254 13.85 -47.01 -6.63
N PRO D 255 14.81 -46.36 -7.29
CA PRO D 255 14.46 -45.46 -8.40
C PRO D 255 13.97 -46.24 -9.60
N VAL D 256 12.79 -45.88 -10.10
CA VAL D 256 12.20 -46.57 -11.24
C VAL D 256 12.77 -45.95 -12.51
N SER D 257 13.41 -46.77 -13.34
CA SER D 257 14.21 -46.26 -14.45
C SER D 257 13.35 -45.73 -15.59
N SER D 258 12.20 -46.36 -15.86
CA SER D 258 11.40 -46.04 -17.03
C SER D 258 10.91 -44.60 -16.98
N ASN D 259 11.23 -43.85 -18.04
CA ASN D 259 10.96 -42.40 -18.14
C ASN D 259 11.52 -41.64 -16.94
N GLY D 260 12.65 -42.12 -16.41
CA GLY D 260 13.21 -41.59 -15.18
C GLY D 260 13.99 -40.31 -15.35
N ALA D 261 14.51 -40.06 -16.55
CA ALA D 261 15.26 -38.83 -16.81
C ALA D 261 14.34 -37.62 -16.74
N ASN D 262 14.93 -36.49 -16.37
CA ASN D 262 14.23 -35.22 -16.15
C ASN D 262 13.13 -35.38 -15.09
N GLY D 263 12.21 -34.43 -15.02
CA GLY D 263 11.22 -34.47 -13.97
C GLY D 263 10.59 -33.12 -13.73
N VAL D 264 9.88 -33.03 -12.62
CA VAL D 264 9.20 -31.81 -12.21
C VAL D 264 9.20 -31.77 -10.69
N LYS D 265 9.28 -30.55 -10.15
CA LYS D 265 9.23 -30.41 -8.71
C LYS D 265 7.85 -30.81 -8.21
N GLY D 266 7.81 -31.70 -7.23
CA GLY D 266 6.57 -32.19 -6.68
C GLY D 266 6.59 -32.33 -5.18
N PHE D 267 5.61 -33.05 -4.64
CA PHE D 267 5.47 -33.22 -3.20
C PHE D 267 4.67 -34.49 -2.94
N SER D 268 4.69 -34.92 -1.69
CA SER D 268 3.80 -35.97 -1.20
C SER D 268 3.70 -35.81 0.31
N PHE D 269 2.64 -36.36 0.87
CA PHE D 269 2.37 -36.31 2.31
C PHE D 269 2.28 -37.73 2.84
N LYS D 270 3.19 -38.10 3.73
CA LYS D 270 3.20 -39.44 4.29
C LYS D 270 2.26 -39.51 5.49
N TYR D 271 1.36 -40.50 5.47
CA TYR D 271 0.41 -40.73 6.56
C TYR D 271 0.57 -42.19 7.01
N GLY D 272 1.52 -42.44 7.90
CA GLY D 272 1.83 -43.79 8.31
C GLY D 272 2.41 -44.62 7.17
N ASN D 273 1.63 -45.55 6.65
CA ASN D 273 1.98 -46.25 5.43
C ASN D 273 1.29 -45.66 4.20
N GLY D 274 0.29 -44.82 4.39
CA GLY D 274 -0.36 -44.17 3.29
C GLY D 274 0.42 -42.98 2.78
N VAL D 275 -0.03 -42.44 1.65
CA VAL D 275 0.58 -41.25 1.08
C VAL D 275 -0.45 -40.55 0.22
N TRP D 276 -0.52 -39.22 0.36
CA TRP D 276 -1.24 -38.37 -0.56
C TRP D 276 -0.28 -37.93 -1.66
N ILE D 277 -0.58 -38.25 -2.90
CA ILE D 277 0.31 -37.99 -4.03
C ILE D 277 -0.31 -36.92 -4.91
N GLY D 278 0.40 -35.80 -5.05
CA GLY D 278 0.07 -34.81 -6.05
C GLY D 278 0.92 -35.04 -7.29
N ARG D 279 0.27 -35.05 -8.45
CA ARG D 279 0.97 -35.34 -9.69
C ARG D 279 0.19 -34.78 -10.86
N THR D 280 0.89 -34.61 -11.97
CA THR D 280 0.28 -34.26 -13.23
C THR D 280 -0.64 -35.38 -13.71
N LYS D 281 -1.67 -35.01 -14.46
CA LYS D 281 -2.51 -36.02 -15.11
C LYS D 281 -1.79 -36.66 -16.27
N SER D 282 -1.17 -35.86 -17.13
CA SER D 282 -0.42 -36.37 -18.25
C SER D 282 0.88 -37.02 -17.78
N ILE D 283 1.23 -38.15 -18.38
CA ILE D 283 2.47 -38.83 -18.05
C ILE D 283 3.65 -38.33 -18.86
N SER D 284 3.42 -37.50 -19.87
CA SER D 284 4.47 -37.02 -20.75
C SER D 284 4.77 -35.54 -20.59
N SER D 285 3.76 -34.71 -20.36
CA SER D 285 3.95 -33.28 -20.23
C SER D 285 3.37 -32.80 -18.91
N ARG D 286 3.64 -31.55 -18.59
CA ARG D 286 3.19 -30.95 -17.33
C ARG D 286 1.78 -30.38 -17.53
N ASN D 287 0.84 -31.30 -17.73
CA ASN D 287 -0.54 -30.98 -18.03
C ASN D 287 -1.43 -31.60 -16.96
N GLY D 288 -2.33 -30.78 -16.41
CA GLY D 288 -3.27 -31.25 -15.42
C GLY D 288 -2.62 -31.47 -14.06
N PHE D 289 -3.47 -31.66 -13.07
CA PHE D 289 -2.99 -32.02 -11.74
C PHE D 289 -4.08 -32.77 -11.00
N GLU D 290 -3.67 -33.76 -10.20
CA GLU D 290 -4.59 -34.53 -9.38
C GLU D 290 -3.93 -34.91 -8.06
N MET D 291 -4.77 -35.12 -7.04
CA MET D 291 -4.32 -35.62 -5.75
C MET D 291 -4.87 -37.02 -5.54
N ILE D 292 -3.98 -37.96 -5.25
CA ILE D 292 -4.32 -39.37 -5.15
C ILE D 292 -4.00 -39.87 -3.75
N TRP D 293 -4.96 -40.51 -3.10
CA TRP D 293 -4.75 -41.11 -1.79
C TRP D 293 -4.49 -42.60 -1.97
N ASP D 294 -3.30 -43.02 -1.60
CA ASP D 294 -2.91 -44.42 -1.64
C ASP D 294 -2.69 -44.88 -0.21
N PRO D 295 -3.59 -45.71 0.35
CA PRO D 295 -3.48 -46.09 1.77
C PRO D 295 -2.25 -46.91 2.12
N ASN D 296 -1.54 -47.48 1.14
CA ASN D 296 -0.31 -48.23 1.43
C ASN D 296 0.83 -47.80 0.52
N GLY D 297 0.70 -46.66 -0.16
CA GLY D 297 1.60 -46.30 -1.24
C GLY D 297 3.01 -45.91 -0.82
N TRP D 298 3.21 -45.55 0.45
CA TRP D 298 4.56 -45.19 0.88
C TRP D 298 5.47 -46.40 0.89
N THR D 299 4.93 -47.58 1.22
CA THR D 299 5.72 -48.79 1.31
C THR D 299 5.32 -49.88 0.32
N GLY D 300 4.08 -49.89 -0.16
CA GLY D 300 3.60 -50.97 -1.01
C GLY D 300 3.71 -50.65 -2.49
N THR D 301 4.05 -51.67 -3.28
CA THR D 301 4.42 -51.48 -4.68
C THR D 301 3.24 -51.45 -5.64
N ASP D 302 2.02 -51.71 -5.17
CA ASP D 302 0.91 -51.87 -6.09
C ASP D 302 0.43 -50.51 -6.61
N ASN D 303 -0.43 -50.57 -7.63
CA ASN D 303 -0.97 -49.40 -8.29
C ASN D 303 -2.44 -49.19 -8.00
N ASN D 304 -2.89 -49.60 -6.81
CA ASN D 304 -4.27 -49.42 -6.38
C ASN D 304 -4.34 -48.31 -5.35
N PHE D 305 -5.26 -47.37 -5.55
CA PHE D 305 -5.50 -46.25 -4.67
C PHE D 305 -6.96 -46.25 -4.27
N SER D 306 -7.37 -45.26 -3.47
CA SER D 306 -8.76 -45.23 -3.05
C SER D 306 -9.46 -43.89 -3.34
N ILE D 307 -8.73 -42.78 -3.31
CA ILE D 307 -9.32 -41.47 -3.59
C ILE D 307 -8.49 -40.77 -4.65
N LYS D 308 -9.17 -40.21 -5.65
CA LYS D 308 -8.54 -39.32 -6.62
C LYS D 308 -9.36 -38.06 -6.74
N GLN D 309 -8.73 -36.91 -6.48
CA GLN D 309 -9.37 -35.61 -6.64
C GLN D 309 -8.66 -34.85 -7.75
N ASP D 310 -9.45 -34.31 -8.68
CA ASP D 310 -8.90 -33.53 -9.78
C ASP D 310 -8.66 -32.09 -9.33
N ILE D 311 -7.55 -31.53 -9.76
CA ILE D 311 -7.15 -30.18 -9.42
C ILE D 311 -7.10 -29.28 -10.65
N VAL D 312 -6.36 -29.71 -11.67
CA VAL D 312 -6.25 -28.99 -12.94
C VAL D 312 -6.63 -29.96 -14.05
N GLY D 313 -7.42 -29.48 -15.01
CA GLY D 313 -7.83 -30.34 -16.11
C GLY D 313 -6.66 -30.73 -17.00
N ILE D 314 -6.77 -31.93 -17.58
CA ILE D 314 -5.69 -32.53 -18.36
C ILE D 314 -5.31 -31.72 -19.60
N ASN D 315 -6.22 -30.90 -20.11
CA ASN D 315 -5.90 -30.05 -21.24
C ASN D 315 -5.37 -28.69 -20.82
N GLU D 316 -5.20 -28.46 -19.52
CA GLU D 316 -4.68 -27.20 -19.02
C GLU D 316 -3.25 -27.38 -18.55
N TRP D 317 -2.47 -26.32 -18.66
CA TRP D 317 -1.07 -26.40 -18.27
C TRP D 317 -0.93 -26.35 -16.75
N SER D 318 0.01 -27.15 -16.26
CA SER D 318 0.35 -27.18 -14.84
C SER D 318 1.86 -26.96 -14.79
N GLY D 319 2.46 -27.25 -13.66
CA GLY D 319 3.90 -27.09 -13.57
C GLY D 319 4.46 -27.64 -12.28
N TYR D 320 5.31 -26.84 -11.65
CA TYR D 320 5.83 -27.15 -10.33
C TYR D 320 4.69 -27.25 -9.31
N SER D 321 4.82 -28.17 -8.38
CA SER D 321 3.93 -28.23 -7.23
C SER D 321 4.76 -28.45 -5.97
N GLY D 322 4.33 -27.82 -4.88
CA GLY D 322 5.04 -27.98 -3.63
C GLY D 322 4.08 -27.94 -2.47
N SER D 323 4.60 -28.34 -1.32
CA SER D 323 3.82 -28.44 -0.10
C SER D 323 4.11 -27.28 0.82
N PHE D 324 3.11 -26.89 1.61
CA PHE D 324 3.33 -25.98 2.71
C PHE D 324 2.36 -26.35 3.82
N VAL D 325 2.63 -25.84 5.02
CA VAL D 325 1.85 -26.26 6.17
C VAL D 325 1.32 -25.03 6.89
N MET D 326 0.23 -25.23 7.59
CA MET D 326 -0.30 -24.26 8.54
C MET D 326 -0.19 -24.83 9.94
N HIS D 327 0.66 -24.21 10.75
CA HIS D 327 0.94 -24.65 12.09
C HIS D 327 -0.25 -24.33 13.02
N PRO D 328 -0.37 -25.05 14.15
CA PRO D 328 -1.46 -24.75 15.10
C PRO D 328 -1.45 -23.32 15.64
N GLU D 329 -0.28 -22.67 15.67
CA GLU D 329 -0.20 -21.28 16.13
C GLU D 329 -0.88 -20.31 15.17
N LEU D 330 -1.16 -20.72 13.94
CA LEU D 330 -1.91 -19.90 12.99
C LEU D 330 -3.38 -20.28 12.91
N THR D 331 -3.69 -21.58 12.96
CA THR D 331 -5.06 -22.04 12.82
C THR D 331 -5.79 -22.21 14.15
N GLY D 332 -5.08 -22.38 15.25
CA GLY D 332 -5.72 -22.70 16.51
C GLY D 332 -6.13 -24.14 16.66
N LEU D 333 -5.74 -25.01 15.74
CA LEU D 333 -6.10 -26.42 15.80
C LEU D 333 -5.08 -27.18 16.65
N ASP D 334 -5.30 -28.49 16.77
CA ASP D 334 -4.39 -29.37 17.48
C ASP D 334 -3.46 -30.12 16.54
N CYS D 335 -3.53 -29.87 15.23
CA CYS D 335 -2.78 -30.61 14.22
C CYS D 335 -2.14 -29.61 13.27
N ILE D 336 -1.17 -30.11 12.49
CA ILE D 336 -0.57 -29.32 11.42
C ILE D 336 -1.32 -29.60 10.14
N VAL D 337 -1.87 -28.55 9.53
CA VAL D 337 -2.68 -28.72 8.33
C VAL D 337 -1.79 -28.80 7.10
N PRO D 338 -1.89 -29.86 6.30
CA PRO D 338 -1.10 -29.93 5.05
C PRO D 338 -1.77 -29.16 3.94
N CYS D 339 -0.94 -28.45 3.17
CA CYS D 339 -1.44 -27.63 2.08
C CYS D 339 -0.46 -27.72 0.93
N PHE D 340 -0.93 -27.39 -0.26
CA PHE D 340 -0.03 -27.43 -1.40
C PHE D 340 -0.42 -26.37 -2.40
N TRP D 341 0.56 -25.98 -3.21
CA TRP D 341 0.38 -25.06 -4.30
C TRP D 341 0.74 -25.74 -5.61
N VAL D 342 0.17 -25.23 -6.70
CA VAL D 342 0.51 -25.67 -8.05
C VAL D 342 0.80 -24.44 -8.89
N GLU D 343 1.90 -24.47 -9.63
CA GLU D 343 2.23 -23.39 -10.56
C GLU D 343 1.65 -23.74 -11.93
N LEU D 344 0.92 -22.80 -12.52
CA LEU D 344 0.34 -22.97 -13.85
C LEU D 344 1.20 -22.17 -14.83
N ILE D 345 1.97 -22.87 -15.66
CA ILE D 345 3.00 -22.24 -16.48
C ILE D 345 2.43 -21.88 -17.84
N ARG D 346 2.66 -20.64 -18.27
CA ARG D 346 2.17 -20.16 -19.55
C ARG D 346 3.33 -19.66 -20.41
N GLY D 347 3.11 -19.70 -21.73
CA GLY D 347 4.12 -19.29 -22.68
C GLY D 347 5.05 -20.44 -23.04
N TRP D 355 7.84 -14.87 -23.68
CA TRP D 355 8.13 -15.02 -22.27
C TRP D 355 7.62 -16.36 -21.74
N THR D 356 8.16 -16.75 -20.57
CA THR D 356 7.62 -17.85 -19.78
C THR D 356 7.24 -17.29 -18.42
N SER D 357 5.99 -17.50 -18.02
CA SER D 357 5.52 -16.98 -16.74
C SER D 357 4.50 -17.93 -16.16
N GLY D 358 4.23 -17.75 -14.87
CA GLY D 358 3.31 -18.64 -14.19
C GLY D 358 2.42 -17.99 -13.17
N SER D 359 1.19 -18.48 -13.07
CA SER D 359 0.30 -18.16 -11.98
C SER D 359 0.30 -19.31 -10.98
N SER D 360 -0.50 -19.17 -9.92
CA SER D 360 -0.47 -20.16 -8.86
C SER D 360 -1.87 -20.38 -8.29
N ILE D 361 -2.15 -21.64 -7.93
CA ILE D 361 -3.33 -22.00 -7.15
C ILE D 361 -2.86 -22.77 -5.93
N SER D 362 -3.66 -22.75 -4.88
CA SER D 362 -3.27 -23.38 -3.64
C SER D 362 -4.45 -24.04 -2.97
N PHE D 363 -4.19 -25.16 -2.31
CA PHE D 363 -5.21 -25.98 -1.70
C PHE D 363 -4.77 -26.35 -0.29
N CYS D 364 -5.75 -26.57 0.58
CA CYS D 364 -5.46 -27.02 1.93
C CYS D 364 -6.29 -28.26 2.24
N GLY D 365 -5.69 -29.17 3.00
CA GLY D 365 -6.37 -30.40 3.36
C GLY D 365 -7.43 -30.17 4.42
N VAL D 366 -8.59 -30.79 4.21
CA VAL D 366 -9.70 -30.73 5.15
C VAL D 366 -10.28 -32.13 5.27
N ASN D 367 -11.03 -32.34 6.33
CA ASN D 367 -11.80 -33.57 6.50
C ASN D 367 -13.27 -33.38 6.17
N SER D 368 -13.66 -32.21 5.69
CA SER D 368 -15.03 -31.94 5.31
C SER D 368 -15.21 -32.27 3.84
N ASP D 369 -16.38 -31.95 3.29
CA ASP D 369 -16.70 -32.33 1.92
C ASP D 369 -15.99 -31.42 0.92
N THR D 370 -15.44 -32.03 -0.13
CA THR D 370 -14.74 -31.32 -1.18
C THR D 370 -15.34 -31.68 -2.53
N VAL D 371 -14.91 -30.96 -3.56
CA VAL D 371 -15.22 -31.32 -4.93
C VAL D 371 -13.96 -31.15 -5.76
N GLY D 372 -13.88 -31.90 -6.85
CA GLY D 372 -12.87 -31.68 -7.84
C GLY D 372 -13.39 -30.75 -8.94
N TRP D 373 -12.47 -30.01 -9.54
CA TRP D 373 -12.78 -29.16 -10.68
C TRP D 373 -11.49 -28.92 -11.45
N SER D 374 -11.51 -27.93 -12.33
CA SER D 374 -10.31 -27.39 -12.95
C SER D 374 -10.26 -25.91 -12.62
N TRP D 375 -9.15 -25.47 -12.02
CA TRP D 375 -8.90 -24.05 -11.76
C TRP D 375 -7.64 -23.66 -12.53
N PRO D 376 -7.73 -23.52 -13.85
CA PRO D 376 -6.53 -23.28 -14.66
C PRO D 376 -6.18 -21.79 -14.67
N ASP D 377 -5.06 -21.48 -15.34
CA ASP D 377 -4.58 -20.10 -15.39
C ASP D 377 -5.54 -19.19 -16.14
N GLY D 378 -6.05 -19.65 -17.28
CA GLY D 378 -7.12 -18.97 -17.98
C GLY D 378 -6.74 -17.81 -18.87
N ALA D 379 -5.45 -17.48 -18.99
CA ALA D 379 -5.06 -16.40 -19.88
C ALA D 379 -5.13 -16.85 -21.33
N GLU D 380 -5.70 -15.99 -22.17
CA GLU D 380 -5.87 -16.24 -23.60
C GLU D 380 -4.62 -15.76 -24.32
N LEU D 381 -3.70 -16.67 -24.59
CA LEU D 381 -2.44 -16.33 -25.27
C LEU D 381 -2.56 -16.54 -26.77
#